data_7K3S
#
_entry.id   7K3S
#
loop_
_entity.id
_entity.type
_entity.pdbx_description
1 polymer 'Breast cancer type 1 susceptibility protein homolog'
2 polymer 'Partner and localizer of BRCA2'
#
loop_
_entity_poly.entity_id
_entity_poly.type
_entity_poly.pdbx_seq_one_letter_code
_entity_poly.pdbx_strand_id
1 'polypeptide(L)' MNLSEDCSQSDILTTQQRATMKYNLIKLQQEMAHLEAVLEQRGNQPSGHSPSLEHHHHHH A
2 'polypeptide(L)' MEELSGKPLSYAEKEKLKEKLAFLKKEYSRTLARLQRAKRAEKAKNSKKAIEDGVPQPEALEHHHHHH B
#
# COMPACT_ATOMS: atom_id res chain seq x y z
N MET A 1 26.85 -0.26 13.35
CA MET A 1 28.15 -0.86 12.98
C MET A 1 29.15 0.24 12.55
N ASN A 2 29.94 0.73 13.53
CA ASN A 2 31.01 1.74 13.35
C ASN A 2 30.44 3.09 12.86
N LEU A 3 30.19 3.17 11.54
CA LEU A 3 29.68 4.39 10.87
C LEU A 3 28.25 4.73 11.35
N SER A 4 27.46 3.68 11.59
CA SER A 4 26.05 3.83 11.98
C SER A 4 25.82 3.25 13.41
N GLU A 5 26.17 4.05 14.42
CA GLU A 5 25.80 3.78 15.83
C GLU A 5 24.53 4.55 16.16
N ASP A 6 23.60 3.91 16.85
CA ASP A 6 22.23 4.39 16.96
C ASP A 6 21.63 4.04 18.34
N CYS A 7 20.71 4.86 18.94
CA CYS A 7 20.31 6.27 18.62
C CYS A 7 19.15 6.63 19.56
N SER A 8 18.00 6.03 19.24
CA SER A 8 16.67 6.30 19.82
C SER A 8 15.63 5.55 18.96
N GLN A 9 16.05 4.34 18.50
CA GLN A 9 15.37 3.52 17.45
C GLN A 9 13.86 3.27 17.72
N SER A 10 13.46 3.37 18.99
CA SER A 10 12.06 3.25 19.42
C SER A 10 11.15 4.25 18.66
N ASP A 11 11.34 5.55 18.90
CA ASP A 11 10.64 6.61 18.16
C ASP A 11 11.62 7.27 17.19
N ILE A 12 11.52 6.89 15.91
CA ILE A 12 12.27 7.45 14.77
C ILE A 12 11.27 7.65 13.63
N LEU A 13 10.60 6.54 13.28
CA LEU A 13 9.32 6.59 12.62
C LEU A 13 8.34 6.77 13.78
N THR A 14 7.73 7.95 13.85
CA THR A 14 7.04 8.42 15.07
C THR A 14 5.88 7.51 15.46
N THR A 15 5.54 7.50 16.75
CA THR A 15 4.45 6.65 17.28
C THR A 15 3.12 6.90 16.52
N GLN A 16 2.93 8.15 16.05
CA GLN A 16 1.80 8.50 15.18
C GLN A 16 1.93 7.79 13.82
N GLN A 17 3.13 7.89 13.20
CA GLN A 17 3.44 7.24 11.91
C GLN A 17 3.42 5.70 12.00
N ARG A 18 3.54 5.17 13.24
CA ARG A 18 3.47 3.72 13.49
C ARG A 18 2.02 3.23 13.35
N ALA A 19 1.10 3.86 14.11
CA ALA A 19 -0.34 3.56 14.03
C ALA A 19 -0.88 3.88 12.62
N THR A 20 -0.37 4.97 12.04
CA THR A 20 -0.66 5.39 10.66
C THR A 20 -0.34 4.26 9.66
N MET A 21 0.93 3.81 9.65
CA MET A 21 1.41 2.83 8.64
C MET A 21 0.69 1.50 8.79
N LYS A 22 0.26 1.19 10.03
CA LYS A 22 -0.51 -0.01 10.35
C LYS A 22 -1.89 0.06 9.69
N TYR A 23 -2.69 1.09 10.04
CA TYR A 23 -4.06 1.25 9.51
C TYR A 23 -4.08 1.53 8.00
N ASN A 24 -2.97 2.07 7.44
CA ASN A 24 -2.83 2.27 5.99
C ASN A 24 -2.65 0.91 5.31
N LEU A 25 -1.60 0.17 5.70
CA LEU A 25 -1.29 -1.14 5.09
C LEU A 25 -2.44 -2.16 5.33
N ILE A 26 -3.19 -1.98 6.44
CA ILE A 26 -4.33 -2.83 6.81
C ILE A 26 -5.49 -2.65 5.80
N LYS A 27 -5.91 -1.38 5.52
CA LYS A 27 -7.01 -1.13 4.58
C LYS A 27 -6.58 -1.54 3.15
N LEU A 28 -5.29 -1.29 2.82
CA LEU A 28 -4.72 -1.63 1.51
C LEU A 28 -4.68 -3.16 1.26
N GLN A 29 -4.36 -3.96 2.31
CA GLN A 29 -4.23 -5.44 2.20
C GLN A 29 -5.61 -6.15 2.32
N GLN A 30 -6.53 -5.54 3.08
CA GLN A 30 -7.91 -6.06 3.23
C GLN A 30 -8.70 -5.84 1.94
N GLU A 31 -8.58 -4.65 1.35
CA GLU A 31 -9.20 -4.34 0.05
C GLU A 31 -8.53 -5.14 -1.07
N MET A 32 -7.23 -5.45 -0.89
CA MET A 32 -6.48 -6.30 -1.83
C MET A 32 -7.13 -7.69 -1.95
N ALA A 33 -7.07 -8.45 -0.84
CA ALA A 33 -7.49 -9.86 -0.83
C ALA A 33 -9.01 -9.99 -0.97
N HIS A 34 -9.77 -9.20 -0.18
CA HIS A 34 -11.23 -9.35 -0.09
C HIS A 34 -11.94 -8.81 -1.33
N LEU A 35 -11.57 -7.61 -1.82
CA LEU A 35 -12.29 -6.99 -2.96
C LEU A 35 -11.99 -7.80 -4.24
N GLU A 36 -10.72 -8.24 -4.43
CA GLU A 36 -10.36 -9.11 -5.57
C GLU A 36 -11.18 -10.41 -5.53
N ALA A 37 -11.13 -11.12 -4.39
CA ALA A 37 -11.93 -12.37 -4.14
C ALA A 37 -13.40 -12.23 -4.57
N VAL A 38 -14.01 -11.10 -4.17
CA VAL A 38 -15.43 -10.80 -4.44
C VAL A 38 -15.63 -10.49 -5.94
N LEU A 39 -14.58 -9.94 -6.58
CA LEU A 39 -14.62 -9.50 -7.97
C LEU A 39 -14.47 -10.69 -8.95
N GLU A 40 -13.44 -11.52 -8.75
CA GLU A 40 -13.10 -12.59 -9.70
C GLU A 40 -13.99 -13.84 -9.51
N GLN A 41 -14.48 -14.05 -8.28
CA GLN A 41 -15.36 -15.20 -7.97
C GLN A 41 -16.84 -14.84 -8.24
N ARG A 42 -17.28 -13.64 -7.80
CA ARG A 42 -18.73 -13.26 -7.82
C ARG A 42 -18.99 -12.06 -8.77
N GLY A 43 -17.96 -11.62 -9.52
CA GLY A 43 -18.13 -10.65 -10.60
C GLY A 43 -18.37 -9.21 -10.13
N ASN A 44 -17.94 -8.88 -8.88
CA ASN A 44 -18.15 -7.54 -8.24
C ASN A 44 -19.67 -7.22 -8.12
N GLN A 45 -20.50 -8.28 -8.20
CA GLN A 45 -21.97 -8.21 -8.13
C GLN A 45 -22.47 -7.80 -6.70
N PRO A 46 -22.03 -8.48 -5.57
CA PRO A 46 -22.61 -8.21 -4.22
C PRO A 46 -21.97 -6.98 -3.53
N SER A 47 -20.90 -6.44 -4.12
CA SER A 47 -20.17 -5.28 -3.61
C SER A 47 -20.52 -4.05 -4.46
N GLY A 48 -20.19 -4.12 -5.76
CA GLY A 48 -20.45 -3.02 -6.70
C GLY A 48 -19.72 -1.74 -6.33
N HIS A 49 -18.41 -1.85 -6.08
CA HIS A 49 -17.58 -0.72 -5.60
C HIS A 49 -17.02 0.11 -6.77
N SER A 50 -17.84 1.09 -7.23
CA SER A 50 -17.39 2.22 -8.05
C SER A 50 -17.27 3.44 -7.11
N PRO A 51 -16.04 3.73 -6.55
CA PRO A 51 -15.86 4.77 -5.52
C PRO A 51 -16.24 6.18 -6.02
N SER A 52 -15.48 6.70 -7.00
CA SER A 52 -15.58 8.07 -7.50
C SER A 52 -14.48 8.30 -8.57
N LEU A 53 -13.34 7.60 -8.39
CA LEU A 53 -12.24 7.61 -9.37
C LEU A 53 -12.66 6.73 -10.55
N GLU A 54 -13.46 7.33 -11.45
CA GLU A 54 -13.91 6.71 -12.70
C GLU A 54 -13.19 7.40 -13.88
N HIS A 55 -12.02 8.02 -13.56
CA HIS A 55 -11.19 8.81 -14.50
C HIS A 55 -10.23 7.88 -15.27
N HIS A 56 -10.75 6.71 -15.67
CA HIS A 56 -9.97 5.64 -16.28
C HIS A 56 -9.93 5.83 -17.80
N HIS A 57 -8.98 6.66 -18.26
CA HIS A 57 -8.82 6.99 -19.69
C HIS A 57 -7.35 6.80 -20.11
N HIS A 58 -7.13 6.68 -21.44
CA HIS A 58 -5.80 6.42 -22.02
C HIS A 58 -5.74 6.95 -23.46
N HIS A 59 -6.82 6.72 -24.22
CA HIS A 59 -7.00 7.26 -25.57
C HIS A 59 -8.49 7.39 -25.88
N HIS A 60 -9.03 8.62 -25.77
CA HIS A 60 -10.39 8.94 -26.21
C HIS A 60 -10.36 9.31 -27.71
N MET B 1 6.03 -6.69 -20.84
CA MET B 1 6.19 -5.52 -19.93
C MET B 1 5.15 -5.60 -18.80
N GLU B 2 3.87 -5.41 -19.16
CA GLU B 2 2.75 -5.62 -18.22
C GLU B 2 2.36 -7.12 -18.20
N GLU B 3 1.54 -7.50 -17.22
CA GLU B 3 1.08 -8.89 -17.05
C GLU B 3 -0.45 -8.91 -17.18
N LEU B 4 -0.97 -9.75 -18.09
CA LEU B 4 -2.40 -9.80 -18.45
C LEU B 4 -3.18 -10.61 -17.40
N SER B 5 -3.47 -9.98 -16.26
CA SER B 5 -4.18 -10.61 -15.13
C SER B 5 -5.70 -10.35 -15.24
N GLY B 6 -6.47 -11.42 -15.57
CA GLY B 6 -7.95 -11.35 -15.62
C GLY B 6 -8.50 -11.65 -17.02
N LYS B 7 -8.45 -12.93 -17.44
CA LYS B 7 -8.96 -13.36 -18.76
C LYS B 7 -10.52 -13.35 -18.84
N PRO B 8 -11.28 -14.09 -17.95
CA PRO B 8 -12.74 -14.29 -18.12
C PRO B 8 -13.60 -13.20 -17.46
N LEU B 9 -13.04 -11.99 -17.36
CA LEU B 9 -13.72 -10.84 -16.75
C LEU B 9 -14.34 -9.94 -17.83
N SER B 10 -15.58 -9.54 -17.59
CA SER B 10 -16.35 -8.62 -18.44
C SER B 10 -15.81 -7.18 -18.27
N TYR B 11 -16.35 -6.23 -19.06
CA TYR B 11 -15.81 -4.85 -19.20
C TYR B 11 -15.63 -4.12 -17.83
N ALA B 12 -16.59 -4.34 -16.91
CA ALA B 12 -16.67 -3.60 -15.63
C ALA B 12 -15.83 -4.31 -14.56
N GLU B 13 -15.98 -5.65 -14.50
CA GLU B 13 -15.14 -6.53 -13.65
C GLU B 13 -13.64 -6.27 -13.87
N LYS B 14 -13.24 -6.28 -15.15
CA LYS B 14 -11.85 -6.10 -15.58
C LYS B 14 -11.37 -4.66 -15.33
N GLU B 15 -12.29 -3.69 -15.53
CA GLU B 15 -12.04 -2.25 -15.25
C GLU B 15 -11.68 -2.06 -13.77
N LYS B 16 -12.47 -2.72 -12.89
CA LYS B 16 -12.33 -2.60 -11.45
C LYS B 16 -11.13 -3.42 -10.94
N LEU B 17 -10.82 -4.56 -11.60
CA LEU B 17 -9.70 -5.40 -11.18
C LEU B 17 -8.39 -4.65 -11.38
N LYS B 18 -8.13 -4.22 -12.63
CA LYS B 18 -6.92 -3.48 -12.99
C LYS B 18 -6.78 -2.23 -12.10
N GLU B 19 -7.73 -1.30 -12.21
CA GLU B 19 -7.56 0.07 -11.69
C GLU B 19 -7.54 0.13 -10.15
N LYS B 20 -8.44 -0.62 -9.49
CA LYS B 20 -8.56 -0.61 -8.03
C LYS B 20 -7.34 -1.35 -7.44
N LEU B 21 -7.16 -2.63 -7.82
CA LEU B 21 -6.14 -3.50 -7.20
C LEU B 21 -4.69 -3.05 -7.56
N ALA B 22 -4.51 -2.32 -8.69
CA ALA B 22 -3.20 -1.75 -9.08
C ALA B 22 -2.89 -0.49 -8.24
N PHE B 23 -3.93 0.33 -7.98
CA PHE B 23 -3.80 1.53 -7.13
C PHE B 23 -3.46 1.12 -5.69
N LEU B 24 -4.08 0.02 -5.23
CA LEU B 24 -3.93 -0.49 -3.86
C LEU B 24 -2.55 -1.15 -3.67
N LYS B 25 -2.14 -1.94 -4.69
CA LYS B 25 -0.82 -2.62 -4.72
C LYS B 25 0.31 -1.58 -4.75
N LYS B 26 0.11 -0.52 -5.56
CA LYS B 26 1.06 0.58 -5.66
C LYS B 26 1.23 1.25 -4.29
N GLU B 27 0.12 1.81 -3.76
CA GLU B 27 0.12 2.58 -2.50
C GLU B 27 0.50 1.72 -1.28
N TYR B 28 0.33 0.39 -1.39
CA TYR B 28 0.77 -0.54 -0.35
C TYR B 28 2.30 -0.49 -0.24
N SER B 29 2.95 -0.85 -1.35
CA SER B 29 4.41 -0.91 -1.44
C SER B 29 5.04 0.50 -1.41
N ARG B 30 4.22 1.52 -1.75
CA ARG B 30 4.63 2.92 -1.87
C ARG B 30 4.81 3.54 -0.48
N THR B 31 3.69 3.57 0.30
CA THR B 31 3.66 4.14 1.65
C THR B 31 4.62 3.37 2.58
N LEU B 32 4.56 2.02 2.49
CA LEU B 32 5.52 1.12 3.16
C LEU B 32 6.98 1.58 2.90
N ALA B 33 7.33 1.79 1.61
CA ALA B 33 8.70 2.20 1.22
C ALA B 33 9.09 3.55 1.81
N ARG B 34 8.26 4.58 1.54
CA ARG B 34 8.45 5.98 2.05
C ARG B 34 8.84 6.02 3.55
N LEU B 35 8.04 5.31 4.37
CA LEU B 35 8.19 5.33 5.84
C LEU B 35 9.34 4.43 6.32
N GLN B 36 9.46 3.24 5.72
CA GLN B 36 10.59 2.29 5.99
C GLN B 36 11.97 2.93 5.74
N ARG B 37 12.09 3.64 4.60
CA ARG B 37 13.32 4.35 4.20
C ARG B 37 13.62 5.49 5.19
N ALA B 38 12.58 6.29 5.50
CA ALA B 38 12.65 7.41 6.46
C ALA B 38 13.09 6.93 7.86
N LYS B 39 12.58 5.75 8.24
CA LYS B 39 12.86 5.13 9.54
C LYS B 39 14.37 4.82 9.67
N ARG B 40 14.89 4.07 8.70
CA ARG B 40 16.25 3.52 8.76
C ARG B 40 17.31 4.64 8.62
N ALA B 41 17.08 5.52 7.63
CA ALA B 41 17.91 6.73 7.43
C ALA B 41 18.02 7.62 8.68
N GLU B 42 16.87 7.94 9.32
CA GLU B 42 16.83 8.90 10.45
C GLU B 42 17.45 8.35 11.76
N LYS B 43 17.31 7.03 12.03
CA LYS B 43 17.94 6.42 13.23
C LYS B 43 19.48 6.46 13.12
N ALA B 44 19.98 6.19 11.91
CA ALA B 44 21.42 6.18 11.62
C ALA B 44 21.61 6.23 10.11
N LYS B 45 22.37 7.25 9.63
CA LYS B 45 22.61 7.44 8.19
C LYS B 45 23.40 6.24 7.61
N ASN B 46 22.64 5.32 7.00
CA ASN B 46 23.17 4.06 6.43
C ASN B 46 23.24 4.16 4.90
N SER B 47 24.07 3.31 4.29
CA SER B 47 24.27 3.29 2.84
C SER B 47 23.12 2.55 2.13
N LYS B 48 22.14 3.35 1.64
CA LYS B 48 20.97 2.86 0.86
C LYS B 48 21.41 2.06 -0.38
N LYS B 49 20.60 1.05 -0.78
CA LYS B 49 20.94 0.16 -1.90
C LYS B 49 20.03 0.44 -3.12
N ALA B 50 18.78 -0.05 -3.06
CA ALA B 50 17.90 -0.12 -4.25
C ALA B 50 16.45 0.27 -3.91
N ILE B 51 15.79 0.98 -4.85
CA ILE B 51 14.36 1.30 -4.79
C ILE B 51 13.85 1.59 -6.23
N GLU B 52 12.68 1.04 -6.60
CA GLU B 52 12.14 1.12 -7.98
C GLU B 52 11.35 2.42 -8.22
N ASP B 53 11.20 3.21 -7.14
CA ASP B 53 10.58 4.55 -7.18
C ASP B 53 11.29 5.48 -8.19
N GLY B 54 10.52 6.34 -8.86
CA GLY B 54 11.03 7.24 -9.89
C GLY B 54 10.28 8.55 -9.92
N VAL B 55 9.04 8.53 -10.48
CA VAL B 55 8.18 9.72 -10.57
C VAL B 55 7.38 9.91 -9.26
N PRO B 56 7.69 10.96 -8.43
CA PRO B 56 6.96 11.22 -7.17
C PRO B 56 5.64 11.97 -7.44
N GLN B 57 4.58 11.58 -6.71
CA GLN B 57 3.28 12.27 -6.74
C GLN B 57 3.05 12.91 -5.35
N PRO B 58 3.43 14.24 -5.15
CA PRO B 58 3.62 14.94 -3.86
C PRO B 58 3.01 14.25 -2.62
N GLU B 59 3.79 13.32 -2.06
CA GLU B 59 3.35 12.36 -1.04
C GLU B 59 4.26 12.43 0.21
N ALA B 60 3.66 12.83 1.33
CA ALA B 60 4.33 12.88 2.64
C ALA B 60 3.28 12.77 3.77
N LEU B 61 3.72 12.27 4.93
CA LEU B 61 2.85 12.05 6.10
C LEU B 61 3.73 12.24 7.37
N GLU B 62 4.61 13.25 7.28
CA GLU B 62 5.60 13.59 8.32
C GLU B 62 4.92 14.29 9.49
N HIS B 63 4.43 13.49 10.44
CA HIS B 63 3.76 13.95 11.67
C HIS B 63 4.46 13.32 12.88
N HIS B 64 4.17 13.83 14.09
CA HIS B 64 4.83 13.40 15.34
C HIS B 64 3.79 13.19 16.47
N HIS B 65 4.14 12.34 17.43
CA HIS B 65 3.28 11.98 18.58
C HIS B 65 4.04 12.25 19.88
N HIS B 66 3.37 12.96 20.82
CA HIS B 66 3.93 13.25 22.16
C HIS B 66 4.34 11.94 22.85
N HIS B 67 5.62 11.87 23.24
CA HIS B 67 6.29 10.62 23.59
C HIS B 67 5.79 10.05 24.94
N HIS B 68 4.86 9.09 24.85
CA HIS B 68 4.37 8.31 25.98
C HIS B 68 3.85 6.94 25.47
N MET A 1 34.70 1.80 10.77
CA MET A 1 34.25 2.95 11.61
C MET A 1 32.87 2.64 12.24
N ASN A 2 31.82 2.70 11.41
CA ASN A 2 30.42 2.52 11.84
C ASN A 2 30.09 1.03 12.02
N LEU A 3 29.28 0.73 13.03
CA LEU A 3 28.74 -0.63 13.25
C LEU A 3 27.54 -0.84 12.30
N SER A 4 26.60 0.10 12.38
CA SER A 4 25.38 0.12 11.58
C SER A 4 24.51 -1.14 11.81
N GLU A 5 24.13 -1.34 13.08
CA GLU A 5 23.02 -2.26 13.45
C GLU A 5 21.70 -1.63 12.98
N ASP A 6 21.67 -0.29 13.07
CA ASP A 6 20.60 0.58 12.58
C ASP A 6 19.28 0.38 13.36
N CYS A 7 19.06 1.04 14.52
CA CYS A 7 20.00 1.81 15.39
C CYS A 7 19.19 2.12 16.66
N SER A 8 18.65 1.04 17.27
CA SER A 8 17.49 1.09 18.19
C SER A 8 16.25 1.51 17.36
N GLN A 9 16.02 0.73 16.28
CA GLN A 9 15.09 1.09 15.18
C GLN A 9 13.58 0.93 15.53
N SER A 10 13.27 0.73 16.82
CA SER A 10 11.88 0.74 17.30
C SER A 10 11.24 2.14 17.15
N ASP A 11 11.92 3.16 17.71
CA ASP A 11 11.40 4.54 17.82
C ASP A 11 12.05 5.48 16.77
N ILE A 12 11.25 5.84 15.75
CA ILE A 12 11.62 6.84 14.72
C ILE A 12 10.46 7.82 14.56
N LEU A 13 9.27 7.25 14.37
CA LEU A 13 8.08 7.99 13.95
C LEU A 13 7.17 8.22 15.16
N THR A 14 6.62 9.44 15.29
CA THR A 14 5.69 9.82 16.37
C THR A 14 4.44 8.91 16.36
N THR A 15 3.88 8.66 17.57
CA THR A 15 2.81 7.67 17.80
C THR A 15 1.63 7.83 16.83
N GLN A 16 1.13 9.06 16.68
CA GLN A 16 0.04 9.39 15.74
C GLN A 16 0.33 8.91 14.30
N GLN A 17 1.53 9.24 13.77
CA GLN A 17 1.88 8.95 12.37
C GLN A 17 2.34 7.48 12.21
N ARG A 18 2.81 6.88 13.31
CA ARG A 18 3.26 5.47 13.34
C ARG A 18 2.05 4.55 13.26
N ALA A 19 1.01 4.87 14.04
CA ALA A 19 -0.24 4.11 14.10
C ALA A 19 -1.00 4.17 12.77
N THR A 20 -1.06 5.39 12.18
CA THR A 20 -1.79 5.61 10.93
C THR A 20 -1.10 4.92 9.72
N MET A 21 0.26 4.97 9.65
CA MET A 21 1.02 4.30 8.55
C MET A 21 0.91 2.78 8.64
N LYS A 22 0.87 2.24 9.87
CA LYS A 22 0.66 0.79 10.10
C LYS A 22 -0.78 0.40 9.79
N TYR A 23 -1.72 1.33 10.05
CA TYR A 23 -3.12 1.14 9.66
C TYR A 23 -3.22 1.05 8.14
N ASN A 24 -2.42 1.88 7.44
CA ASN A 24 -2.35 1.87 5.97
C ASN A 24 -1.81 0.52 5.48
N LEU A 25 -0.77 -0.01 6.15
CA LEU A 25 -0.17 -1.31 5.76
C LEU A 25 -1.17 -2.46 5.92
N ILE A 26 -1.86 -2.49 7.08
CA ILE A 26 -2.85 -3.53 7.43
C ILE A 26 -4.09 -3.42 6.51
N LYS A 27 -4.57 -2.18 6.25
CA LYS A 27 -5.76 -1.98 5.42
C LYS A 27 -5.46 -2.44 3.98
N LEU A 28 -4.35 -1.93 3.41
CA LEU A 28 -3.99 -2.20 2.01
C LEU A 28 -3.74 -3.69 1.72
N GLN A 29 -3.02 -4.39 2.61
CA GLN A 29 -2.69 -5.82 2.40
C GLN A 29 -3.97 -6.70 2.38
N GLN A 30 -4.83 -6.53 3.41
CA GLN A 30 -6.03 -7.36 3.58
C GLN A 30 -7.10 -6.95 2.57
N GLU A 31 -7.29 -5.64 2.39
CA GLU A 31 -8.34 -5.09 1.51
C GLU A 31 -8.03 -5.37 0.04
N MET A 32 -6.73 -5.36 -0.37
CA MET A 32 -6.37 -5.71 -1.77
C MET A 32 -6.66 -7.19 -2.03
N ALA A 33 -6.37 -8.05 -1.03
CA ALA A 33 -6.65 -9.49 -1.10
C ALA A 33 -8.16 -9.74 -1.22
N HIS A 34 -8.96 -8.98 -0.43
CA HIS A 34 -10.43 -9.07 -0.44
C HIS A 34 -11.01 -8.43 -1.70
N LEU A 35 -10.29 -7.43 -2.24
CA LEU A 35 -10.70 -6.68 -3.43
C LEU A 35 -10.74 -7.63 -4.62
N GLU A 36 -9.57 -8.20 -4.97
CA GLU A 36 -9.45 -9.12 -6.09
C GLU A 36 -10.36 -10.34 -5.92
N ALA A 37 -10.44 -10.86 -4.68
CA ALA A 37 -11.24 -12.06 -4.34
C ALA A 37 -12.74 -11.86 -4.63
N VAL A 38 -13.37 -10.89 -3.95
CA VAL A 38 -14.83 -10.68 -4.04
C VAL A 38 -15.23 -10.18 -5.45
N LEU A 39 -14.32 -9.45 -6.10
CA LEU A 39 -14.58 -8.86 -7.43
C LEU A 39 -14.46 -9.93 -8.54
N GLU A 40 -13.59 -10.94 -8.35
CA GLU A 40 -13.41 -12.01 -9.36
C GLU A 40 -14.49 -13.10 -9.19
N GLN A 41 -14.98 -13.25 -7.94
CA GLN A 41 -15.98 -14.27 -7.59
C GLN A 41 -17.41 -13.74 -7.77
N ARG A 42 -17.58 -12.41 -7.77
CA ARG A 42 -18.90 -11.77 -8.01
C ARG A 42 -18.78 -10.74 -9.15
N GLY A 43 -18.11 -9.60 -8.89
CA GLY A 43 -17.99 -8.51 -9.86
C GLY A 43 -19.10 -7.48 -9.74
N ASN A 44 -20.32 -7.96 -9.43
CA ASN A 44 -21.50 -7.10 -9.19
C ASN A 44 -21.47 -6.62 -7.74
N GLN A 45 -21.06 -7.54 -6.86
CA GLN A 45 -20.71 -7.25 -5.49
C GLN A 45 -19.17 -7.25 -5.39
N PRO A 46 -18.51 -6.07 -5.45
CA PRO A 46 -17.05 -5.95 -5.33
C PRO A 46 -16.62 -5.69 -3.89
N SER A 47 -15.37 -5.26 -3.73
CA SER A 47 -14.80 -4.90 -2.42
C SER A 47 -13.99 -3.59 -2.59
N GLY A 48 -13.20 -3.21 -1.59
CA GLY A 48 -12.40 -1.98 -1.68
C GLY A 48 -13.07 -0.78 -1.03
N HIS A 49 -12.86 -0.64 0.29
CA HIS A 49 -13.32 0.52 1.07
C HIS A 49 -12.54 0.58 2.41
N SER A 50 -11.91 1.73 2.66
CA SER A 50 -11.25 2.03 3.94
C SER A 50 -10.95 3.55 3.95
N PRO A 51 -11.94 4.40 4.39
CA PRO A 51 -11.84 5.88 4.32
C PRO A 51 -10.74 6.45 5.23
N SER A 52 -9.50 6.45 4.70
CA SER A 52 -8.33 7.04 5.36
C SER A 52 -8.19 8.52 4.97
N LEU A 53 -9.32 9.25 5.06
CA LEU A 53 -9.42 10.66 4.69
C LEU A 53 -8.73 11.49 5.80
N GLU A 54 -7.47 11.85 5.56
CA GLU A 54 -6.69 12.70 6.48
C GLU A 54 -6.86 14.18 6.10
N HIS A 55 -7.07 15.04 7.11
CA HIS A 55 -7.11 16.50 6.90
C HIS A 55 -5.66 17.00 6.75
N HIS A 56 -5.19 16.97 5.51
CA HIS A 56 -3.80 17.31 5.17
C HIS A 56 -3.77 17.83 3.73
N HIS A 57 -3.91 19.14 3.58
CA HIS A 57 -3.78 19.81 2.27
C HIS A 57 -2.34 19.64 1.73
N HIS A 58 -2.14 18.61 0.90
CA HIS A 58 -0.83 18.35 0.26
C HIS A 58 -0.58 19.39 -0.85
N HIS A 59 0.68 19.79 -1.04
CA HIS A 59 1.06 20.76 -2.08
C HIS A 59 2.57 20.67 -2.36
N HIS A 60 2.90 20.06 -3.50
CA HIS A 60 4.27 19.93 -4.01
C HIS A 60 4.30 20.32 -5.50
N MET B 1 8.48 -3.46 -22.83
CA MET B 1 8.26 -4.86 -22.43
C MET B 1 6.74 -5.18 -22.40
N GLU B 2 6.21 -5.55 -23.57
CA GLU B 2 4.76 -5.79 -23.74
C GLU B 2 4.52 -7.18 -24.38
N GLU B 3 4.12 -8.14 -23.53
CA GLU B 3 3.61 -9.45 -23.98
C GLU B 3 2.08 -9.42 -23.98
N LEU B 4 1.48 -9.83 -25.11
CA LEU B 4 0.03 -9.84 -25.30
C LEU B 4 -0.56 -11.09 -24.62
N SER B 5 -0.68 -11.02 -23.29
CA SER B 5 -1.24 -12.10 -22.46
C SER B 5 -2.78 -12.13 -22.59
N GLY B 6 -3.38 -10.92 -22.69
CA GLY B 6 -4.81 -10.78 -22.85
C GLY B 6 -5.60 -11.21 -21.62
N LYS B 7 -5.88 -10.26 -20.71
CA LYS B 7 -6.66 -10.53 -19.50
C LYS B 7 -8.13 -10.81 -19.90
N PRO B 8 -8.61 -12.09 -19.79
CA PRO B 8 -9.87 -12.57 -20.41
C PRO B 8 -11.12 -12.28 -19.57
N LEU B 9 -11.04 -11.26 -18.69
CA LEU B 9 -12.12 -10.89 -17.78
C LEU B 9 -13.23 -10.12 -18.53
N SER B 10 -14.45 -10.21 -17.98
CA SER B 10 -15.63 -9.50 -18.50
C SER B 10 -15.42 -7.98 -18.33
N TYR B 11 -15.85 -7.20 -19.34
CA TYR B 11 -15.44 -5.77 -19.52
C TYR B 11 -15.57 -4.90 -18.24
N ALA B 12 -16.74 -4.98 -17.57
CA ALA B 12 -17.05 -4.14 -16.38
C ALA B 12 -16.33 -4.68 -15.15
N GLU B 13 -16.12 -6.00 -15.10
CA GLU B 13 -15.44 -6.67 -13.98
C GLU B 13 -13.95 -6.30 -14.03
N LYS B 14 -13.41 -6.36 -15.25
CA LYS B 14 -11.99 -6.13 -15.56
C LYS B 14 -11.60 -4.69 -15.30
N GLU B 15 -12.46 -3.77 -15.78
CA GLU B 15 -12.22 -2.32 -15.70
C GLU B 15 -12.19 -1.87 -14.24
N LYS B 16 -13.28 -2.21 -13.52
CA LYS B 16 -13.44 -1.87 -12.09
C LYS B 16 -12.34 -2.49 -11.22
N LEU B 17 -11.98 -3.75 -11.55
CA LEU B 17 -10.90 -4.47 -10.88
C LEU B 17 -9.59 -3.69 -11.03
N LYS B 18 -9.19 -3.48 -12.30
CA LYS B 18 -7.92 -2.82 -12.68
C LYS B 18 -7.71 -1.45 -11.97
N GLU B 19 -8.80 -0.68 -11.80
CA GLU B 19 -8.76 0.60 -11.08
C GLU B 19 -8.34 0.38 -9.62
N LYS B 20 -9.10 -0.48 -8.92
CA LYS B 20 -8.89 -0.81 -7.50
C LYS B 20 -7.60 -1.66 -7.27
N LEU B 21 -7.23 -2.45 -8.28
CA LEU B 21 -6.15 -3.46 -8.19
C LEU B 21 -4.83 -2.69 -8.09
N ALA B 22 -4.67 -1.76 -9.04
CA ALA B 22 -3.52 -0.86 -9.12
C ALA B 22 -3.54 0.15 -7.95
N PHE B 23 -4.75 0.57 -7.52
CA PHE B 23 -4.93 1.60 -6.47
C PHE B 23 -4.35 1.13 -5.13
N LEU B 24 -4.84 -0.03 -4.62
CA LEU B 24 -4.46 -0.54 -3.29
C LEU B 24 -2.99 -1.00 -3.32
N LYS B 25 -2.58 -1.67 -4.44
CA LYS B 25 -1.21 -2.20 -4.60
C LYS B 25 -0.15 -1.09 -4.64
N LYS B 26 -0.46 0.00 -5.37
CA LYS B 26 0.51 1.08 -5.64
C LYS B 26 0.83 1.87 -4.36
N GLU B 27 -0.21 2.34 -3.65
CA GLU B 27 -0.01 3.11 -2.40
C GLU B 27 0.48 2.17 -1.27
N TYR B 28 0.27 0.85 -1.41
CA TYR B 28 0.86 -0.15 -0.52
C TYR B 28 2.37 -0.22 -0.68
N SER B 29 2.85 -0.20 -1.94
CA SER B 29 4.29 -0.28 -2.24
C SER B 29 4.95 1.06 -1.89
N ARG B 30 4.15 2.15 -1.97
CA ARG B 30 4.56 3.50 -1.58
C ARG B 30 4.84 3.55 -0.06
N THR B 31 3.78 3.28 0.73
CA THR B 31 3.84 3.38 2.20
C THR B 31 4.85 2.39 2.79
N LEU B 32 4.69 1.10 2.41
CA LEU B 32 5.59 0.02 2.88
C LEU B 32 7.06 0.32 2.55
N ALA B 33 7.42 0.39 1.25
CA ALA B 33 8.84 0.50 0.83
C ALA B 33 9.43 1.85 1.23
N ARG B 34 8.85 2.95 0.70
CA ARG B 34 9.39 4.32 0.88
C ARG B 34 9.48 4.75 2.37
N LEU B 35 8.42 4.52 3.17
CA LEU B 35 8.37 5.01 4.56
C LEU B 35 9.24 4.12 5.48
N GLN B 36 9.08 2.78 5.38
CA GLN B 36 9.93 1.80 6.14
C GLN B 36 11.43 2.00 5.82
N ARG B 37 11.74 2.39 4.56
CA ARG B 37 13.12 2.69 4.13
C ARG B 37 13.62 4.01 4.73
N ALA B 38 12.71 4.99 4.84
CA ALA B 38 13.02 6.31 5.43
C ALA B 38 13.18 6.18 6.94
N LYS B 39 12.46 5.20 7.53
CA LYS B 39 12.52 4.88 8.96
C LYS B 39 13.91 4.32 9.32
N ARG B 40 14.35 3.35 8.48
CA ARG B 40 15.72 2.79 8.54
C ARG B 40 16.77 3.91 8.41
N ALA B 41 16.69 4.66 7.29
CA ALA B 41 17.64 5.75 6.97
C ALA B 41 17.70 6.86 8.04
N GLU B 42 16.56 7.13 8.70
CA GLU B 42 16.43 8.24 9.67
C GLU B 42 17.05 7.87 11.03
N LYS B 43 17.01 6.58 11.41
CA LYS B 43 17.63 6.12 12.67
C LYS B 43 19.11 5.79 12.46
N ALA B 44 19.42 5.22 11.28
CA ALA B 44 20.78 4.84 10.87
C ALA B 44 21.65 6.09 10.72
N LYS B 45 21.21 7.01 9.85
CA LYS B 45 21.86 8.30 9.63
C LYS B 45 21.08 9.35 10.45
N ASN B 46 21.81 10.28 11.10
CA ASN B 46 21.23 11.27 12.05
C ASN B 46 20.15 12.19 11.41
N SER B 47 18.91 11.66 11.38
CA SER B 47 17.65 12.34 10.96
C SER B 47 17.80 13.22 9.70
N LYS B 48 17.42 12.65 8.53
CA LYS B 48 17.41 13.36 7.26
C LYS B 48 16.13 12.97 6.49
N LYS B 49 15.25 13.97 6.31
CA LYS B 49 13.92 13.77 5.70
C LYS B 49 13.93 14.24 4.23
N ALA B 50 13.54 13.34 3.32
CA ALA B 50 13.28 13.64 1.92
C ALA B 50 12.28 12.61 1.39
N ILE B 51 10.99 12.88 1.67
CA ILE B 51 9.86 11.99 1.32
C ILE B 51 8.72 12.82 0.73
N GLU B 52 7.97 12.22 -0.18
CA GLU B 52 6.85 12.88 -0.88
C GLU B 52 5.65 13.04 0.07
N ASP B 53 5.17 14.29 0.24
CA ASP B 53 3.87 14.56 0.90
C ASP B 53 2.76 14.10 -0.05
N GLY B 54 2.01 13.09 0.38
CA GLY B 54 1.04 12.43 -0.48
C GLY B 54 -0.08 11.81 0.30
N VAL B 55 -1.24 12.47 0.29
CA VAL B 55 -2.46 11.94 0.90
C VAL B 55 -3.14 10.97 -0.08
N PRO B 56 -3.84 9.91 0.44
CA PRO B 56 -4.65 9.01 -0.42
C PRO B 56 -5.90 9.73 -0.95
N GLN B 57 -6.44 9.23 -2.07
CA GLN B 57 -7.70 9.74 -2.64
C GLN B 57 -8.84 9.52 -1.62
N PRO B 58 -9.77 10.52 -1.43
CA PRO B 58 -10.88 10.41 -0.45
C PRO B 58 -11.73 9.17 -0.72
N GLU B 59 -11.43 8.09 0.03
CA GLU B 59 -12.05 6.79 -0.20
C GLU B 59 -13.55 6.84 0.12
N ALA B 60 -14.35 6.78 -0.94
CA ALA B 60 -15.80 6.87 -0.87
C ALA B 60 -16.37 5.56 -0.32
N LEU B 61 -17.15 5.67 0.78
CA LEU B 61 -17.86 4.54 1.38
C LEU B 61 -18.96 4.11 0.40
N GLU B 62 -18.61 3.16 -0.49
CA GLU B 62 -19.49 2.71 -1.56
C GLU B 62 -20.62 1.83 -1.02
N HIS B 63 -21.84 2.40 -1.00
CA HIS B 63 -23.06 1.66 -0.66
C HIS B 63 -23.46 0.81 -1.88
N HIS B 64 -23.42 -0.50 -1.71
CA HIS B 64 -23.79 -1.48 -2.75
C HIS B 64 -25.29 -1.75 -2.71
N HIS B 65 -25.82 -2.29 -3.82
CA HIS B 65 -27.24 -2.64 -3.93
C HIS B 65 -27.41 -4.15 -3.71
N HIS B 66 -27.55 -4.56 -2.43
CA HIS B 66 -27.88 -5.96 -2.10
C HIS B 66 -29.36 -6.23 -2.42
N HIS B 67 -29.65 -7.44 -2.93
CA HIS B 67 -31.02 -7.86 -3.29
C HIS B 67 -31.00 -9.33 -3.72
N HIS B 68 -31.91 -10.12 -3.14
CA HIS B 68 -32.17 -11.50 -3.60
C HIS B 68 -33.07 -11.43 -4.85
N MET A 1 32.61 13.37 10.33
CA MET A 1 32.20 13.17 11.74
C MET A 1 31.27 11.95 11.83
N ASN A 2 31.74 10.90 12.53
CA ASN A 2 30.97 9.65 12.68
C ASN A 2 29.76 9.87 13.63
N LEU A 3 28.55 9.82 13.06
CA LEU A 3 27.29 9.97 13.81
C LEU A 3 26.53 8.62 13.89
N SER A 4 27.14 7.56 13.34
CA SER A 4 26.52 6.23 13.27
C SER A 4 26.43 5.58 14.67
N GLU A 5 25.31 5.87 15.36
CA GLU A 5 24.94 5.28 16.67
C GLU A 5 23.48 5.66 16.97
N ASP A 6 23.24 6.99 17.14
CA ASP A 6 21.89 7.60 17.25
C ASP A 6 22.03 9.13 17.51
N CYS A 7 21.29 10.08 16.83
CA CYS A 7 20.42 9.92 15.65
C CYS A 7 19.09 9.24 15.99
N SER A 8 18.73 9.25 17.30
CA SER A 8 17.44 8.77 17.83
C SER A 8 17.32 7.24 17.65
N GLN A 9 17.53 6.48 18.74
CA GLN A 9 17.37 5.02 18.74
C GLN A 9 15.94 4.61 19.17
N SER A 10 15.16 5.60 19.64
CA SER A 10 13.76 5.41 20.06
C SER A 10 12.80 6.09 19.06
N ASP A 11 12.85 7.43 19.01
CA ASP A 11 11.81 8.25 18.34
C ASP A 11 12.30 8.73 16.97
N ILE A 12 11.84 8.05 15.92
CA ILE A 12 12.00 8.49 14.52
C ILE A 12 10.57 8.56 13.96
N LEU A 13 9.95 7.39 13.90
CA LEU A 13 8.54 7.22 13.60
C LEU A 13 7.94 6.57 14.86
N THR A 14 7.14 7.34 15.62
CA THR A 14 6.65 6.90 16.94
C THR A 14 5.34 6.10 16.81
N THR A 15 4.77 5.70 17.96
CA THR A 15 3.58 4.84 18.05
C THR A 15 2.37 5.38 17.26
N GLN A 16 2.23 6.73 17.21
CA GLN A 16 1.13 7.40 16.49
C GLN A 16 1.22 7.12 14.97
N GLN A 17 2.39 7.44 14.40
CA GLN A 17 2.64 7.30 12.96
C GLN A 17 2.86 5.82 12.55
N ARG A 18 3.32 5.01 13.52
CA ARG A 18 3.51 3.57 13.31
C ARG A 18 2.15 2.87 13.19
N ALA A 19 1.23 3.24 14.08
CA ALA A 19 -0.13 2.69 14.10
C ALA A 19 -0.87 3.02 12.79
N THR A 20 -0.80 4.31 12.37
CA THR A 20 -1.55 4.81 11.21
C THR A 20 -1.01 4.23 9.88
N MET A 21 0.33 3.97 9.79
CA MET A 21 0.91 3.34 8.58
C MET A 21 0.51 1.87 8.49
N LYS A 22 0.33 1.22 9.66
CA LYS A 22 -0.14 -0.17 9.74
C LYS A 22 -1.58 -0.26 9.24
N TYR A 23 -2.47 0.57 9.84
CA TYR A 23 -3.90 0.61 9.48
C TYR A 23 -4.09 0.97 8.01
N ASN A 24 -3.13 1.74 7.44
CA ASN A 24 -3.11 2.09 6.02
C ASN A 24 -2.76 0.83 5.17
N LEU A 25 -1.55 0.27 5.38
CA LEU A 25 -1.00 -0.86 4.57
C LEU A 25 -1.93 -2.08 4.61
N ILE A 26 -2.52 -2.33 5.80
CA ILE A 26 -3.48 -3.42 6.01
C ILE A 26 -4.76 -3.15 5.21
N LYS A 27 -5.30 -1.91 5.30
CA LYS A 27 -6.52 -1.51 4.56
C LYS A 27 -6.35 -1.73 3.04
N LEU A 28 -5.19 -1.28 2.52
CA LEU A 28 -4.81 -1.40 1.10
C LEU A 28 -4.92 -2.85 0.60
N GLN A 29 -4.29 -3.78 1.35
CA GLN A 29 -4.24 -5.21 0.96
C GLN A 29 -5.57 -5.93 1.27
N GLN A 30 -6.33 -5.41 2.27
CA GLN A 30 -7.68 -5.94 2.60
C GLN A 30 -8.61 -5.77 1.40
N GLU A 31 -8.78 -4.50 0.98
CA GLU A 31 -9.75 -4.11 -0.07
C GLU A 31 -9.31 -4.62 -1.46
N MET A 32 -7.99 -4.77 -1.65
CA MET A 32 -7.38 -5.33 -2.87
C MET A 32 -7.86 -6.78 -3.08
N ALA A 33 -7.62 -7.62 -2.06
CA ALA A 33 -7.96 -9.04 -2.09
C ALA A 33 -9.47 -9.27 -1.93
N HIS A 34 -10.15 -8.35 -1.21
CA HIS A 34 -11.60 -8.40 -0.97
C HIS A 34 -12.37 -8.15 -2.27
N LEU A 35 -11.85 -7.19 -3.06
CA LEU A 35 -12.45 -6.80 -4.35
C LEU A 35 -12.36 -7.98 -5.32
N GLU A 36 -11.14 -8.56 -5.44
CA GLU A 36 -10.87 -9.75 -6.28
C GLU A 36 -11.81 -10.92 -5.93
N ALA A 37 -11.79 -11.29 -4.64
CA ALA A 37 -12.63 -12.35 -4.05
C ALA A 37 -14.13 -12.20 -4.38
N VAL A 38 -14.70 -11.02 -4.06
CA VAL A 38 -16.15 -10.74 -4.29
C VAL A 38 -16.47 -10.62 -5.79
N LEU A 39 -15.46 -10.28 -6.59
CA LEU A 39 -15.58 -10.10 -8.04
C LEU A 39 -15.85 -11.46 -8.73
N GLU A 40 -15.03 -12.45 -8.38
CA GLU A 40 -15.08 -13.79 -8.99
C GLU A 40 -16.17 -14.67 -8.35
N GLN A 41 -16.61 -14.27 -7.13
CA GLN A 41 -17.68 -14.96 -6.40
C GLN A 41 -19.06 -14.43 -6.80
N ARG A 42 -19.16 -13.10 -7.00
CA ARG A 42 -20.45 -12.39 -7.18
C ARG A 42 -20.40 -11.46 -8.42
N GLY A 43 -19.41 -10.54 -8.46
CA GLY A 43 -19.19 -9.66 -9.62
C GLY A 43 -20.12 -8.44 -9.68
N ASN A 44 -21.36 -8.63 -9.21
CA ASN A 44 -22.44 -7.63 -9.25
C ASN A 44 -22.24 -6.53 -8.18
N GLN A 45 -21.61 -6.90 -7.05
CA GLN A 45 -21.43 -6.00 -5.87
C GLN A 45 -20.54 -4.74 -6.18
N PRO A 46 -19.32 -4.88 -6.80
CA PRO A 46 -18.47 -3.71 -7.14
C PRO A 46 -18.91 -2.97 -8.44
N SER A 47 -20.19 -2.56 -8.49
CA SER A 47 -20.73 -1.78 -9.63
C SER A 47 -20.08 -0.39 -9.72
N GLY A 48 -19.70 0.02 -10.94
CA GLY A 48 -19.06 1.30 -11.20
C GLY A 48 -17.55 1.26 -10.96
N HIS A 49 -16.76 1.80 -11.90
CA HIS A 49 -15.30 1.87 -11.76
C HIS A 49 -14.94 2.97 -10.77
N SER A 50 -13.96 2.70 -9.91
CA SER A 50 -13.57 3.60 -8.82
C SER A 50 -12.38 4.48 -9.27
N PRO A 51 -12.27 5.77 -8.76
CA PRO A 51 -11.13 6.66 -9.08
C PRO A 51 -9.79 6.05 -8.58
N SER A 52 -9.06 5.48 -9.53
CA SER A 52 -7.77 4.80 -9.29
C SER A 52 -6.83 5.09 -10.46
N LEU A 53 -6.82 6.38 -10.89
CA LEU A 53 -6.05 6.87 -12.04
C LEU A 53 -4.56 7.01 -11.65
N GLU A 54 -3.92 5.87 -11.39
CA GLU A 54 -2.53 5.80 -10.95
C GLU A 54 -1.60 5.93 -12.17
N HIS A 55 -0.73 6.94 -12.15
CA HIS A 55 0.22 7.18 -13.25
C HIS A 55 1.41 6.23 -13.08
N HIS A 56 1.19 4.98 -13.50
CA HIS A 56 2.19 3.91 -13.43
C HIS A 56 3.38 4.25 -14.34
N HIS A 57 4.59 4.20 -13.77
CA HIS A 57 5.84 4.63 -14.44
C HIS A 57 6.18 3.72 -15.64
N HIS A 58 5.68 2.49 -15.57
CA HIS A 58 5.78 1.51 -16.67
C HIS A 58 4.46 0.74 -16.80
N HIS A 59 4.29 0.02 -17.91
CA HIS A 59 3.11 -0.82 -18.16
C HIS A 59 3.22 -2.15 -17.40
N HIS A 60 2.09 -2.62 -16.80
CA HIS A 60 2.02 -3.95 -16.17
C HIS A 60 1.55 -4.98 -17.23
N MET B 1 -21.93 -20.78 1.07
CA MET B 1 -21.31 -19.46 1.35
C MET B 1 -19.81 -19.65 1.63
N GLU B 2 -18.98 -19.28 0.64
CA GLU B 2 -17.52 -19.49 0.65
C GLU B 2 -16.87 -18.60 -0.43
N GLU B 3 -15.55 -18.77 -0.59
CA GLU B 3 -14.81 -18.14 -1.70
C GLU B 3 -15.04 -18.95 -2.99
N LEU B 4 -16.03 -18.50 -3.76
CA LEU B 4 -16.35 -19.04 -5.10
C LEU B 4 -15.47 -18.31 -6.13
N SER B 5 -14.94 -19.05 -7.12
CA SER B 5 -14.10 -18.50 -8.19
C SER B 5 -14.52 -19.11 -9.55
N GLY B 6 -15.31 -18.34 -10.32
CA GLY B 6 -15.73 -18.75 -11.64
C GLY B 6 -17.13 -18.29 -11.99
N LYS B 7 -17.23 -17.09 -12.60
CA LYS B 7 -18.49 -16.54 -13.13
C LYS B 7 -18.23 -15.92 -14.52
N PRO B 8 -19.29 -15.81 -15.40
CA PRO B 8 -19.23 -15.03 -16.65
C PRO B 8 -19.10 -13.50 -16.37
N LEU B 9 -17.87 -13.09 -16.00
CA LEU B 9 -17.56 -11.68 -15.69
C LEU B 9 -17.23 -10.91 -16.98
N SER B 10 -17.61 -9.64 -17.00
CA SER B 10 -17.40 -8.76 -18.17
C SER B 10 -15.98 -8.16 -18.13
N TYR B 11 -15.62 -7.45 -19.22
CA TYR B 11 -14.39 -6.60 -19.25
C TYR B 11 -14.54 -5.48 -18.21
N ALA B 12 -15.79 -5.09 -17.97
CA ALA B 12 -16.18 -4.20 -16.86
C ALA B 12 -15.52 -4.65 -15.53
N GLU B 13 -15.80 -5.89 -15.09
CA GLU B 13 -15.17 -6.51 -13.89
C GLU B 13 -13.63 -6.55 -13.98
N LYS B 14 -13.12 -6.67 -15.21
CA LYS B 14 -11.66 -6.73 -15.48
C LYS B 14 -11.03 -5.31 -15.26
N GLU B 15 -11.84 -4.27 -15.52
CA GLU B 15 -11.47 -2.87 -15.29
C GLU B 15 -11.42 -2.60 -13.79
N LYS B 16 -12.44 -3.09 -13.05
CA LYS B 16 -12.54 -2.91 -11.58
C LYS B 16 -11.27 -3.47 -10.90
N LEU B 17 -10.90 -4.68 -11.33
CA LEU B 17 -9.78 -5.43 -10.78
C LEU B 17 -8.45 -4.71 -11.04
N LYS B 18 -8.15 -4.42 -12.32
CA LYS B 18 -6.85 -3.83 -12.74
C LYS B 18 -6.58 -2.47 -12.03
N GLU B 19 -7.66 -1.72 -11.76
CA GLU B 19 -7.61 -0.45 -11.02
C GLU B 19 -7.12 -0.69 -9.58
N LYS B 20 -7.83 -1.58 -8.86
CA LYS B 20 -7.59 -1.81 -7.42
C LYS B 20 -6.20 -2.42 -7.16
N LEU B 21 -5.79 -3.34 -8.03
CA LEU B 21 -4.46 -3.96 -7.95
C LEU B 21 -3.39 -2.88 -8.06
N ALA B 22 -3.35 -2.22 -9.22
CA ALA B 22 -2.28 -1.27 -9.58
C ALA B 22 -2.22 -0.05 -8.64
N PHE B 23 -3.39 0.42 -8.14
CA PHE B 23 -3.50 1.62 -7.29
C PHE B 23 -3.07 1.34 -5.85
N LEU B 24 -3.59 0.24 -5.26
CA LEU B 24 -3.34 -0.10 -3.83
C LEU B 24 -1.94 -0.72 -3.65
N LYS B 25 -1.46 -1.46 -4.68
CA LYS B 25 -0.05 -1.93 -4.78
C LYS B 25 0.92 -0.74 -4.85
N LYS B 26 0.55 0.29 -5.64
CA LYS B 26 1.36 1.51 -5.78
C LYS B 26 1.46 2.29 -4.47
N GLU B 27 0.31 2.48 -3.80
CA GLU B 27 0.25 3.19 -2.50
C GLU B 27 0.97 2.37 -1.42
N TYR B 28 0.88 1.04 -1.51
CA TYR B 28 1.58 0.12 -0.61
C TYR B 28 3.09 0.36 -0.69
N SER B 29 3.60 0.42 -1.94
CA SER B 29 5.00 0.66 -2.25
C SER B 29 5.46 2.06 -1.78
N ARG B 30 4.59 3.07 -1.94
CA ARG B 30 4.91 4.47 -1.58
C ARG B 30 5.04 4.65 -0.06
N THR B 31 3.95 4.31 0.67
CA THR B 31 3.89 4.42 2.15
C THR B 31 5.06 3.66 2.82
N LEU B 32 5.11 2.35 2.51
CA LEU B 32 6.15 1.44 2.99
C LEU B 32 7.58 2.01 2.75
N ALA B 33 7.92 2.33 1.48
CA ALA B 33 9.30 2.75 1.11
C ALA B 33 9.71 4.06 1.83
N ARG B 34 8.90 5.13 1.64
CA ARG B 34 9.11 6.46 2.27
C ARG B 34 9.44 6.37 3.78
N LEU B 35 8.58 5.69 4.54
CA LEU B 35 8.69 5.61 6.00
C LEU B 35 9.83 4.66 6.43
N GLN B 36 9.89 3.46 5.79
CA GLN B 36 10.97 2.46 6.01
C GLN B 36 12.37 3.08 5.95
N ARG B 37 12.68 3.75 4.81
CA ARG B 37 14.00 4.34 4.58
C ARG B 37 14.23 5.56 5.49
N ALA B 38 13.14 6.29 5.82
CA ALA B 38 13.20 7.43 6.76
C ALA B 38 13.61 6.98 8.17
N LYS B 39 13.08 5.82 8.60
CA LYS B 39 13.38 5.23 9.93
C LYS B 39 14.86 4.82 10.04
N ARG B 40 15.35 4.14 8.98
CA ARG B 40 16.73 3.62 8.94
C ARG B 40 17.75 4.77 8.79
N ALA B 41 17.55 5.62 7.77
CA ALA B 41 18.39 6.82 7.49
C ALA B 41 18.54 7.77 8.71
N GLU B 42 17.41 8.17 9.34
CA GLU B 42 17.45 9.12 10.48
C GLU B 42 18.11 8.50 11.71
N LYS B 43 17.81 7.21 11.97
CA LYS B 43 18.42 6.43 13.07
C LYS B 43 19.90 6.09 12.77
N ALA B 44 20.28 6.24 11.47
CA ALA B 44 21.66 6.12 10.97
C ALA B 44 22.12 4.66 10.85
N LYS B 45 21.17 3.69 10.91
CA LYS B 45 21.50 2.25 10.81
C LYS B 45 21.73 1.83 9.35
N ASN B 46 22.97 2.05 8.90
CA ASN B 46 23.53 1.50 7.66
C ASN B 46 25.02 1.83 7.70
N SER B 47 25.87 0.81 7.54
CA SER B 47 27.33 0.91 7.74
C SER B 47 28.08 1.42 6.49
N LYS B 48 27.39 2.26 5.67
CA LYS B 48 27.97 2.88 4.47
C LYS B 48 28.19 1.78 3.40
N LYS B 49 27.19 1.64 2.51
CA LYS B 49 27.16 0.58 1.49
C LYS B 49 26.20 1.06 0.38
N ALA B 50 24.95 1.28 0.80
CA ALA B 50 23.88 1.78 -0.07
C ALA B 50 22.86 2.53 0.80
N ILE B 51 23.35 3.54 1.54
CA ILE B 51 22.50 4.40 2.39
C ILE B 51 21.54 5.19 1.49
N GLU B 52 20.26 4.80 1.48
CA GLU B 52 19.20 5.59 0.84
C GLU B 52 19.08 6.91 1.62
N ASP B 53 19.05 8.02 0.89
CA ASP B 53 19.33 9.38 1.41
C ASP B 53 18.47 9.74 2.65
N GLY B 54 19.08 10.52 3.54
CA GLY B 54 18.41 11.02 4.73
C GLY B 54 17.54 12.21 4.42
N VAL B 55 16.29 12.16 4.90
CA VAL B 55 15.34 13.27 4.81
C VAL B 55 15.66 14.34 5.89
N PRO B 56 15.09 15.57 5.82
CA PRO B 56 15.01 16.44 7.02
C PRO B 56 14.21 15.70 8.11
N GLN B 57 14.81 15.52 9.32
CA GLN B 57 14.22 14.74 10.43
C GLN B 57 12.74 15.09 10.66
N PRO B 58 11.77 14.15 10.33
CA PRO B 58 10.33 14.40 10.54
C PRO B 58 10.02 14.62 12.03
N GLU B 59 9.39 15.77 12.35
CA GLU B 59 8.80 16.01 13.68
C GLU B 59 7.52 15.16 13.81
N ALA B 60 7.75 13.85 13.96
CA ALA B 60 6.70 12.82 14.04
C ALA B 60 6.71 12.19 15.44
N LEU B 61 7.15 12.98 16.44
CA LEU B 61 7.28 12.52 17.83
C LEU B 61 5.94 12.73 18.55
N GLU B 62 5.23 11.62 18.77
CA GLU B 62 3.99 11.58 19.55
C GLU B 62 3.82 10.16 20.13
N HIS B 63 3.90 10.08 21.47
CA HIS B 63 3.82 8.84 22.22
C HIS B 63 3.55 9.18 23.71
N HIS B 64 2.55 8.54 24.31
CA HIS B 64 2.20 8.72 25.72
C HIS B 64 2.38 7.38 26.45
N HIS B 65 2.89 7.42 27.69
CA HIS B 65 2.96 6.23 28.54
C HIS B 65 1.56 5.98 29.14
N HIS B 66 0.72 5.24 28.40
CA HIS B 66 -0.61 4.83 28.88
C HIS B 66 -0.44 3.78 29.99
N HIS B 67 -1.04 4.05 31.15
CA HIS B 67 -0.92 3.19 32.35
C HIS B 67 -2.02 3.55 33.36
N HIS B 68 -2.84 2.55 33.71
CA HIS B 68 -3.82 2.66 34.79
C HIS B 68 -3.13 2.27 36.12
N MET A 1 26.58 -11.02 19.36
CA MET A 1 26.61 -9.80 20.19
C MET A 1 26.32 -8.53 19.36
N ASN A 2 25.68 -8.70 18.16
CA ASN A 2 25.26 -7.56 17.30
C ASN A 2 23.84 -7.08 17.72
N LEU A 3 23.73 -6.66 19.00
CA LEU A 3 22.45 -6.31 19.64
C LEU A 3 21.81 -5.04 19.03
N SER A 4 22.66 -4.13 18.52
CA SER A 4 22.23 -2.91 17.82
C SER A 4 23.09 -2.70 16.57
N GLU A 5 22.79 -3.47 15.51
CA GLU A 5 23.46 -3.32 14.21
C GLU A 5 22.70 -2.27 13.37
N ASP A 6 21.36 -2.20 13.55
CA ASP A 6 20.49 -1.27 12.78
C ASP A 6 19.73 -0.32 13.74
N CYS A 7 20.30 0.81 14.20
CA CYS A 7 21.72 1.22 14.07
C CYS A 7 21.89 2.32 15.12
N SER A 8 21.21 3.46 14.89
CA SER A 8 20.86 4.42 15.93
C SER A 8 19.45 4.02 16.44
N GLN A 9 19.36 2.79 16.97
CA GLN A 9 18.10 2.15 17.29
C GLN A 9 17.63 2.56 18.70
N SER A 10 16.84 3.65 18.74
CA SER A 10 16.23 4.15 19.97
C SER A 10 14.96 4.93 19.60
N ASP A 11 15.11 6.19 19.17
CA ASP A 11 13.99 7.02 18.73
C ASP A 11 13.99 7.13 17.20
N ILE A 12 13.07 6.39 16.54
CA ILE A 12 12.92 6.42 15.07
C ILE A 12 11.46 6.72 14.71
N LEU A 13 10.57 5.75 15.00
CA LEU A 13 9.15 5.84 14.67
C LEU A 13 8.34 5.93 15.98
N THR A 14 7.67 7.08 16.20
CA THR A 14 6.81 7.31 17.37
C THR A 14 5.53 6.48 17.27
N THR A 15 4.86 6.23 18.40
CA THR A 15 3.65 5.38 18.46
C THR A 15 2.48 6.03 17.70
N GLN A 16 2.47 7.37 17.61
CA GLN A 16 1.44 8.13 16.88
C GLN A 16 1.65 7.98 15.36
N GLN A 17 2.92 8.12 14.92
CA GLN A 17 3.29 7.89 13.51
C GLN A 17 3.15 6.42 13.13
N ARG A 18 3.37 5.53 14.10
CA ARG A 18 3.26 4.08 13.94
C ARG A 18 1.79 3.70 13.80
N ALA A 19 0.92 4.46 14.48
CA ALA A 19 -0.53 4.26 14.43
C ALA A 19 -1.09 4.56 13.03
N THR A 20 -0.72 5.73 12.47
CA THR A 20 -1.22 6.17 11.15
C THR A 20 -0.66 5.33 9.99
N MET A 21 0.67 5.07 9.99
CA MET A 21 1.31 4.34 8.88
C MET A 21 0.82 2.89 8.83
N LYS A 22 0.61 2.31 10.03
CA LYS A 22 0.07 0.96 10.19
C LYS A 22 -1.39 0.95 9.74
N TYR A 23 -2.21 1.88 10.28
CA TYR A 23 -3.64 1.98 9.93
C TYR A 23 -3.85 2.11 8.41
N ASN A 24 -3.01 2.92 7.77
CA ASN A 24 -3.09 3.14 6.32
C ASN A 24 -2.90 1.81 5.59
N LEU A 25 -1.79 1.13 5.92
CA LEU A 25 -1.45 -0.20 5.38
C LEU A 25 -2.50 -1.27 5.75
N ILE A 26 -3.17 -1.10 6.91
CA ILE A 26 -4.20 -2.05 7.42
C ILE A 26 -5.48 -1.94 6.58
N LYS A 27 -5.98 -0.70 6.42
CA LYS A 27 -7.21 -0.43 5.67
C LYS A 27 -7.01 -0.85 4.20
N LEU A 28 -5.85 -0.48 3.66
CA LEU A 28 -5.44 -0.84 2.30
C LEU A 28 -5.34 -2.37 2.11
N GLN A 29 -4.66 -3.09 3.04
CA GLN A 29 -4.41 -4.54 2.87
C GLN A 29 -5.72 -5.37 3.01
N GLN A 30 -6.63 -4.89 3.88
CA GLN A 30 -7.90 -5.60 4.16
C GLN A 30 -8.90 -5.38 3.02
N GLU A 31 -8.98 -4.14 2.51
CA GLU A 31 -9.90 -3.79 1.41
C GLU A 31 -9.39 -4.40 0.10
N MET A 32 -8.04 -4.47 -0.06
CA MET A 32 -7.38 -5.04 -1.25
C MET A 32 -7.65 -6.53 -1.33
N ALA A 33 -7.30 -7.25 -0.26
CA ALA A 33 -7.53 -8.71 -0.16
C ALA A 33 -9.01 -9.08 -0.41
N HIS A 34 -9.92 -8.18 0.01
CA HIS A 34 -11.35 -8.32 -0.27
C HIS A 34 -11.63 -8.19 -1.78
N LEU A 35 -11.37 -7.01 -2.38
CA LEU A 35 -11.68 -6.74 -3.81
C LEU A 35 -10.87 -7.63 -4.77
N GLU A 36 -9.74 -8.16 -4.28
CA GLU A 36 -8.78 -8.91 -5.10
C GLU A 36 -9.27 -10.34 -5.26
N ALA A 37 -9.53 -11.00 -4.13
CA ALA A 37 -10.00 -12.38 -4.10
C ALA A 37 -11.45 -12.46 -4.60
N VAL A 38 -12.32 -11.63 -3.98
CA VAL A 38 -13.75 -11.63 -4.28
C VAL A 38 -14.06 -11.28 -5.77
N LEU A 39 -13.32 -10.33 -6.40
CA LEU A 39 -13.58 -9.99 -7.83
C LEU A 39 -12.97 -11.08 -8.76
N GLU A 40 -11.79 -11.60 -8.41
CA GLU A 40 -11.10 -12.63 -9.22
C GLU A 40 -11.91 -13.94 -9.24
N GLN A 41 -12.59 -14.25 -8.13
CA GLN A 41 -13.42 -15.46 -8.00
C GLN A 41 -14.86 -15.19 -8.47
N ARG A 42 -15.46 -14.07 -8.02
CA ARG A 42 -16.86 -13.73 -8.36
C ARG A 42 -17.02 -12.21 -8.50
N GLY A 43 -16.49 -11.68 -9.62
CA GLY A 43 -16.58 -10.25 -9.94
C GLY A 43 -18.01 -9.77 -10.06
N ASN A 44 -18.45 -9.01 -9.06
CA ASN A 44 -19.86 -8.65 -8.88
C ASN A 44 -19.98 -7.81 -7.60
N GLN A 45 -19.43 -8.38 -6.51
CA GLN A 45 -19.58 -7.85 -5.13
C GLN A 45 -18.86 -6.50 -4.88
N PRO A 46 -17.55 -6.29 -5.29
CA PRO A 46 -16.88 -4.98 -5.07
C PRO A 46 -17.48 -3.87 -5.96
N SER A 47 -18.47 -3.15 -5.41
CA SER A 47 -19.04 -1.95 -6.03
C SER A 47 -18.00 -0.81 -5.96
N GLY A 48 -17.11 -0.79 -6.95
CA GLY A 48 -16.01 0.16 -6.99
C GLY A 48 -15.61 0.47 -8.41
N HIS A 49 -15.80 1.73 -8.81
CA HIS A 49 -15.34 2.26 -10.09
C HIS A 49 -14.52 3.51 -9.80
N SER A 50 -13.19 3.38 -9.93
CA SER A 50 -12.23 4.43 -9.54
C SER A 50 -12.17 5.53 -10.61
N PRO A 51 -12.25 6.85 -10.21
CA PRO A 51 -12.06 7.99 -11.16
C PRO A 51 -10.71 7.91 -11.91
N SER A 52 -9.65 7.60 -11.15
CA SER A 52 -8.32 7.36 -11.69
C SER A 52 -8.19 5.86 -12.05
N LEU A 53 -8.55 5.51 -13.32
CA LEU A 53 -8.37 4.16 -13.87
C LEU A 53 -6.85 3.90 -13.95
N GLU A 54 -6.36 2.94 -13.17
CA GLU A 54 -4.93 2.61 -13.14
C GLU A 54 -4.61 1.27 -13.80
N HIS A 55 -3.63 1.33 -14.70
CA HIS A 55 -2.90 0.18 -15.20
C HIS A 55 -1.46 0.61 -15.52
N HIS A 56 -1.05 1.80 -15.01
CA HIS A 56 0.35 2.24 -15.06
C HIS A 56 1.14 1.29 -14.17
N HIS A 57 1.81 0.30 -14.80
CA HIS A 57 2.52 -0.75 -14.07
C HIS A 57 3.66 -0.13 -13.25
N HIS A 58 3.46 -0.07 -11.94
CA HIS A 58 4.46 0.44 -11.00
C HIS A 58 4.93 -0.71 -10.11
N HIS A 59 6.16 -1.17 -10.36
CA HIS A 59 6.82 -2.14 -9.47
C HIS A 59 7.52 -1.39 -8.34
N HIS A 60 7.51 -1.97 -7.14
CA HIS A 60 8.30 -1.42 -6.03
C HIS A 60 9.74 -2.00 -6.10
N MET B 1 -23.64 -4.39 -8.29
CA MET B 1 -23.79 -5.69 -7.59
C MET B 1 -25.10 -6.36 -8.01
N GLU B 2 -25.13 -6.85 -9.26
CA GLU B 2 -26.28 -7.60 -9.82
C GLU B 2 -25.96 -9.10 -9.76
N GLU B 3 -26.66 -9.82 -8.87
CA GLU B 3 -26.31 -11.18 -8.43
C GLU B 3 -26.39 -12.23 -9.54
N LEU B 4 -25.29 -12.38 -10.28
CA LEU B 4 -25.01 -13.52 -11.13
C LEU B 4 -23.67 -14.13 -10.65
N SER B 5 -23.76 -15.19 -9.82
CA SER B 5 -22.58 -15.88 -9.28
C SER B 5 -22.11 -16.98 -10.25
N GLY B 6 -21.86 -16.58 -11.49
CA GLY B 6 -21.45 -17.48 -12.56
C GLY B 6 -21.60 -16.83 -13.91
N LYS B 7 -21.27 -15.53 -14.00
CA LYS B 7 -21.30 -14.75 -15.25
C LYS B 7 -19.85 -14.58 -15.76
N PRO B 8 -19.59 -14.73 -17.10
CA PRO B 8 -18.23 -14.57 -17.67
C PRO B 8 -17.71 -13.14 -17.46
N LEU B 9 -16.54 -13.00 -16.81
CA LEU B 9 -15.92 -11.68 -16.54
C LEU B 9 -15.74 -10.92 -17.88
N SER B 10 -16.55 -9.86 -18.09
CA SER B 10 -16.51 -9.05 -19.31
C SER B 10 -15.29 -8.12 -19.30
N TYR B 11 -15.09 -7.38 -20.40
CA TYR B 11 -14.00 -6.41 -20.50
C TYR B 11 -14.15 -5.35 -19.39
N ALA B 12 -15.32 -4.71 -19.32
CA ALA B 12 -15.65 -3.72 -18.27
C ALA B 12 -15.58 -4.30 -16.82
N GLU B 13 -15.64 -5.64 -16.69
CA GLU B 13 -15.64 -6.32 -15.38
C GLU B 13 -14.20 -6.51 -14.88
N LYS B 14 -13.28 -6.83 -15.81
CA LYS B 14 -11.85 -7.01 -15.50
C LYS B 14 -11.13 -5.65 -15.52
N GLU B 15 -11.74 -4.65 -16.15
CA GLU B 15 -11.28 -3.25 -16.10
C GLU B 15 -11.58 -2.65 -14.71
N LYS B 16 -12.72 -3.05 -14.12
CA LYS B 16 -13.03 -2.81 -12.70
C LYS B 16 -11.91 -3.37 -11.82
N LEU B 17 -11.60 -4.66 -12.03
CA LEU B 17 -10.49 -5.39 -11.37
C LEU B 17 -9.14 -4.68 -11.56
N LYS B 18 -8.97 -4.11 -12.77
CA LYS B 18 -7.72 -3.44 -13.17
C LYS B 18 -7.49 -2.18 -12.31
N GLU B 19 -8.56 -1.37 -12.16
CA GLU B 19 -8.56 -0.17 -11.31
C GLU B 19 -8.25 -0.56 -9.86
N LYS B 20 -9.00 -1.56 -9.35
CA LYS B 20 -9.01 -1.94 -7.93
C LYS B 20 -7.60 -2.33 -7.46
N LEU B 21 -6.98 -3.28 -8.19
CA LEU B 21 -5.65 -3.80 -7.85
C LEU B 21 -4.56 -2.74 -8.10
N ALA B 22 -4.41 -2.26 -9.34
CA ALA B 22 -3.29 -1.36 -9.73
C ALA B 22 -3.26 -0.07 -8.88
N PHE B 23 -4.43 0.55 -8.65
CA PHE B 23 -4.55 1.75 -7.79
C PHE B 23 -4.16 1.43 -6.34
N LEU B 24 -4.71 0.33 -5.77
CA LEU B 24 -4.53 -0.01 -4.35
C LEU B 24 -3.09 -0.47 -4.09
N LYS B 25 -2.68 -1.55 -4.79
CA LYS B 25 -1.29 -2.08 -4.80
C LYS B 25 -0.24 -0.97 -5.03
N LYS B 26 -0.64 0.12 -5.76
CA LYS B 26 0.24 1.27 -5.93
C LYS B 26 0.41 2.00 -4.58
N GLU B 27 -0.71 2.43 -3.95
CA GLU B 27 -0.68 3.29 -2.73
C GLU B 27 -0.13 2.50 -1.52
N TYR B 28 -0.49 1.21 -1.47
CA TYR B 28 -0.11 0.30 -0.39
C TYR B 28 1.40 0.08 -0.39
N SER B 29 1.92 -0.38 -1.54
CA SER B 29 3.37 -0.65 -1.70
C SER B 29 4.18 0.67 -1.66
N ARG B 30 3.53 1.79 -2.02
CA ARG B 30 4.16 3.12 -1.98
C ARG B 30 4.24 3.63 -0.53
N THR B 31 3.24 3.31 0.32
CA THR B 31 3.26 3.69 1.75
C THR B 31 4.31 2.83 2.49
N LEU B 32 4.29 1.52 2.22
CA LEU B 32 5.34 0.57 2.61
C LEU B 32 6.75 1.10 2.20
N ALA B 33 6.82 1.78 1.03
CA ALA B 33 8.06 2.44 0.54
C ALA B 33 8.41 3.69 1.39
N ARG B 34 7.43 4.59 1.63
CA ARG B 34 7.60 5.81 2.48
C ARG B 34 8.32 5.49 3.81
N LEU B 35 7.81 4.48 4.51
CA LEU B 35 8.28 4.12 5.86
C LEU B 35 9.57 3.31 5.82
N GLN B 36 9.69 2.34 4.89
CA GLN B 36 10.96 1.60 4.71
C GLN B 36 12.14 2.57 4.45
N ARG B 37 11.90 3.65 3.66
CA ARG B 37 12.89 4.73 3.43
C ARG B 37 13.21 5.47 4.73
N ALA B 38 12.14 5.92 5.41
CA ALA B 38 12.23 6.81 6.58
C ALA B 38 13.00 6.14 7.74
N LYS B 39 12.58 4.92 8.10
CA LYS B 39 13.22 4.16 9.20
C LYS B 39 14.69 3.84 8.88
N ARG B 40 14.92 3.31 7.66
CA ARG B 40 16.26 2.87 7.17
C ARG B 40 17.31 3.98 7.24
N ALA B 41 17.01 5.12 6.61
CA ALA B 41 17.93 6.26 6.56
C ALA B 41 18.07 6.99 7.92
N GLU B 42 16.98 7.06 8.71
CA GLU B 42 16.98 7.83 9.98
C GLU B 42 17.81 7.15 11.08
N LYS B 43 17.80 5.80 11.12
CA LYS B 43 18.71 5.04 12.01
C LYS B 43 20.16 5.07 11.49
N ALA B 44 20.31 5.48 10.21
CA ALA B 44 21.60 5.59 9.51
C ALA B 44 22.12 4.20 9.13
N LYS B 45 21.57 3.66 8.05
CA LYS B 45 22.01 2.41 7.43
C LYS B 45 22.17 2.62 5.91
N ASN B 46 23.05 1.81 5.28
CA ASN B 46 23.39 1.90 3.85
C ASN B 46 22.15 1.65 2.97
N SER B 47 21.90 2.59 2.02
CA SER B 47 20.70 2.57 1.16
C SER B 47 20.80 3.64 0.05
N LYS B 48 20.42 4.88 0.38
CA LYS B 48 20.27 6.01 -0.56
C LYS B 48 19.68 7.20 0.20
N LYS B 49 20.26 8.39 0.04
CA LYS B 49 19.62 9.64 0.51
C LYS B 49 18.50 10.02 -0.48
N ALA B 50 17.33 9.42 -0.22
CA ALA B 50 16.10 9.65 -0.98
C ALA B 50 14.92 9.34 -0.06
N ILE B 51 14.95 9.98 1.13
CA ILE B 51 14.01 9.71 2.21
C ILE B 51 12.60 10.17 1.83
N GLU B 52 11.63 9.31 2.12
CA GLU B 52 10.21 9.59 1.91
C GLU B 52 9.53 9.72 3.28
N ASP B 53 8.67 10.73 3.43
CA ASP B 53 8.06 11.08 4.72
C ASP B 53 6.97 10.08 5.13
N GLY B 54 7.12 9.54 6.35
CA GLY B 54 6.08 8.75 7.02
C GLY B 54 5.43 9.56 8.13
N VAL B 55 4.78 10.68 7.72
CA VAL B 55 4.23 11.71 8.64
C VAL B 55 3.09 11.15 9.53
N PRO B 56 2.77 11.82 10.69
CA PRO B 56 1.57 11.47 11.50
C PRO B 56 0.25 11.81 10.77
N GLN B 57 -0.87 11.64 11.47
CA GLN B 57 -2.22 11.87 10.90
C GLN B 57 -2.87 13.12 11.53
N PRO B 58 -3.75 13.85 10.79
CA PRO B 58 -4.77 14.73 11.42
C PRO B 58 -5.81 13.84 12.15
N GLU B 59 -6.48 14.41 13.18
CA GLU B 59 -7.32 13.66 14.15
C GLU B 59 -8.32 12.68 13.49
N ALA B 60 -7.83 11.45 13.24
CA ALA B 60 -8.64 10.36 12.68
C ALA B 60 -8.99 9.38 13.79
N LEU B 61 -10.14 9.62 14.45
CA LEU B 61 -10.61 8.79 15.54
C LEU B 61 -11.25 7.50 14.98
N GLU B 62 -10.40 6.53 14.67
CA GLU B 62 -10.80 5.18 14.24
C GLU B 62 -10.98 4.29 15.46
N HIS B 63 -11.91 3.34 15.33
CA HIS B 63 -12.23 2.38 16.39
C HIS B 63 -11.32 1.14 16.29
N HIS B 64 -11.54 0.17 17.18
CA HIS B 64 -10.67 -1.01 17.31
C HIS B 64 -10.99 -2.04 16.23
N HIS B 65 -10.21 -2.03 15.14
CA HIS B 65 -10.41 -2.89 13.96
C HIS B 65 -9.97 -4.33 14.28
N HIS B 66 -10.95 -5.23 14.48
CA HIS B 66 -10.68 -6.66 14.74
C HIS B 66 -10.38 -7.39 13.41
N HIS B 67 -9.32 -8.25 13.41
CA HIS B 67 -8.86 -8.96 12.21
C HIS B 67 -8.72 -10.47 12.47
N HIS B 68 -9.05 -11.29 11.46
CA HIS B 68 -8.93 -12.75 11.50
C HIS B 68 -8.05 -13.23 10.33
N MET A 1 33.19 3.90 15.32
CA MET A 1 32.08 4.74 14.79
C MET A 1 30.72 4.34 15.42
N ASN A 2 30.56 3.07 15.83
CA ASN A 2 29.24 2.51 16.28
C ASN A 2 28.92 2.85 17.76
N LEU A 3 29.42 4.00 18.28
CA LEU A 3 28.96 4.58 19.56
C LEU A 3 27.45 4.89 19.45
N SER A 4 27.07 5.38 18.26
CA SER A 4 25.67 5.45 17.82
C SER A 4 25.27 4.04 17.33
N GLU A 5 24.95 3.18 18.32
CA GLU A 5 24.51 1.79 18.10
C GLU A 5 23.24 1.80 17.23
N ASP A 6 22.13 2.28 17.80
CA ASP A 6 20.86 2.42 17.09
C ASP A 6 19.85 3.22 17.96
N CYS A 7 19.85 4.57 17.98
CA CYS A 7 20.84 5.55 17.42
C CYS A 7 20.26 6.92 17.73
N SER A 8 19.04 7.11 17.21
CA SER A 8 18.19 8.28 17.43
C SER A 8 16.71 7.83 17.41
N GLN A 9 16.53 6.50 17.66
CA GLN A 9 15.31 5.71 17.31
C GLN A 9 14.02 6.30 17.90
N SER A 10 14.11 6.77 19.17
CA SER A 10 12.95 7.28 19.93
C SER A 10 12.17 8.36 19.14
N ASP A 11 12.90 9.36 18.61
CA ASP A 11 12.34 10.31 17.64
C ASP A 11 12.94 10.02 16.25
N ILE A 12 12.20 9.26 15.45
CA ILE A 12 12.45 8.98 14.02
C ILE A 12 11.07 8.82 13.38
N LEU A 13 10.39 7.76 13.85
CA LEU A 13 9.07 7.39 13.45
C LEU A 13 8.30 7.10 14.76
N THR A 14 7.31 7.95 15.09
CA THR A 14 6.57 7.87 16.36
C THR A 14 5.36 6.91 16.26
N THR A 15 4.77 6.55 17.41
CA THR A 15 3.64 5.60 17.51
C THR A 15 2.38 6.14 16.80
N GLN A 16 2.13 7.45 16.92
CA GLN A 16 1.00 8.13 16.24
C GLN A 16 1.05 7.90 14.71
N GLN A 17 2.18 8.30 14.08
CA GLN A 17 2.34 8.15 12.62
C GLN A 17 2.48 6.67 12.22
N ARG A 18 2.97 5.83 13.17
CA ARG A 18 3.10 4.36 12.99
C ARG A 18 1.73 3.68 12.99
N ALA A 19 0.82 4.25 13.80
CA ALA A 19 -0.57 3.78 13.91
C ALA A 19 -1.31 4.04 12.61
N THR A 20 -1.23 5.29 12.15
CA THR A 20 -1.78 5.74 10.86
C THR A 20 -1.30 4.83 9.70
N MET A 21 0.03 4.73 9.53
CA MET A 21 0.65 4.00 8.39
C MET A 21 0.44 2.48 8.46
N LYS A 22 0.34 1.89 9.68
CA LYS A 22 0.10 0.43 9.81
C LYS A 22 -1.33 0.11 9.37
N TYR A 23 -2.28 0.98 9.78
CA TYR A 23 -3.71 0.86 9.45
C TYR A 23 -3.93 1.14 7.96
N ASN A 24 -3.03 1.95 7.38
CA ASN A 24 -2.98 2.20 5.94
C ASN A 24 -2.64 0.92 5.18
N LEU A 25 -1.59 0.21 5.61
CA LEU A 25 -1.18 -1.06 4.98
C LEU A 25 -2.23 -2.16 5.22
N ILE A 26 -2.93 -2.08 6.38
CA ILE A 26 -4.03 -2.99 6.75
C ILE A 26 -5.23 -2.82 5.79
N LYS A 27 -5.65 -1.57 5.55
CA LYS A 27 -6.85 -1.28 4.73
C LYS A 27 -6.61 -1.70 3.26
N LEU A 28 -5.40 -1.40 2.76
CA LEU A 28 -5.00 -1.67 1.35
C LEU A 28 -4.90 -3.17 1.07
N GLN A 29 -4.28 -3.94 2.00
CA GLN A 29 -4.09 -5.40 1.83
C GLN A 29 -5.43 -6.16 1.90
N GLN A 30 -6.36 -5.63 2.73
CA GLN A 30 -7.70 -6.20 2.89
C GLN A 30 -8.55 -5.89 1.67
N GLU A 31 -8.52 -4.64 1.21
CA GLU A 31 -9.23 -4.20 -0.01
C GLU A 31 -8.65 -4.89 -1.26
N MET A 32 -7.37 -5.25 -1.21
CA MET A 32 -6.68 -5.98 -2.29
C MET A 32 -7.23 -7.41 -2.35
N ALA A 33 -7.20 -8.08 -1.18
CA ALA A 33 -7.66 -9.48 -1.00
C ALA A 33 -9.17 -9.63 -1.33
N HIS A 34 -9.96 -8.65 -0.89
CA HIS A 34 -11.41 -8.57 -1.14
C HIS A 34 -11.67 -8.43 -2.66
N LEU A 35 -10.97 -7.48 -3.29
CA LEU A 35 -11.17 -7.17 -4.72
C LEU A 35 -10.86 -8.40 -5.61
N GLU A 36 -9.63 -8.95 -5.45
CA GLU A 36 -9.12 -10.02 -6.34
C GLU A 36 -10.01 -11.28 -6.26
N ALA A 37 -10.20 -11.81 -5.03
CA ALA A 37 -10.86 -13.09 -4.80
C ALA A 37 -12.38 -12.96 -4.97
N VAL A 38 -12.99 -12.07 -4.16
CA VAL A 38 -14.47 -11.94 -4.11
C VAL A 38 -15.05 -11.48 -5.46
N LEU A 39 -14.24 -10.85 -6.35
CA LEU A 39 -14.69 -10.54 -7.72
C LEU A 39 -14.68 -11.82 -8.60
N GLU A 40 -13.51 -12.48 -8.70
CA GLU A 40 -13.34 -13.66 -9.60
C GLU A 40 -14.20 -14.87 -9.17
N GLN A 41 -14.52 -14.97 -7.86
CA GLN A 41 -15.31 -16.09 -7.29
C GLN A 41 -16.80 -15.72 -7.15
N ARG A 42 -17.10 -14.44 -6.79
CA ARG A 42 -18.50 -13.95 -6.66
C ARG A 42 -18.78 -12.91 -7.77
N GLY A 43 -18.38 -11.64 -7.55
CA GLY A 43 -18.50 -10.58 -8.54
C GLY A 43 -19.13 -9.32 -7.99
N ASN A 44 -20.28 -9.49 -7.34
CA ASN A 44 -21.19 -8.37 -6.98
C ASN A 44 -20.85 -7.66 -5.65
N GLN A 45 -19.98 -8.26 -4.81
CA GLN A 45 -19.57 -7.66 -3.51
C GLN A 45 -18.57 -6.48 -3.69
N PRO A 46 -17.40 -6.63 -4.45
CA PRO A 46 -16.47 -5.49 -4.68
C PRO A 46 -17.15 -4.37 -5.49
N SER A 47 -17.50 -3.26 -4.82
CA SER A 47 -18.11 -2.08 -5.46
C SER A 47 -17.02 -1.06 -5.91
N GLY A 48 -15.83 -1.19 -5.31
CA GLY A 48 -14.70 -0.29 -5.57
C GLY A 48 -14.12 -0.43 -6.98
N HIS A 49 -13.91 0.71 -7.63
CA HIS A 49 -13.36 0.81 -9.00
C HIS A 49 -12.02 1.57 -8.95
N SER A 50 -11.91 2.51 -8.00
CA SER A 50 -10.82 3.50 -7.88
C SER A 50 -10.83 4.49 -9.07
N PRO A 51 -11.41 5.72 -8.89
CA PRO A 51 -11.21 6.85 -9.84
C PRO A 51 -9.81 7.47 -9.65
N SER A 52 -8.79 6.68 -9.97
CA SER A 52 -7.38 7.04 -9.78
C SER A 52 -6.80 7.62 -11.09
N LEU A 53 -6.77 8.95 -11.17
CA LEU A 53 -6.09 9.70 -12.23
C LEU A 53 -5.32 10.87 -11.58
N GLU A 54 -4.64 10.49 -10.47
CA GLU A 54 -3.89 11.39 -9.58
C GLU A 54 -2.94 12.35 -10.33
N HIS A 55 -3.41 13.61 -10.51
CA HIS A 55 -2.65 14.66 -11.19
C HIS A 55 -1.72 15.33 -10.18
N HIS A 56 -0.42 15.04 -10.32
CA HIS A 56 0.65 15.54 -9.43
C HIS A 56 0.75 17.06 -9.59
N HIS A 57 0.35 17.82 -8.54
CA HIS A 57 0.31 19.30 -8.56
C HIS A 57 1.69 19.88 -8.94
N HIS A 58 1.76 20.52 -10.12
CA HIS A 58 3.03 21.01 -10.70
C HIS A 58 2.81 22.34 -11.43
N HIS A 59 3.44 23.41 -10.90
CA HIS A 59 3.40 24.76 -11.47
C HIS A 59 4.13 24.77 -12.83
N HIS A 60 3.37 24.94 -13.93
CA HIS A 60 3.92 24.93 -15.29
C HIS A 60 4.82 26.20 -15.51
N MET B 1 7.27 -8.43 -6.78
CA MET B 1 5.88 -7.90 -6.71
C MET B 1 4.88 -9.07 -6.76
N GLU B 2 3.76 -8.93 -6.02
CA GLU B 2 2.66 -9.91 -6.03
C GLU B 2 1.51 -9.41 -6.90
N GLU B 3 0.81 -10.37 -7.52
CA GLU B 3 -0.46 -10.17 -8.24
C GLU B 3 -0.96 -11.55 -8.68
N LEU B 4 -2.28 -11.74 -8.66
CA LEU B 4 -2.92 -13.03 -8.97
C LEU B 4 -2.98 -13.22 -10.48
N SER B 5 -3.99 -12.60 -11.12
CA SER B 5 -4.20 -12.68 -12.57
C SER B 5 -5.32 -11.70 -12.96
N GLY B 6 -5.18 -11.06 -14.14
CA GLY B 6 -6.24 -10.23 -14.71
C GLY B 6 -7.32 -11.10 -15.33
N LYS B 7 -8.17 -11.68 -14.45
CA LYS B 7 -9.19 -12.67 -14.84
C LYS B 7 -10.23 -12.06 -15.81
N PRO B 8 -10.77 -12.85 -16.80
CA PRO B 8 -11.80 -12.37 -17.73
C PRO B 8 -13.19 -12.21 -17.08
N LEU B 9 -13.35 -11.12 -16.30
CA LEU B 9 -14.66 -10.64 -15.84
C LEU B 9 -15.26 -9.76 -16.96
N SER B 10 -16.57 -9.47 -16.86
CA SER B 10 -17.25 -8.51 -17.76
C SER B 10 -16.54 -7.14 -17.69
N TYR B 11 -16.52 -6.40 -18.82
CA TYR B 11 -15.61 -5.25 -19.08
C TYR B 11 -15.40 -4.29 -17.89
N ALA B 12 -16.51 -3.84 -17.28
CA ALA B 12 -16.49 -2.88 -16.15
C ALA B 12 -15.89 -3.52 -14.88
N GLU B 13 -16.41 -4.73 -14.54
CA GLU B 13 -15.90 -5.56 -13.41
C GLU B 13 -14.37 -5.78 -13.49
N LYS B 14 -13.94 -6.25 -14.66
CA LYS B 14 -12.53 -6.47 -15.03
C LYS B 14 -11.67 -5.19 -14.91
N GLU B 15 -12.27 -4.04 -15.28
CA GLU B 15 -11.60 -2.73 -15.19
C GLU B 15 -11.39 -2.35 -13.71
N LYS B 16 -12.44 -2.58 -12.90
CA LYS B 16 -12.41 -2.38 -11.41
C LYS B 16 -11.27 -3.20 -10.77
N LEU B 17 -11.03 -4.41 -11.30
CA LEU B 17 -9.93 -5.28 -10.85
C LEU B 17 -8.57 -4.60 -11.15
N LYS B 18 -8.34 -4.36 -12.45
CA LYS B 18 -7.11 -3.71 -12.98
C LYS B 18 -6.76 -2.38 -12.25
N GLU B 19 -7.73 -1.46 -12.21
CA GLU B 19 -7.53 -0.06 -11.76
C GLU B 19 -7.33 0.01 -10.24
N LYS B 20 -8.16 -0.74 -9.49
CA LYS B 20 -8.15 -0.69 -8.02
C LYS B 20 -6.94 -1.47 -7.47
N LEU B 21 -6.60 -2.65 -8.05
CA LEU B 21 -5.31 -3.36 -7.74
C LEU B 21 -4.09 -2.45 -8.01
N ALA B 22 -4.14 -1.71 -9.13
CA ALA B 22 -3.06 -0.78 -9.52
C ALA B 22 -2.92 0.35 -8.50
N PHE B 23 -4.06 0.86 -8.03
CA PHE B 23 -4.13 1.93 -7.03
C PHE B 23 -3.59 1.45 -5.67
N LEU B 24 -4.20 0.36 -5.13
CA LEU B 24 -3.90 -0.15 -3.79
C LEU B 24 -2.44 -0.58 -3.67
N LYS B 25 -1.94 -1.30 -4.71
CA LYS B 25 -0.54 -1.77 -4.77
C LYS B 25 0.48 -0.61 -4.85
N LYS B 26 0.13 0.52 -5.55
CA LYS B 26 0.96 1.74 -5.49
C LYS B 26 0.95 2.27 -4.05
N GLU B 27 -0.26 2.63 -3.60
CA GLU B 27 -0.56 3.20 -2.27
C GLU B 27 0.13 2.40 -1.12
N TYR B 28 0.11 1.07 -1.28
CA TYR B 28 0.71 0.12 -0.33
C TYR B 28 2.24 0.27 -0.37
N SER B 29 2.84 -0.09 -1.52
CA SER B 29 4.29 0.01 -1.77
C SER B 29 4.91 1.40 -1.43
N ARG B 30 4.18 2.50 -1.67
CA ARG B 30 4.71 3.88 -1.46
C ARG B 30 4.75 4.22 0.04
N THR B 31 3.64 3.93 0.75
CA THR B 31 3.54 4.16 2.21
C THR B 31 4.49 3.19 2.97
N LEU B 32 4.58 1.95 2.47
CA LEU B 32 5.39 0.89 3.08
C LEU B 32 6.87 1.27 2.94
N ALA B 33 7.33 1.46 1.69
CA ALA B 33 8.74 1.72 1.38
C ALA B 33 9.22 3.05 1.96
N ARG B 34 8.34 4.07 2.01
CA ARG B 34 8.73 5.39 2.57
C ARG B 34 9.03 5.21 4.06
N LEU B 35 8.00 4.82 4.83
CA LEU B 35 8.06 4.74 6.29
C LEU B 35 9.14 3.75 6.75
N GLN B 36 9.20 2.57 6.09
CA GLN B 36 10.20 1.52 6.39
C GLN B 36 11.66 1.98 6.15
N ARG B 37 11.95 2.38 4.89
CA ARG B 37 13.34 2.67 4.47
C ARG B 37 13.85 3.94 5.15
N ALA B 38 13.05 5.03 5.11
CA ALA B 38 13.41 6.31 5.78
C ALA B 38 13.61 6.13 7.29
N LYS B 39 12.82 5.22 7.93
CA LYS B 39 12.96 4.89 9.37
C LYS B 39 14.38 4.37 9.67
N ARG B 40 14.75 3.27 8.99
CA ARG B 40 16.05 2.58 9.19
C ARG B 40 17.22 3.50 8.80
N ALA B 41 17.04 4.19 7.67
CA ALA B 41 17.99 5.20 7.15
C ALA B 41 18.40 6.24 8.21
N GLU B 42 17.42 6.78 8.95
CA GLU B 42 17.67 7.78 10.00
C GLU B 42 18.10 7.10 11.33
N LYS B 43 17.80 5.79 11.48
CA LYS B 43 18.30 4.95 12.61
C LYS B 43 19.77 4.57 12.38
N ALA B 44 20.24 4.71 11.11
CA ALA B 44 21.66 4.76 10.73
C ALA B 44 22.50 3.48 11.05
N LYS B 45 21.86 2.40 11.53
CA LYS B 45 22.55 1.12 11.82
C LYS B 45 22.67 0.31 10.51
N ASN B 46 21.63 0.42 9.69
CA ASN B 46 21.50 -0.32 8.43
C ASN B 46 22.66 0.00 7.45
N SER B 47 23.43 -1.05 7.09
CA SER B 47 24.53 -0.97 6.09
C SER B 47 23.99 -0.55 4.71
N LYS B 48 22.71 -0.89 4.47
CA LYS B 48 21.97 -0.56 3.24
C LYS B 48 21.26 0.81 3.37
N LYS B 49 21.91 1.79 4.05
CA LYS B 49 21.35 3.13 4.23
C LYS B 49 21.29 3.85 2.85
N ALA B 50 20.14 3.72 2.17
CA ALA B 50 19.87 4.37 0.89
C ALA B 50 19.03 5.62 1.12
N ILE B 51 19.26 6.65 0.29
CA ILE B 51 18.58 7.95 0.37
C ILE B 51 17.64 8.12 -0.86
N GLU B 52 16.33 8.01 -0.61
CA GLU B 52 15.28 8.13 -1.65
C GLU B 52 13.98 8.67 -1.00
N ASP B 53 14.15 9.45 0.08
CA ASP B 53 13.03 10.07 0.79
C ASP B 53 12.48 11.25 -0.04
N GLY B 54 11.17 11.49 0.09
CA GLY B 54 10.45 12.47 -0.73
C GLY B 54 9.17 11.89 -1.27
N VAL B 55 9.06 10.55 -1.21
CA VAL B 55 7.86 9.79 -1.58
C VAL B 55 6.67 10.24 -0.69
N PRO B 56 5.56 10.81 -1.28
CA PRO B 56 4.38 11.25 -0.51
C PRO B 56 3.71 10.06 0.24
N GLN B 57 3.65 10.17 1.57
CA GLN B 57 3.00 9.16 2.42
C GLN B 57 1.72 9.78 3.04
N PRO B 58 0.51 9.21 2.77
CA PRO B 58 -0.77 9.72 3.34
C PRO B 58 -0.83 9.60 4.89
N GLU B 59 -0.51 10.73 5.55
CA GLU B 59 -0.65 10.90 7.02
C GLU B 59 -1.95 11.65 7.36
N ALA B 60 -2.43 11.46 8.59
CA ALA B 60 -3.61 12.17 9.13
C ALA B 60 -3.53 12.21 10.67
N LEU B 61 -4.19 11.25 11.37
CA LEU B 61 -4.15 11.18 12.85
C LEU B 61 -4.74 9.84 13.34
N GLU B 62 -4.00 9.18 14.24
CA GLU B 62 -4.48 8.00 14.97
C GLU B 62 -3.52 7.71 16.14
N HIS B 63 -4.03 7.82 17.39
CA HIS B 63 -3.29 7.46 18.62
C HIS B 63 -3.69 6.04 19.05
N HIS B 64 -3.51 5.09 18.12
CA HIS B 64 -3.88 3.67 18.28
C HIS B 64 -3.00 3.02 19.36
N HIS B 65 -3.62 2.33 20.34
CA HIS B 65 -2.89 1.72 21.48
C HIS B 65 -2.13 0.46 21.02
N HIS B 66 -1.00 0.17 21.69
CA HIS B 66 -0.17 -1.01 21.39
C HIS B 66 -0.84 -2.27 21.95
N HIS B 67 -0.55 -3.42 21.33
CA HIS B 67 -1.03 -4.73 21.82
C HIS B 67 -0.06 -5.27 22.89
N HIS B 68 -0.55 -6.16 23.76
CA HIS B 68 0.27 -6.78 24.83
C HIS B 68 0.89 -8.12 24.32
N MET A 1 33.69 2.94 12.93
CA MET A 1 33.16 3.91 13.92
C MET A 1 31.62 3.94 13.88
N ASN A 2 30.98 3.92 15.06
CA ASN A 2 29.52 3.82 15.20
C ASN A 2 28.84 5.19 14.94
N LEU A 3 28.57 5.47 13.65
CA LEU A 3 27.88 6.70 13.20
C LEU A 3 26.44 6.34 12.83
N SER A 4 26.27 5.75 11.63
CA SER A 4 24.94 5.38 11.08
C SER A 4 24.49 4.01 11.62
N GLU A 5 25.44 3.26 12.20
CA GLU A 5 25.19 1.94 12.82
C GLU A 5 24.09 2.01 13.91
N ASP A 6 23.19 1.01 13.94
CA ASP A 6 22.09 0.88 14.94
C ASP A 6 22.68 0.72 16.36
N CYS A 7 22.37 1.51 17.43
CA CYS A 7 21.81 2.89 17.61
C CYS A 7 20.53 2.78 18.41
N SER A 8 19.42 2.42 17.73
CA SER A 8 18.11 2.22 18.37
C SER A 8 17.14 1.61 17.36
N GLN A 9 16.34 0.63 17.80
CA GLN A 9 15.19 0.14 17.04
C GLN A 9 13.86 0.61 17.70
N SER A 10 13.98 1.31 18.85
CA SER A 10 12.85 1.87 19.61
C SER A 10 12.62 3.32 19.18
N ASP A 11 13.62 4.18 19.47
CA ASP A 11 13.58 5.60 19.15
C ASP A 11 13.89 5.76 17.66
N ILE A 12 12.82 5.91 16.85
CA ILE A 12 12.91 6.12 15.40
C ILE A 12 11.70 6.96 14.98
N LEU A 13 10.56 6.24 14.81
CA LEU A 13 9.37 6.72 14.11
C LEU A 13 8.38 7.28 15.12
N THR A 14 7.79 8.44 14.78
CA THR A 14 6.80 9.12 15.63
C THR A 14 5.52 8.26 15.75
N THR A 15 4.93 8.27 16.94
CA THR A 15 3.81 7.39 17.32
C THR A 15 2.54 7.61 16.47
N GLN A 16 2.37 8.84 15.95
CA GLN A 16 1.25 9.19 15.06
C GLN A 16 1.48 8.56 13.68
N GLN A 17 2.72 8.72 13.16
CA GLN A 17 3.12 8.21 11.84
C GLN A 17 3.04 6.68 11.84
N ARG A 18 3.44 6.05 12.97
CA ARG A 18 3.31 4.60 13.19
C ARG A 18 1.85 4.17 12.97
N ALA A 19 0.96 4.74 13.80
CA ALA A 19 -0.46 4.35 13.86
C ALA A 19 -1.17 4.49 12.49
N THR A 20 -0.86 5.58 11.74
CA THR A 20 -1.51 5.84 10.45
C THR A 20 -0.92 4.97 9.30
N MET A 21 0.41 4.64 9.33
CA MET A 21 1.06 3.83 8.26
C MET A 21 0.84 2.33 8.47
N LYS A 22 0.77 1.90 9.75
CA LYS A 22 0.46 0.51 10.13
C LYS A 22 -0.99 0.19 9.73
N TYR A 23 -1.90 1.13 10.06
CA TYR A 23 -3.31 1.04 9.68
C TYR A 23 -3.46 1.09 8.14
N ASN A 24 -2.66 1.95 7.47
CA ASN A 24 -2.70 2.13 6.00
C ASN A 24 -2.41 0.80 5.29
N LEU A 25 -1.29 0.15 5.68
CA LEU A 25 -0.87 -1.12 5.08
C LEU A 25 -1.95 -2.22 5.32
N ILE A 26 -2.40 -2.33 6.59
CA ILE A 26 -3.39 -3.36 7.02
C ILE A 26 -4.75 -3.20 6.29
N LYS A 27 -5.29 -1.97 6.19
CA LYS A 27 -6.61 -1.75 5.57
C LYS A 27 -6.56 -2.09 4.07
N LEU A 28 -5.51 -1.59 3.36
CA LEU A 28 -5.34 -1.76 1.91
C LEU A 28 -5.21 -3.25 1.53
N GLN A 29 -4.31 -3.99 2.20
CA GLN A 29 -4.02 -5.42 1.88
C GLN A 29 -5.24 -6.32 2.14
N GLN A 30 -5.97 -6.06 3.26
CA GLN A 30 -7.17 -6.83 3.64
C GLN A 30 -8.30 -6.61 2.62
N GLU A 31 -8.63 -5.33 2.34
CA GLU A 31 -9.74 -4.97 1.44
C GLU A 31 -9.43 -5.34 -0.03
N MET A 32 -8.12 -5.34 -0.39
CA MET A 32 -7.65 -5.61 -1.78
C MET A 32 -7.72 -7.10 -2.10
N ALA A 33 -7.31 -7.94 -1.13
CA ALA A 33 -7.39 -9.42 -1.27
C ALA A 33 -8.86 -9.88 -1.36
N HIS A 34 -9.74 -9.17 -0.62
CA HIS A 34 -11.20 -9.41 -0.65
C HIS A 34 -11.80 -8.87 -1.97
N LEU A 35 -11.34 -7.68 -2.39
CA LEU A 35 -11.81 -7.01 -3.62
C LEU A 35 -11.44 -7.90 -4.84
N GLU A 36 -10.28 -8.57 -4.73
CA GLU A 36 -9.72 -9.40 -5.80
C GLU A 36 -10.57 -10.66 -5.95
N ALA A 37 -10.68 -11.41 -4.84
CA ALA A 37 -11.34 -12.72 -4.79
C ALA A 37 -12.84 -12.62 -5.11
N VAL A 38 -13.51 -11.81 -4.31
CA VAL A 38 -14.97 -11.64 -4.34
C VAL A 38 -15.48 -11.02 -5.68
N LEU A 39 -14.67 -10.15 -6.35
CA LEU A 39 -15.06 -9.58 -7.67
C LEU A 39 -14.82 -10.62 -8.80
N GLU A 40 -13.69 -11.38 -8.76
CA GLU A 40 -13.35 -12.34 -9.85
C GLU A 40 -14.35 -13.51 -9.92
N GLN A 41 -14.93 -13.88 -8.76
CA GLN A 41 -15.99 -14.92 -8.69
C GLN A 41 -17.39 -14.36 -8.94
N ARG A 42 -17.58 -13.04 -8.70
CA ARG A 42 -18.87 -12.37 -8.88
C ARG A 42 -18.67 -10.84 -8.90
N GLY A 43 -18.71 -10.27 -10.13
CA GLY A 43 -18.47 -8.84 -10.35
C GLY A 43 -19.39 -7.94 -9.53
N ASN A 44 -18.76 -7.07 -8.71
CA ASN A 44 -19.46 -6.03 -7.89
C ASN A 44 -20.26 -6.63 -6.71
N GLN A 45 -19.94 -7.89 -6.34
CA GLN A 45 -20.36 -8.48 -5.05
C GLN A 45 -19.64 -7.80 -3.84
N PRO A 46 -18.28 -7.46 -3.89
CA PRO A 46 -17.55 -6.83 -2.74
C PRO A 46 -18.28 -5.58 -2.18
N SER A 47 -18.95 -5.78 -1.03
CA SER A 47 -19.82 -4.77 -0.40
C SER A 47 -19.00 -3.56 0.12
N GLY A 48 -19.53 -2.34 -0.12
CA GLY A 48 -18.84 -1.10 0.23
C GLY A 48 -17.90 -0.60 -0.86
N HIS A 49 -18.02 -1.17 -2.08
CA HIS A 49 -17.21 -0.75 -3.24
C HIS A 49 -17.64 0.67 -3.67
N SER A 50 -16.80 1.67 -3.36
CA SER A 50 -17.11 3.10 -3.57
C SER A 50 -17.10 3.42 -5.09
N PRO A 51 -18.07 4.26 -5.59
CA PRO A 51 -18.27 4.52 -7.03
C PRO A 51 -17.04 5.13 -7.74
N SER A 52 -16.19 4.25 -8.27
CA SER A 52 -15.09 4.64 -9.15
C SER A 52 -15.68 5.06 -10.49
N LEU A 53 -15.68 6.37 -10.77
CA LEU A 53 -16.20 6.93 -12.03
C LEU A 53 -15.06 7.12 -13.05
N GLU A 54 -14.12 6.15 -13.05
CA GLU A 54 -13.06 6.05 -14.06
C GLU A 54 -13.62 5.47 -15.37
N HIS A 55 -14.05 6.40 -16.25
CA HIS A 55 -14.55 6.08 -17.60
C HIS A 55 -13.35 5.69 -18.50
N HIS A 56 -12.29 6.52 -18.41
CA HIS A 56 -10.99 6.27 -19.08
C HIS A 56 -9.86 6.23 -18.04
N HIS A 57 -9.71 5.07 -17.39
CA HIS A 57 -8.54 4.76 -16.55
C HIS A 57 -7.47 4.14 -17.47
N HIS A 58 -6.52 4.97 -17.91
CA HIS A 58 -5.57 4.65 -19.00
C HIS A 58 -4.32 3.86 -18.49
N HIS A 59 -4.40 3.31 -17.26
CA HIS A 59 -3.33 2.50 -16.64
C HIS A 59 -3.94 1.25 -15.97
N HIS A 60 -4.28 0.24 -16.79
CA HIS A 60 -4.89 -1.01 -16.32
C HIS A 60 -3.80 -1.93 -15.69
N MET B 1 -10.68 -19.13 -3.36
CA MET B 1 -9.54 -18.59 -4.15
C MET B 1 -9.32 -19.50 -5.36
N GLU B 2 -10.07 -19.20 -6.44
CA GLU B 2 -10.02 -19.93 -7.70
C GLU B 2 -8.89 -19.36 -8.58
N GLU B 3 -8.58 -20.06 -9.68
CA GLU B 3 -7.51 -19.67 -10.61
C GLU B 3 -7.96 -18.44 -11.43
N LEU B 4 -7.41 -17.26 -11.09
CA LEU B 4 -7.72 -15.97 -11.79
C LEU B 4 -7.22 -16.02 -13.26
N SER B 5 -6.16 -16.79 -13.49
CA SER B 5 -5.62 -17.08 -14.84
C SER B 5 -6.65 -17.88 -15.69
N GLY B 6 -7.54 -18.64 -15.01
CA GLY B 6 -8.62 -19.41 -15.66
C GLY B 6 -10.02 -18.89 -15.35
N LYS B 7 -10.12 -17.60 -14.93
CA LYS B 7 -11.43 -16.92 -14.72
C LYS B 7 -11.81 -16.10 -15.99
N PRO B 8 -13.07 -16.23 -16.50
CA PRO B 8 -13.60 -15.39 -17.58
C PRO B 8 -14.26 -14.10 -17.03
N LEU B 9 -13.54 -12.97 -17.13
CA LEU B 9 -14.06 -11.64 -16.75
C LEU B 9 -14.50 -10.87 -18.00
N SER B 10 -15.56 -10.05 -17.86
CA SER B 10 -15.96 -9.03 -18.85
C SER B 10 -14.91 -7.90 -18.84
N TYR B 11 -14.96 -7.01 -19.84
CA TYR B 11 -14.04 -5.86 -19.93
C TYR B 11 -14.15 -5.00 -18.66
N ALA B 12 -15.40 -4.76 -18.23
CA ALA B 12 -15.72 -3.91 -17.06
C ALA B 12 -15.38 -4.60 -15.74
N GLU B 13 -15.39 -5.94 -15.74
CA GLU B 13 -15.10 -6.72 -14.52
C GLU B 13 -13.58 -6.73 -14.28
N LYS B 14 -12.83 -6.91 -15.38
CA LYS B 14 -11.37 -7.02 -15.35
C LYS B 14 -10.72 -5.64 -15.11
N GLU B 15 -11.32 -4.57 -15.70
CA GLU B 15 -10.74 -3.23 -15.63
C GLU B 15 -10.97 -2.57 -14.25
N LYS B 16 -12.21 -2.69 -13.65
CA LYS B 16 -12.46 -2.15 -12.28
C LYS B 16 -11.78 -3.01 -11.20
N LEU B 17 -11.55 -4.31 -11.51
CA LEU B 17 -10.73 -5.20 -10.66
C LEU B 17 -9.31 -4.61 -10.56
N LYS B 18 -8.68 -4.43 -11.73
CA LYS B 18 -7.32 -3.86 -11.83
C LYS B 18 -7.26 -2.41 -11.33
N GLU B 19 -8.35 -1.65 -11.56
CA GLU B 19 -8.41 -0.21 -11.23
C GLU B 19 -8.25 -0.03 -9.72
N LYS B 20 -9.17 -0.68 -8.98
CA LYS B 20 -9.23 -0.55 -7.53
C LYS B 20 -7.98 -1.15 -6.87
N LEU B 21 -7.60 -2.34 -7.33
CA LEU B 21 -6.40 -3.07 -6.83
C LEU B 21 -5.12 -2.28 -7.11
N ALA B 22 -5.07 -1.54 -8.24
CA ALA B 22 -3.93 -0.68 -8.58
C ALA B 22 -3.79 0.45 -7.58
N PHE B 23 -4.93 1.08 -7.23
CA PHE B 23 -4.99 2.19 -6.25
C PHE B 23 -4.49 1.74 -4.87
N LEU B 24 -5.01 0.58 -4.41
CA LEU B 24 -4.77 0.05 -3.06
C LEU B 24 -3.31 -0.44 -2.93
N LYS B 25 -2.77 -1.03 -4.02
CA LYS B 25 -1.38 -1.54 -4.07
C LYS B 25 -0.40 -0.36 -4.28
N LYS B 26 -0.89 0.70 -4.96
CA LYS B 26 -0.01 1.83 -5.35
C LYS B 26 0.31 2.64 -4.11
N GLU B 27 -0.73 2.87 -3.26
CA GLU B 27 -0.60 3.61 -2.02
C GLU B 27 0.15 2.76 -0.98
N TYR B 28 -0.10 1.43 -1.03
CA TYR B 28 0.61 0.42 -0.20
C TYR B 28 2.13 0.50 -0.44
N SER B 29 2.51 0.49 -1.74
CA SER B 29 3.91 0.48 -2.20
C SER B 29 4.60 1.82 -1.88
N ARG B 30 3.82 2.92 -1.98
CA ARG B 30 4.28 4.28 -1.65
C ARG B 30 4.57 4.41 -0.15
N THR B 31 3.65 3.91 0.69
CA THR B 31 3.81 3.97 2.16
C THR B 31 4.82 2.92 2.67
N LEU B 32 5.01 1.83 1.91
CA LEU B 32 5.90 0.72 2.33
C LEU B 32 7.35 1.14 2.05
N ALA B 33 7.62 1.48 0.76
CA ALA B 33 8.96 1.86 0.29
C ALA B 33 9.49 3.11 1.02
N ARG B 34 8.62 4.14 1.13
CA ARG B 34 8.95 5.43 1.80
C ARG B 34 9.27 5.21 3.29
N LEU B 35 8.36 4.54 4.03
CA LEU B 35 8.50 4.36 5.49
C LEU B 35 9.67 3.42 5.85
N GLN B 36 10.10 2.54 4.92
CA GLN B 36 11.24 1.63 5.14
C GLN B 36 12.55 2.41 4.96
N ARG B 37 12.61 3.15 3.82
CA ARG B 37 13.72 4.04 3.47
C ARG B 37 13.94 5.11 4.55
N ALA B 38 12.83 5.67 5.05
CA ALA B 38 12.85 6.86 5.90
C ALA B 38 13.28 6.48 7.32
N LYS B 39 12.67 5.39 7.86
CA LYS B 39 12.95 4.95 9.25
C LYS B 39 14.35 4.31 9.37
N ARG B 40 14.85 3.76 8.25
CA ARG B 40 16.20 3.16 8.19
C ARG B 40 17.26 4.27 8.24
N ALA B 41 16.94 5.39 7.56
CA ALA B 41 17.79 6.60 7.54
C ALA B 41 17.64 7.38 8.87
N GLU B 42 16.47 7.22 9.51
CA GLU B 42 16.08 7.99 10.72
C GLU B 42 16.73 7.43 12.00
N LYS B 43 16.76 6.09 12.13
CA LYS B 43 17.40 5.41 13.28
C LYS B 43 18.93 5.60 13.24
N ALA B 44 19.46 5.76 12.01
CA ALA B 44 20.89 5.89 11.76
C ALA B 44 21.47 7.15 12.45
N LYS B 45 22.09 6.90 13.63
CA LYS B 45 22.66 7.92 14.55
C LYS B 45 21.59 8.62 15.41
N ASN B 46 20.51 9.10 14.76
CA ASN B 46 19.40 9.79 15.44
C ASN B 46 18.54 8.77 16.23
N SER B 47 18.86 8.63 17.51
CA SER B 47 18.04 7.93 18.50
C SER B 47 17.23 8.99 19.27
N LYS B 48 17.96 9.84 20.03
CA LYS B 48 17.38 10.77 21.00
C LYS B 48 16.53 9.98 22.02
N LYS B 49 17.27 9.20 22.84
CA LYS B 49 16.71 8.14 23.69
C LYS B 49 15.84 8.72 24.84
N ALA B 50 14.52 8.71 24.60
CA ALA B 50 13.49 9.24 25.51
C ALA B 50 12.12 8.67 25.11
N ILE B 51 11.94 8.33 23.80
CA ILE B 51 10.77 7.61 23.28
C ILE B 51 11.08 6.10 23.44
N GLU B 52 11.25 5.70 24.71
CA GLU B 52 11.72 4.37 25.10
C GLU B 52 10.55 3.39 25.10
N ASP B 53 10.06 3.13 23.89
CA ASP B 53 8.90 2.27 23.62
C ASP B 53 9.32 0.79 23.72
N GLY B 54 8.40 -0.04 24.24
CA GLY B 54 8.59 -1.49 24.29
C GLY B 54 8.33 -2.12 22.92
N VAL B 55 9.21 -1.81 21.95
CA VAL B 55 9.06 -2.19 20.54
C VAL B 55 8.99 -3.73 20.35
N PRO B 56 7.83 -4.29 19.85
CA PRO B 56 7.68 -5.74 19.58
C PRO B 56 8.17 -6.08 18.15
N GLN B 57 9.45 -5.79 17.91
CA GLN B 57 10.13 -5.92 16.60
C GLN B 57 10.01 -7.37 16.04
N PRO B 58 9.18 -7.60 14.97
CA PRO B 58 8.81 -8.96 14.50
C PRO B 58 9.87 -9.55 13.52
N GLU B 59 10.31 -10.77 13.82
CA GLU B 59 11.23 -11.53 12.95
C GLU B 59 10.41 -12.29 11.88
N ALA B 60 10.36 -11.74 10.64
CA ALA B 60 9.64 -12.36 9.51
C ALA B 60 10.34 -12.04 8.18
N LEU B 61 11.37 -12.83 7.83
CA LEU B 61 12.03 -12.80 6.51
C LEU B 61 11.41 -13.90 5.62
N GLU B 62 11.31 -13.63 4.30
CA GLU B 62 10.81 -14.61 3.32
C GLU B 62 11.89 -15.68 3.05
N HIS B 63 12.00 -16.65 3.98
CA HIS B 63 12.98 -17.74 3.90
C HIS B 63 12.55 -18.79 2.86
N HIS B 64 13.41 -19.01 1.83
CA HIS B 64 13.22 -20.05 0.80
C HIS B 64 14.53 -20.23 -0.02
N HIS B 65 15.21 -21.37 0.18
CA HIS B 65 16.44 -21.74 -0.54
C HIS B 65 16.10 -22.80 -1.62
N HIS B 66 16.29 -22.43 -2.88
CA HIS B 66 15.96 -23.26 -4.05
C HIS B 66 17.12 -24.23 -4.36
N HIS B 67 16.79 -25.39 -4.95
CA HIS B 67 17.79 -26.42 -5.36
C HIS B 67 18.13 -26.25 -6.86
N HIS B 68 19.21 -25.47 -7.15
CA HIS B 68 19.74 -25.36 -8.52
C HIS B 68 20.54 -26.63 -8.86
N MET A 1 35.38 16.79 14.90
CA MET A 1 36.20 15.68 15.46
C MET A 1 35.58 14.31 15.12
N ASN A 2 34.30 14.33 14.72
CA ASN A 2 33.47 13.12 14.54
C ASN A 2 32.66 13.21 13.24
N LEU A 3 32.30 12.05 12.69
CA LEU A 3 31.38 11.94 11.56
C LEU A 3 29.99 11.64 12.15
N SER A 4 29.91 10.53 12.93
CA SER A 4 28.68 10.06 13.62
C SER A 4 27.57 9.65 12.62
N GLU A 5 27.14 8.38 12.69
CA GLU A 5 26.02 7.85 11.88
C GLU A 5 24.66 8.30 12.44
N ASP A 6 24.68 8.92 13.63
CA ASP A 6 23.50 9.47 14.33
C ASP A 6 23.98 10.26 15.57
N CYS A 7 23.21 11.20 16.22
CA CYS A 7 21.86 11.77 15.90
C CYS A 7 20.75 10.90 16.54
N SER A 8 19.49 11.07 16.12
CA SER A 8 18.31 10.63 16.87
C SER A 8 18.13 9.09 16.85
N GLN A 9 18.84 8.40 17.78
CA GLN A 9 18.50 7.03 18.16
C GLN A 9 17.52 7.08 19.34
N SER A 10 16.25 7.37 19.00
CA SER A 10 15.16 7.45 19.98
C SER A 10 13.83 7.23 19.24
N ASP A 11 13.42 8.22 18.43
CA ASP A 11 12.21 8.14 17.58
C ASP A 11 12.65 7.97 16.13
N ILE A 12 12.56 6.74 15.63
CA ILE A 12 12.79 6.40 14.21
C ILE A 12 11.41 6.30 13.57
N LEU A 13 10.58 5.44 14.15
CA LEU A 13 9.17 5.30 13.80
C LEU A 13 8.38 5.81 15.02
N THR A 14 7.67 6.93 14.86
CA THR A 14 6.92 7.57 15.97
C THR A 14 5.57 6.88 16.19
N THR A 15 4.89 7.24 17.30
CA THR A 15 3.59 6.64 17.70
C THR A 15 2.50 6.90 16.64
N GLN A 16 2.50 8.13 16.08
CA GLN A 16 1.56 8.53 15.03
C GLN A 16 1.90 7.85 13.69
N GLN A 17 3.22 7.67 13.43
CA GLN A 17 3.73 7.16 12.15
C GLN A 17 3.45 5.64 12.03
N ARG A 18 3.68 4.91 13.13
CA ARG A 18 3.39 3.48 13.20
C ARG A 18 1.88 3.24 13.18
N ALA A 19 1.11 4.11 13.90
CA ALA A 19 -0.36 4.01 13.96
C ALA A 19 -0.97 4.08 12.57
N THR A 20 -0.64 5.17 11.84
CA THR A 20 -1.17 5.41 10.48
C THR A 20 -0.73 4.32 9.49
N MET A 21 0.48 3.72 9.70
CA MET A 21 0.98 2.66 8.80
C MET A 21 0.26 1.32 9.09
N LYS A 22 -0.25 1.14 10.34
CA LYS A 22 -1.04 -0.06 10.67
C LYS A 22 -2.44 0.06 10.06
N TYR A 23 -3.04 1.26 10.16
CA TYR A 23 -4.34 1.55 9.55
C TYR A 23 -4.26 1.38 8.02
N ASN A 24 -3.17 1.93 7.45
CA ASN A 24 -2.95 2.00 5.99
C ASN A 24 -2.72 0.60 5.40
N LEU A 25 -1.69 -0.11 5.89
CA LEU A 25 -1.29 -1.43 5.33
C LEU A 25 -2.42 -2.47 5.48
N ILE A 26 -3.07 -2.50 6.66
CA ILE A 26 -4.15 -3.47 6.96
C ILE A 26 -5.37 -3.22 6.07
N LYS A 27 -5.82 -1.95 5.93
CA LYS A 27 -7.02 -1.65 5.12
C LYS A 27 -6.78 -2.06 3.65
N LEU A 28 -5.66 -1.57 3.07
CA LEU A 28 -5.30 -1.82 1.65
C LEU A 28 -5.28 -3.31 1.30
N GLN A 29 -4.69 -4.15 2.19
CA GLN A 29 -4.53 -5.60 1.92
C GLN A 29 -5.84 -6.38 2.11
N GLN A 30 -6.66 -5.94 3.11
CA GLN A 30 -7.97 -6.55 3.40
C GLN A 30 -8.93 -6.35 2.21
N GLU A 31 -9.05 -5.09 1.77
CA GLU A 31 -9.97 -4.72 0.67
C GLU A 31 -9.43 -5.19 -0.69
N MET A 32 -8.10 -5.40 -0.77
CA MET A 32 -7.43 -5.94 -1.98
C MET A 32 -7.92 -7.38 -2.26
N ALA A 33 -7.80 -8.21 -1.20
CA ALA A 33 -8.22 -9.61 -1.22
C ALA A 33 -9.75 -9.73 -1.38
N HIS A 34 -10.48 -8.76 -0.78
CA HIS A 34 -11.96 -8.70 -0.83
C HIS A 34 -12.44 -8.35 -2.24
N LEU A 35 -11.75 -7.40 -2.89
CA LEU A 35 -12.14 -6.89 -4.22
C LEU A 35 -12.07 -8.05 -5.23
N GLU A 36 -10.86 -8.63 -5.34
CA GLU A 36 -10.56 -9.72 -6.28
C GLU A 36 -11.47 -10.95 -6.09
N ALA A 37 -11.39 -11.56 -4.88
CA ALA A 37 -12.16 -12.75 -4.52
C ALA A 37 -13.66 -12.60 -4.82
N VAL A 38 -14.29 -11.61 -4.20
CA VAL A 38 -15.75 -11.42 -4.27
C VAL A 38 -16.20 -11.01 -5.70
N LEU A 39 -15.30 -10.39 -6.51
CA LEU A 39 -15.61 -9.98 -7.90
C LEU A 39 -15.72 -11.20 -8.84
N GLU A 40 -14.81 -12.16 -8.67
CA GLU A 40 -14.72 -13.35 -9.54
C GLU A 40 -15.72 -14.44 -9.07
N GLN A 41 -16.07 -14.41 -7.76
CA GLN A 41 -17.06 -15.35 -7.17
C GLN A 41 -18.50 -14.87 -7.41
N ARG A 42 -18.71 -13.54 -7.33
CA ARG A 42 -20.05 -12.91 -7.51
C ARG A 42 -19.95 -11.68 -8.42
N GLY A 43 -19.32 -10.61 -7.89
CA GLY A 43 -19.16 -9.35 -8.62
C GLY A 43 -20.19 -8.31 -8.23
N ASN A 44 -21.24 -8.76 -7.54
CA ASN A 44 -22.36 -7.89 -7.10
C ASN A 44 -21.87 -6.81 -6.12
N GLN A 45 -20.98 -7.23 -5.20
CA GLN A 45 -20.48 -6.38 -4.11
C GLN A 45 -19.35 -5.41 -4.59
N PRO A 46 -18.23 -5.88 -5.27
CA PRO A 46 -17.16 -4.97 -5.81
C PRO A 46 -17.63 -4.09 -7.00
N SER A 47 -18.66 -4.55 -7.72
CA SER A 47 -19.23 -3.82 -8.86
C SER A 47 -20.69 -3.45 -8.56
N GLY A 48 -20.87 -2.28 -7.94
CA GLY A 48 -22.19 -1.68 -7.70
C GLY A 48 -22.28 -0.34 -8.41
N HIS A 49 -21.95 0.75 -7.67
CA HIS A 49 -21.84 2.12 -8.20
C HIS A 49 -21.15 3.01 -7.14
N SER A 50 -19.89 3.40 -7.41
CA SER A 50 -19.10 4.22 -6.47
C SER A 50 -18.45 5.45 -7.17
N PRO A 51 -19.23 6.56 -7.37
CA PRO A 51 -18.67 7.87 -7.69
C PRO A 51 -18.26 8.60 -6.38
N SER A 52 -17.06 9.19 -6.36
CA SER A 52 -16.58 9.98 -5.21
C SER A 52 -17.15 11.41 -5.29
N LEU A 53 -18.35 11.60 -4.68
CA LEU A 53 -18.98 12.94 -4.55
C LEU A 53 -18.11 13.83 -3.65
N GLU A 54 -17.60 13.22 -2.56
CA GLU A 54 -16.65 13.82 -1.64
C GLU A 54 -15.52 12.82 -1.35
N HIS A 55 -14.40 13.33 -0.87
CA HIS A 55 -13.25 12.51 -0.45
C HIS A 55 -13.38 12.17 1.05
N HIS A 56 -12.44 11.36 1.56
CA HIS A 56 -12.55 10.72 2.90
C HIS A 56 -12.34 11.69 4.08
N HIS A 57 -12.06 12.99 3.78
CA HIS A 57 -12.04 14.13 4.75
C HIS A 57 -10.75 14.18 5.61
N HIS A 58 -10.49 13.06 6.32
CA HIS A 58 -9.58 12.97 7.47
C HIS A 58 -8.13 13.37 7.16
N HIS A 59 -7.59 14.24 8.03
CA HIS A 59 -6.16 14.31 8.29
C HIS A 59 -5.87 13.32 9.40
N HIS A 60 -5.16 12.23 9.09
CA HIS A 60 -4.84 11.17 10.06
C HIS A 60 -3.82 11.69 11.12
N MET B 1 -7.04 6.09 -28.08
CA MET B 1 -6.73 5.00 -29.01
C MET B 1 -6.53 3.69 -28.22
N GLU B 2 -7.65 3.10 -27.84
CA GLU B 2 -7.70 1.87 -27.04
C GLU B 2 -7.67 0.68 -28.00
N GLU B 3 -6.45 0.15 -28.25
CA GLU B 3 -6.22 -0.99 -29.18
C GLU B 3 -6.47 -2.35 -28.48
N LEU B 4 -7.53 -2.37 -27.65
CA LEU B 4 -7.94 -3.50 -26.82
C LEU B 4 -8.54 -4.63 -27.69
N SER B 5 -8.06 -5.86 -27.50
CA SER B 5 -8.56 -7.06 -28.22
C SER B 5 -9.63 -7.82 -27.40
N GLY B 6 -9.93 -7.32 -26.19
CA GLY B 6 -10.94 -7.93 -25.30
C GLY B 6 -10.28 -8.84 -24.27
N LYS B 7 -10.75 -8.72 -23.01
CA LYS B 7 -10.18 -9.46 -21.87
C LYS B 7 -11.12 -10.65 -21.49
N PRO B 8 -10.59 -11.70 -20.76
CA PRO B 8 -11.41 -12.88 -20.30
C PRO B 8 -12.68 -12.44 -19.50
N LEU B 9 -12.49 -11.55 -18.51
CA LEU B 9 -13.62 -10.85 -17.85
C LEU B 9 -14.03 -9.65 -18.69
N SER B 10 -15.25 -9.14 -18.46
CA SER B 10 -15.73 -7.88 -19.06
C SER B 10 -14.80 -6.74 -18.62
N TYR B 11 -14.52 -5.80 -19.53
CA TYR B 11 -13.56 -4.70 -19.27
C TYR B 11 -14.05 -3.76 -18.15
N ALA B 12 -15.36 -3.77 -17.86
CA ALA B 12 -15.96 -2.98 -16.76
C ALA B 12 -15.47 -3.54 -15.39
N GLU B 13 -15.31 -4.87 -15.35
CA GLU B 13 -15.00 -5.63 -14.13
C GLU B 13 -13.48 -5.62 -13.97
N LYS B 14 -12.84 -5.92 -15.12
CA LYS B 14 -11.39 -5.98 -15.30
C LYS B 14 -10.75 -4.60 -15.05
N GLU B 15 -11.46 -3.50 -15.40
CA GLU B 15 -11.00 -2.13 -15.13
C GLU B 15 -11.02 -1.86 -13.63
N LYS B 16 -12.22 -2.01 -12.99
CA LYS B 16 -12.40 -1.71 -11.54
C LYS B 16 -11.46 -2.57 -10.67
N LEU B 17 -11.24 -3.81 -11.13
CA LEU B 17 -10.30 -4.75 -10.53
C LEU B 17 -8.87 -4.22 -10.62
N LYS B 18 -8.41 -3.99 -11.86
CA LYS B 18 -7.01 -3.68 -12.14
C LYS B 18 -6.61 -2.29 -11.57
N GLU B 19 -7.44 -1.25 -11.79
CA GLU B 19 -7.11 0.12 -11.32
C GLU B 19 -7.13 0.22 -9.78
N LYS B 20 -8.13 -0.40 -9.11
CA LYS B 20 -8.26 -0.28 -7.66
C LYS B 20 -7.24 -1.17 -6.96
N LEU B 21 -7.18 -2.46 -7.35
CA LEU B 21 -6.30 -3.47 -6.71
C LEU B 21 -4.83 -3.09 -6.90
N ALA B 22 -4.48 -2.56 -8.10
CA ALA B 22 -3.12 -2.09 -8.38
C ALA B 22 -2.78 -0.86 -7.56
N PHE B 23 -3.79 0.02 -7.35
CA PHE B 23 -3.64 1.22 -6.48
C PHE B 23 -3.42 0.78 -5.03
N LEU B 24 -4.09 -0.31 -4.60
CA LEU B 24 -4.01 -0.80 -3.22
C LEU B 24 -2.64 -1.44 -2.99
N LYS B 25 -2.26 -2.30 -3.94
CA LYS B 25 -0.98 -3.04 -3.96
C LYS B 25 0.21 -2.08 -4.07
N LYS B 26 0.05 -1.03 -4.91
CA LYS B 26 1.13 -0.06 -5.18
C LYS B 26 1.34 0.80 -3.95
N GLU B 27 0.25 1.42 -3.42
CA GLU B 27 0.35 2.33 -2.26
C GLU B 27 0.72 1.57 -0.97
N TYR B 28 0.37 0.27 -0.92
CA TYR B 28 0.79 -0.65 0.16
C TYR B 28 2.33 -0.72 0.17
N SER B 29 2.89 -1.10 -0.99
CA SER B 29 4.33 -1.28 -1.18
C SER B 29 5.08 0.06 -1.10
N ARG B 30 4.46 1.14 -1.62
CA ARG B 30 5.09 2.48 -1.70
C ARG B 30 5.19 3.11 -0.33
N THR B 31 4.14 2.96 0.49
CA THR B 31 4.09 3.57 1.83
C THR B 31 5.09 2.88 2.77
N LEU B 32 4.98 1.53 2.93
CA LEU B 32 5.92 0.76 3.79
C LEU B 32 7.39 0.99 3.37
N ALA B 33 7.64 1.05 2.04
CA ALA B 33 9.00 1.25 1.48
C ALA B 33 9.53 2.64 1.81
N ARG B 34 8.79 3.68 1.35
CA ARG B 34 9.06 5.11 1.63
C ARG B 34 9.37 5.35 3.11
N LEU B 35 8.55 4.78 4.01
CA LEU B 35 8.74 4.95 5.46
C LEU B 35 10.06 4.30 5.90
N GLN B 36 10.21 2.96 5.71
CA GLN B 36 11.45 2.21 6.09
C GLN B 36 12.74 2.93 5.64
N ARG B 37 12.78 3.39 4.37
CA ARG B 37 13.93 4.11 3.81
C ARG B 37 14.11 5.47 4.51
N ALA B 38 13.00 6.22 4.65
CA ALA B 38 13.00 7.60 5.17
C ALA B 38 13.43 7.61 6.64
N LYS B 39 13.09 6.53 7.37
CA LYS B 39 13.31 6.45 8.83
C LYS B 39 14.73 5.95 9.17
N ARG B 40 15.34 5.16 8.26
CA ARG B 40 16.76 4.80 8.35
C ARG B 40 17.62 6.07 8.14
N ALA B 41 17.22 6.87 7.14
CA ALA B 41 17.79 8.18 6.86
C ALA B 41 17.51 9.17 8.02
N GLU B 42 16.29 9.14 8.56
CA GLU B 42 15.79 10.12 9.58
C GLU B 42 16.58 10.02 10.90
N LYS B 43 16.91 8.77 11.23
CA LYS B 43 17.75 8.39 12.38
C LYS B 43 19.12 9.10 12.32
N ALA B 44 19.68 9.16 11.10
CA ALA B 44 21.01 9.74 10.83
C ALA B 44 20.92 11.25 10.56
N LYS B 45 20.26 11.58 9.45
CA LYS B 45 19.97 12.95 9.02
C LYS B 45 18.46 13.19 9.09
N ASN B 46 18.01 14.02 10.06
CA ASN B 46 16.58 14.25 10.36
C ASN B 46 15.76 14.60 9.09
N SER B 47 14.88 13.68 8.69
CA SER B 47 14.06 13.82 7.48
C SER B 47 12.70 14.43 7.85
N LYS B 48 12.12 15.20 6.91
CA LYS B 48 10.77 15.78 7.04
C LYS B 48 9.77 14.80 6.41
N LYS B 49 8.75 14.38 7.19
CA LYS B 49 7.70 13.48 6.70
C LYS B 49 6.78 14.24 5.72
N ALA B 50 6.72 13.76 4.47
CA ALA B 50 5.86 14.34 3.43
C ALA B 50 4.39 13.97 3.74
N ILE B 51 3.69 14.92 4.37
CA ILE B 51 2.25 14.80 4.74
C ILE B 51 1.34 14.82 3.48
N GLU B 52 0.00 14.78 3.71
CA GLU B 52 -1.00 14.72 2.64
C GLU B 52 -1.02 16.02 1.81
N ASP B 53 -1.12 15.87 0.48
CA ASP B 53 -1.21 16.99 -0.48
C ASP B 53 -2.50 17.79 -0.26
N GLY B 54 -2.39 19.14 -0.26
CA GLY B 54 -3.51 20.02 0.06
C GLY B 54 -3.79 20.07 1.55
N VAL B 55 -4.90 20.72 1.94
CA VAL B 55 -5.35 20.80 3.34
C VAL B 55 -6.46 19.75 3.62
N PRO B 56 -6.16 18.64 4.38
CA PRO B 56 -7.18 17.67 4.83
C PRO B 56 -7.78 18.05 6.20
N GLN B 57 -9.07 17.74 6.40
CA GLN B 57 -9.84 18.12 7.60
C GLN B 57 -9.63 17.09 8.74
N PRO B 58 -9.04 17.49 9.93
CA PRO B 58 -8.80 16.56 11.07
C PRO B 58 -10.05 16.37 11.96
N GLU B 59 -11.22 16.18 11.32
CA GLU B 59 -12.50 15.95 12.02
C GLU B 59 -12.56 14.52 12.60
N ALA B 60 -13.40 14.33 13.63
CA ALA B 60 -13.54 13.03 14.33
C ALA B 60 -14.68 12.20 13.70
N LEU B 61 -14.81 12.28 12.36
CA LEU B 61 -15.84 11.54 11.58
C LEU B 61 -15.55 10.02 11.63
N GLU B 62 -15.95 9.41 12.74
CA GLU B 62 -15.71 8.00 13.03
C GLU B 62 -16.59 7.67 14.25
N HIS B 63 -17.46 6.67 14.08
CA HIS B 63 -18.34 6.17 15.15
C HIS B 63 -18.56 4.68 14.94
N HIS B 64 -18.14 3.86 15.91
CA HIS B 64 -18.45 2.43 15.94
C HIS B 64 -19.93 2.25 16.35
N HIS B 65 -20.84 2.46 15.37
CA HIS B 65 -22.28 2.35 15.59
C HIS B 65 -22.67 0.86 15.61
N HIS B 66 -22.53 0.26 16.80
CA HIS B 66 -22.86 -1.15 17.03
C HIS B 66 -24.39 -1.35 16.90
N HIS B 67 -24.78 -2.01 15.81
CA HIS B 67 -26.15 -2.45 15.56
C HIS B 67 -26.58 -3.50 16.61
N HIS B 68 -27.73 -3.27 17.25
CA HIS B 68 -28.33 -4.23 18.18
C HIS B 68 -29.12 -5.28 17.37
N MET A 1 36.00 1.56 19.45
CA MET A 1 35.50 1.97 20.78
C MET A 1 34.01 2.31 20.73
N ASN A 2 33.51 2.76 19.56
CA ASN A 2 32.11 3.18 19.37
C ASN A 2 31.27 2.05 18.76
N LEU A 3 30.02 1.89 19.25
CA LEU A 3 29.04 1.00 18.62
C LEU A 3 28.30 1.79 17.53
N SER A 4 27.40 2.70 17.99
CA SER A 4 26.53 3.54 17.14
C SER A 4 25.69 2.68 16.16
N GLU A 5 26.30 2.34 15.00
CA GLU A 5 25.67 1.64 13.88
C GLU A 5 24.34 2.30 13.45
N ASP A 6 23.22 1.86 14.07
CA ASP A 6 21.87 2.24 13.61
C ASP A 6 20.88 2.35 14.79
N CYS A 7 20.80 3.46 15.56
CA CYS A 7 21.77 4.58 15.70
C CYS A 7 21.24 5.42 16.88
N SER A 8 20.07 6.03 16.64
CA SER A 8 19.15 6.51 17.69
C SER A 8 18.00 5.48 17.76
N GLN A 9 18.42 4.21 17.89
CA GLN A 9 17.61 2.98 17.62
C GLN A 9 16.23 2.93 18.32
N SER A 10 16.08 3.61 19.46
CA SER A 10 14.88 3.52 20.29
C SER A 10 13.68 4.26 19.65
N ASP A 11 13.60 5.59 19.83
CA ASP A 11 12.45 6.38 19.34
C ASP A 11 12.84 7.17 18.09
N ILE A 12 12.37 6.69 16.93
CA ILE A 12 12.47 7.39 15.64
C ILE A 12 11.06 7.48 15.02
N LEU A 13 10.33 6.36 15.07
CA LEU A 13 8.91 6.29 14.68
C LEU A 13 8.04 6.63 15.90
N THR A 14 7.35 7.78 15.80
CA THR A 14 6.44 8.27 16.86
C THR A 14 5.16 7.42 16.91
N THR A 15 4.53 7.36 18.10
CA THR A 15 3.38 6.48 18.37
C THR A 15 2.13 6.88 17.55
N GLN A 16 1.98 8.19 17.29
CA GLN A 16 0.88 8.73 16.46
C GLN A 16 1.02 8.26 15.01
N GLN A 17 2.22 8.48 14.42
CA GLN A 17 2.53 8.04 13.04
C GLN A 17 2.65 6.50 12.96
N ARG A 18 2.91 5.85 14.10
CA ARG A 18 2.98 4.39 14.19
C ARG A 18 1.56 3.83 13.97
N ALA A 19 0.61 4.25 14.83
CA ALA A 19 -0.78 3.81 14.77
C ALA A 19 -1.42 4.16 13.41
N THR A 20 -0.97 5.29 12.84
CA THR A 20 -1.29 5.70 11.47
C THR A 20 -0.85 4.63 10.44
N MET A 21 0.48 4.36 10.39
CA MET A 21 1.08 3.54 9.32
C MET A 21 0.66 2.07 9.44
N LYS A 22 0.25 1.66 10.66
CA LYS A 22 -0.36 0.35 10.88
C LYS A 22 -1.69 0.27 10.14
N TYR A 23 -2.61 1.22 10.46
CA TYR A 23 -3.97 1.25 9.88
C TYR A 23 -3.92 1.36 8.35
N ASN A 24 -2.99 2.18 7.85
CA ASN A 24 -2.81 2.40 6.41
C ASN A 24 -2.42 1.08 5.70
N LEU A 25 -1.31 0.45 6.11
CA LEU A 25 -0.80 -0.78 5.47
C LEU A 25 -1.81 -1.95 5.58
N ILE A 26 -2.43 -2.08 6.76
CA ILE A 26 -3.42 -3.13 7.05
C ILE A 26 -4.63 -3.01 6.11
N LYS A 27 -5.20 -1.80 5.99
CA LYS A 27 -6.38 -1.59 5.16
C LYS A 27 -6.04 -1.79 3.67
N LEU A 28 -4.88 -1.24 3.21
CA LEU A 28 -4.45 -1.29 1.78
C LEU A 28 -4.35 -2.73 1.26
N GLN A 29 -3.69 -3.60 2.04
CA GLN A 29 -3.48 -5.02 1.65
C GLN A 29 -4.79 -5.82 1.72
N GLN A 30 -5.65 -5.49 2.71
CA GLN A 30 -6.96 -6.17 2.89
C GLN A 30 -7.97 -5.72 1.83
N GLU A 31 -7.91 -4.45 1.41
CA GLU A 31 -8.78 -3.89 0.35
C GLU A 31 -8.47 -4.60 -0.98
N MET A 32 -7.16 -4.82 -1.22
CA MET A 32 -6.64 -5.53 -2.40
C MET A 32 -7.17 -6.97 -2.45
N ALA A 33 -6.93 -7.71 -1.35
CA ALA A 33 -7.22 -9.15 -1.25
C ALA A 33 -8.73 -9.42 -1.24
N HIS A 34 -9.47 -8.63 -0.47
CA HIS A 34 -10.92 -8.80 -0.27
C HIS A 34 -11.69 -8.46 -1.55
N LEU A 35 -11.30 -7.36 -2.22
CA LEU A 35 -11.91 -6.92 -3.51
C LEU A 35 -11.79 -8.01 -4.58
N GLU A 36 -10.55 -8.54 -4.75
CA GLU A 36 -10.25 -9.65 -5.66
C GLU A 36 -11.13 -10.87 -5.35
N ALA A 37 -11.08 -11.28 -4.07
CA ALA A 37 -11.92 -12.37 -3.53
C ALA A 37 -13.42 -12.23 -3.87
N VAL A 38 -13.96 -11.00 -3.72
CA VAL A 38 -15.38 -10.69 -3.99
C VAL A 38 -15.73 -10.79 -5.49
N LEU A 39 -14.79 -10.41 -6.37
CA LEU A 39 -15.02 -10.46 -7.83
C LEU A 39 -14.86 -11.92 -8.33
N GLU A 40 -13.91 -12.67 -7.76
CA GLU A 40 -13.71 -14.09 -8.08
C GLU A 40 -14.83 -14.98 -7.51
N GLN A 41 -15.45 -14.54 -6.41
CA GLN A 41 -16.60 -15.24 -5.79
C GLN A 41 -17.92 -14.88 -6.49
N ARG A 42 -18.12 -13.59 -6.79
CA ARG A 42 -19.44 -13.06 -7.20
C ARG A 42 -19.37 -12.33 -8.56
N GLY A 43 -18.36 -11.48 -8.74
CA GLY A 43 -18.14 -10.78 -10.02
C GLY A 43 -18.81 -9.42 -10.12
N ASN A 44 -20.14 -9.43 -10.03
CA ASN A 44 -20.97 -8.22 -10.25
C ASN A 44 -21.35 -7.55 -8.88
N GLN A 45 -20.62 -7.92 -7.81
CA GLN A 45 -20.82 -7.32 -6.47
C GLN A 45 -20.04 -5.98 -6.35
N PRO A 46 -18.71 -5.88 -6.77
CA PRO A 46 -17.97 -4.59 -6.75
C PRO A 46 -18.40 -3.66 -7.91
N SER A 47 -19.67 -3.20 -7.89
CA SER A 47 -20.25 -2.34 -8.96
C SER A 47 -19.71 -0.89 -8.90
N GLY A 48 -18.88 -0.59 -7.87
CA GLY A 48 -18.20 0.70 -7.74
C GLY A 48 -16.69 0.55 -7.92
N HIS A 49 -16.00 1.69 -8.15
CA HIS A 49 -14.55 1.72 -8.39
C HIS A 49 -13.97 3.08 -7.97
N SER A 50 -12.71 3.05 -7.56
CA SER A 50 -11.86 4.22 -7.38
C SER A 50 -11.34 4.62 -8.76
N PRO A 51 -11.63 5.85 -9.28
CA PRO A 51 -11.16 6.30 -10.60
C PRO A 51 -9.61 6.36 -10.65
N SER A 52 -8.99 5.20 -10.95
CA SER A 52 -7.53 5.04 -10.92
C SER A 52 -6.92 5.56 -12.23
N LEU A 53 -6.86 6.89 -12.34
CA LEU A 53 -6.27 7.61 -13.48
C LEU A 53 -5.49 8.75 -12.87
N GLU A 54 -4.24 8.48 -12.51
CA GLU A 54 -3.33 9.45 -11.86
C GLU A 54 -2.27 9.91 -12.87
N HIS A 55 -1.28 10.66 -12.38
CA HIS A 55 -0.05 10.94 -13.15
C HIS A 55 0.76 9.63 -13.16
N HIS A 56 0.53 8.82 -14.21
CA HIS A 56 1.02 7.43 -14.30
C HIS A 56 2.56 7.37 -14.27
N HIS A 57 3.08 6.88 -13.14
CA HIS A 57 4.51 6.79 -12.86
C HIS A 57 4.92 5.31 -12.88
N HIS A 58 5.68 4.91 -13.92
CA HIS A 58 6.21 3.54 -14.05
C HIS A 58 7.41 3.38 -13.09
N HIS A 59 7.11 3.04 -11.83
CA HIS A 59 8.13 2.85 -10.79
C HIS A 59 9.05 1.67 -11.14
N HIS A 60 8.44 0.51 -11.41
CA HIS A 60 9.17 -0.70 -11.80
C HIS A 60 8.19 -1.68 -12.49
N MET B 1 2.91 -15.12 -21.70
CA MET B 1 3.32 -14.22 -20.59
C MET B 1 2.07 -13.64 -19.92
N GLU B 2 1.32 -12.82 -20.69
CA GLU B 2 -0.01 -12.38 -20.28
C GLU B 2 -0.99 -13.52 -20.59
N GLU B 3 -1.13 -14.44 -19.61
CA GLU B 3 -1.86 -15.70 -19.77
C GLU B 3 -3.33 -15.49 -20.12
N LEU B 4 -3.80 -16.22 -21.14
CA LEU B 4 -5.21 -16.29 -21.51
C LEU B 4 -5.93 -17.04 -20.38
N SER B 5 -6.56 -16.28 -19.47
CA SER B 5 -7.11 -16.78 -18.21
C SER B 5 -8.29 -17.76 -18.43
N GLY B 6 -8.91 -17.71 -19.62
CA GLY B 6 -10.08 -18.54 -19.95
C GLY B 6 -11.37 -17.77 -19.77
N LYS B 7 -11.35 -16.74 -18.89
CA LYS B 7 -12.47 -15.84 -18.65
C LYS B 7 -12.20 -14.51 -19.38
N PRO B 8 -12.90 -14.23 -20.51
CA PRO B 8 -12.93 -12.88 -21.10
C PRO B 8 -13.88 -11.98 -20.28
N LEU B 9 -13.34 -11.43 -19.17
CA LEU B 9 -14.08 -10.52 -18.28
C LEU B 9 -14.58 -9.30 -19.07
N SER B 10 -15.87 -8.96 -18.88
CA SER B 10 -16.47 -7.76 -19.48
C SER B 10 -15.69 -6.54 -19.02
N TYR B 11 -15.53 -5.52 -19.90
CA TYR B 11 -14.71 -4.31 -19.63
C TYR B 11 -15.02 -3.65 -18.27
N ALA B 12 -16.25 -3.87 -17.77
CA ALA B 12 -16.64 -3.38 -16.44
C ALA B 12 -15.78 -4.08 -15.36
N GLU B 13 -15.93 -5.43 -15.28
CA GLU B 13 -15.14 -6.31 -14.37
C GLU B 13 -13.61 -6.16 -14.58
N LYS B 14 -13.22 -6.16 -15.87
CA LYS B 14 -11.81 -6.16 -16.29
C LYS B 14 -11.09 -4.91 -15.78
N GLU B 15 -11.65 -3.73 -16.10
CA GLU B 15 -11.01 -2.45 -15.79
C GLU B 15 -11.09 -2.13 -14.28
N LYS B 16 -12.16 -2.54 -13.58
CA LYS B 16 -12.32 -2.23 -12.12
C LYS B 16 -11.38 -3.07 -11.26
N LEU B 17 -11.25 -4.36 -11.63
CA LEU B 17 -10.40 -5.32 -10.92
C LEU B 17 -8.95 -4.91 -11.10
N LYS B 18 -8.56 -4.67 -12.35
CA LYS B 18 -7.21 -4.28 -12.75
C LYS B 18 -6.81 -2.92 -12.18
N GLU B 19 -7.69 -1.90 -12.27
CA GLU B 19 -7.34 -0.50 -11.88
C GLU B 19 -7.13 -0.42 -10.36
N LYS B 20 -7.99 -1.11 -9.58
CA LYS B 20 -7.95 -1.05 -8.11
C LYS B 20 -6.96 -2.05 -7.51
N LEU B 21 -6.76 -3.22 -8.12
CA LEU B 21 -5.67 -4.14 -7.68
C LEU B 21 -4.31 -3.48 -7.93
N ALA B 22 -4.21 -2.72 -9.06
CA ALA B 22 -3.04 -1.90 -9.37
C ALA B 22 -2.91 -0.76 -8.37
N PHE B 23 -4.03 -0.07 -8.09
CA PHE B 23 -4.07 1.09 -7.19
C PHE B 23 -3.61 0.70 -5.78
N LEU B 24 -4.14 -0.42 -5.27
CA LEU B 24 -3.88 -0.88 -3.91
C LEU B 24 -2.45 -1.43 -3.76
N LYS B 25 -1.99 -2.25 -4.75
CA LYS B 25 -0.63 -2.84 -4.73
C LYS B 25 0.47 -1.76 -4.85
N LYS B 26 0.21 -0.72 -5.68
CA LYS B 26 1.16 0.39 -5.89
C LYS B 26 1.17 1.34 -4.70
N GLU B 27 -0.02 1.59 -4.09
CA GLU B 27 -0.15 2.48 -2.91
C GLU B 27 0.28 1.78 -1.63
N TYR B 28 0.25 0.44 -1.63
CA TYR B 28 0.76 -0.37 -0.52
C TYR B 28 2.28 -0.28 -0.51
N SER B 29 2.87 -0.49 -1.70
CA SER B 29 4.32 -0.38 -1.93
C SER B 29 4.78 1.09 -1.84
N ARG B 30 3.87 2.04 -2.13
CA ARG B 30 4.14 3.49 -2.01
C ARG B 30 4.32 3.87 -0.53
N THR B 31 3.29 3.56 0.28
CA THR B 31 3.25 3.91 1.71
C THR B 31 4.38 3.19 2.48
N LEU B 32 4.42 1.84 2.34
CA LEU B 32 5.47 0.97 2.92
C LEU B 32 6.87 1.52 2.61
N ALA B 33 7.24 1.62 1.33
CA ALA B 33 8.60 2.04 0.91
C ALA B 33 8.94 3.47 1.37
N ARG B 34 8.03 4.42 1.13
CA ARG B 34 8.13 5.81 1.62
C ARG B 34 8.56 5.89 3.11
N LEU B 35 7.73 5.34 3.99
CA LEU B 35 7.89 5.45 5.44
C LEU B 35 9.10 4.63 5.92
N GLN B 36 9.08 3.32 5.59
CA GLN B 36 10.11 2.34 6.01
C GLN B 36 11.54 2.79 5.62
N ARG B 37 11.76 3.05 4.31
CA ARG B 37 13.09 3.38 3.78
C ARG B 37 13.60 4.74 4.32
N ALA B 38 12.69 5.73 4.39
CA ALA B 38 12.99 7.04 4.99
C ALA B 38 13.37 6.91 6.48
N LYS B 39 12.69 6.00 7.20
CA LYS B 39 12.97 5.73 8.64
C LYS B 39 14.32 5.02 8.81
N ARG B 40 14.70 4.19 7.83
CA ARG B 40 16.03 3.56 7.76
C ARG B 40 17.11 4.65 7.55
N ALA B 41 16.86 5.56 6.59
CA ALA B 41 17.66 6.78 6.38
C ALA B 41 17.76 7.68 7.64
N GLU B 42 16.72 7.65 8.50
CA GLU B 42 16.74 8.38 9.79
C GLU B 42 17.73 7.73 10.77
N LYS B 43 17.87 6.39 10.68
CA LYS B 43 18.86 5.65 11.48
C LYS B 43 20.28 6.01 10.98
N ALA B 44 20.52 5.71 9.68
CA ALA B 44 21.81 5.98 9.01
C ALA B 44 21.68 5.72 7.49
N LYS B 45 22.81 5.84 6.76
CA LYS B 45 22.90 5.48 5.32
C LYS B 45 23.06 3.94 5.17
N ASN B 46 22.14 3.22 5.83
CA ASN B 46 22.15 1.74 5.95
C ASN B 46 21.46 1.08 4.74
N SER B 47 20.78 1.89 3.93
CA SER B 47 20.03 1.45 2.76
C SER B 47 20.18 2.49 1.64
N LYS B 48 20.35 2.00 0.39
CA LYS B 48 20.43 2.86 -0.79
C LYS B 48 19.08 3.56 -1.01
N LYS B 49 19.13 4.90 -1.19
CA LYS B 49 17.94 5.74 -1.36
C LYS B 49 17.30 5.46 -2.72
N ALA B 50 16.27 4.58 -2.72
CA ALA B 50 15.56 4.15 -3.92
C ALA B 50 14.63 5.28 -4.42
N ILE B 51 15.23 6.21 -5.18
CA ILE B 51 14.52 7.31 -5.85
C ILE B 51 14.29 6.92 -7.33
N GLU B 52 14.01 5.60 -7.53
CA GLU B 52 13.82 4.98 -8.85
C GLU B 52 12.57 5.58 -9.54
N ASP B 53 12.82 6.72 -10.20
CA ASP B 53 11.80 7.47 -10.93
C ASP B 53 11.55 6.81 -12.30
N GLY B 54 10.35 7.02 -12.83
CA GLY B 54 9.95 6.43 -14.10
C GLY B 54 8.77 7.14 -14.70
N VAL B 55 8.81 8.48 -14.68
CA VAL B 55 7.83 9.30 -15.39
C VAL B 55 8.07 9.17 -16.91
N PRO B 56 7.03 8.77 -17.72
CA PRO B 56 7.16 8.74 -19.19
C PRO B 56 7.08 10.17 -19.79
N GLN B 57 7.26 10.28 -21.12
CA GLN B 57 7.18 11.56 -21.84
C GLN B 57 5.75 12.16 -21.70
N PRO B 58 5.56 13.27 -20.90
CA PRO B 58 4.22 13.82 -20.58
C PRO B 58 3.50 14.41 -21.81
N GLU B 59 4.30 15.05 -22.68
CA GLU B 59 3.81 15.62 -23.95
C GLU B 59 3.37 14.48 -24.90
N ALA B 60 2.06 14.26 -24.99
CA ALA B 60 1.45 13.33 -25.96
C ALA B 60 1.40 13.98 -27.35
N LEU B 61 1.45 15.32 -27.37
CA LEU B 61 1.52 16.12 -28.60
C LEU B 61 2.89 15.88 -29.27
N GLU B 62 2.87 15.04 -30.31
CA GLU B 62 4.06 14.71 -31.11
C GLU B 62 4.42 15.89 -32.04
N HIS B 63 5.26 16.81 -31.51
CA HIS B 63 5.74 17.97 -32.24
C HIS B 63 7.12 17.64 -32.86
N HIS B 64 7.11 17.37 -34.18
CA HIS B 64 8.32 16.99 -34.94
C HIS B 64 8.20 17.46 -36.39
N HIS B 65 9.31 17.96 -36.95
CA HIS B 65 9.34 18.48 -38.32
C HIS B 65 10.77 18.38 -38.91
N HIS B 66 11.10 17.23 -39.51
CA HIS B 66 12.33 17.08 -40.31
C HIS B 66 11.99 17.43 -41.77
N HIS B 67 12.81 18.29 -42.39
CA HIS B 67 12.57 18.72 -43.77
C HIS B 67 13.13 17.70 -44.78
N HIS B 68 12.79 17.89 -46.05
CA HIS B 68 13.37 17.15 -47.18
C HIS B 68 14.22 18.13 -48.02
N MET A 1 26.46 -12.51 7.38
CA MET A 1 26.99 -11.30 6.74
C MET A 1 26.48 -10.04 7.46
N ASN A 2 25.22 -9.63 7.18
CA ASN A 2 24.66 -8.37 7.71
C ASN A 2 23.80 -8.64 8.96
N LEU A 3 24.45 -8.54 10.13
CA LEU A 3 23.79 -8.64 11.43
C LEU A 3 23.27 -7.27 11.88
N SER A 4 24.08 -6.23 11.60
CA SER A 4 23.82 -4.86 12.05
C SER A 4 23.30 -3.98 10.89
N GLU A 5 21.99 -4.11 10.59
CA GLU A 5 21.30 -3.23 9.63
C GLU A 5 20.57 -2.15 10.43
N ASP A 6 19.54 -2.59 11.19
CA ASP A 6 18.77 -1.79 12.14
C ASP A 6 18.92 -2.43 13.54
N CYS A 7 19.50 -1.76 14.59
CA CYS A 7 19.88 -0.32 14.72
C CYS A 7 18.61 0.55 14.74
N SER A 8 18.15 0.84 15.98
CA SER A 8 16.84 1.44 16.27
C SER A 8 15.70 0.40 16.05
N GLN A 9 14.76 0.65 15.10
CA GLN A 9 13.50 -0.12 14.92
C GLN A 9 12.54 -0.06 16.14
N SER A 10 13.00 -0.53 17.32
CA SER A 10 12.25 -0.47 18.60
C SER A 10 11.76 0.98 18.87
N ASP A 11 12.72 1.89 19.08
CA ASP A 11 12.47 3.34 19.08
C ASP A 11 13.04 3.93 17.78
N ILE A 12 12.18 4.26 16.81
CA ILE A 12 12.60 4.91 15.56
C ILE A 12 11.48 5.80 14.98
N LEU A 13 10.26 5.25 14.93
CA LEU A 13 9.12 5.88 14.27
C LEU A 13 8.14 6.34 15.34
N THR A 14 7.86 7.65 15.37
CA THR A 14 7.02 8.31 16.38
C THR A 14 5.62 7.66 16.44
N THR A 15 5.14 7.39 17.68
CA THR A 15 3.95 6.55 17.95
C THR A 15 2.70 6.95 17.15
N GLN A 16 2.43 8.27 17.03
CA GLN A 16 1.36 8.80 16.15
C GLN A 16 1.59 8.32 14.71
N GLN A 17 2.73 8.73 14.10
CA GLN A 17 3.06 8.42 12.70
C GLN A 17 3.14 6.91 12.43
N ARG A 18 3.50 6.14 13.47
CA ARG A 18 3.71 4.68 13.37
C ARG A 18 2.36 3.95 13.39
N ALA A 19 1.50 4.31 14.35
CA ALA A 19 0.21 3.64 14.55
C ALA A 19 -0.73 3.92 13.38
N THR A 20 -0.67 5.16 12.83
CA THR A 20 -1.46 5.53 11.67
C THR A 20 -0.98 4.83 10.38
N MET A 21 0.35 4.81 10.10
CA MET A 21 0.89 4.11 8.90
C MET A 21 0.64 2.60 8.95
N LYS A 22 0.71 2.00 10.17
CA LYS A 22 0.38 0.59 10.38
C LYS A 22 -1.11 0.35 10.12
N TYR A 23 -1.96 1.26 10.66
CA TYR A 23 -3.42 1.24 10.43
C TYR A 23 -3.74 1.28 8.93
N ASN A 24 -3.02 2.16 8.20
CA ASN A 24 -3.26 2.38 6.76
C ASN A 24 -2.80 1.17 5.94
N LEU A 25 -1.63 0.57 6.27
CA LEU A 25 -1.09 -0.59 5.52
C LEU A 25 -1.93 -1.87 5.78
N ILE A 26 -2.40 -2.03 7.04
CA ILE A 26 -3.29 -3.14 7.43
C ILE A 26 -4.67 -2.97 6.78
N LYS A 27 -5.11 -1.70 6.67
CA LYS A 27 -6.35 -1.32 5.97
C LYS A 27 -6.25 -1.69 4.48
N LEU A 28 -5.15 -1.23 3.83
CA LEU A 28 -4.92 -1.42 2.39
C LEU A 28 -4.84 -2.90 1.99
N GLN A 29 -4.09 -3.72 2.75
CA GLN A 29 -3.94 -5.16 2.45
C GLN A 29 -5.27 -5.92 2.70
N GLN A 30 -6.05 -5.46 3.69
CA GLN A 30 -7.37 -6.04 4.04
C GLN A 30 -8.39 -5.72 2.94
N GLU A 31 -8.38 -4.44 2.52
CA GLU A 31 -9.26 -3.90 1.50
C GLU A 31 -8.96 -4.57 0.16
N MET A 32 -7.65 -4.76 -0.10
CA MET A 32 -7.13 -5.38 -1.32
C MET A 32 -7.57 -6.84 -1.40
N ALA A 33 -7.31 -7.60 -0.32
CA ALA A 33 -7.57 -9.05 -0.26
C ALA A 33 -9.05 -9.38 -0.53
N HIS A 34 -9.95 -8.66 0.16
CA HIS A 34 -11.39 -8.87 0.07
C HIS A 34 -11.93 -8.45 -1.30
N LEU A 35 -11.57 -7.21 -1.73
CA LEU A 35 -12.08 -6.63 -2.99
C LEU A 35 -11.56 -7.45 -4.20
N GLU A 36 -10.31 -7.96 -4.10
CA GLU A 36 -9.67 -8.78 -5.14
C GLU A 36 -10.49 -10.04 -5.40
N ALA A 37 -10.72 -10.81 -4.31
CA ALA A 37 -11.48 -12.07 -4.36
C ALA A 37 -12.92 -11.85 -4.87
N VAL A 38 -13.61 -10.84 -4.30
CA VAL A 38 -15.04 -10.57 -4.60
C VAL A 38 -15.23 -10.12 -6.07
N LEU A 39 -14.26 -9.34 -6.58
CA LEU A 39 -14.32 -8.80 -7.94
C LEU A 39 -13.88 -9.87 -8.96
N GLU A 40 -12.96 -10.79 -8.58
CA GLU A 40 -12.41 -11.78 -9.54
C GLU A 40 -13.42 -12.92 -9.78
N GLN A 41 -14.24 -13.25 -8.76
CA GLN A 41 -15.19 -14.37 -8.82
C GLN A 41 -16.60 -13.91 -9.25
N ARG A 42 -17.03 -12.72 -8.81
CA ARG A 42 -18.44 -12.26 -8.99
C ARG A 42 -18.52 -10.90 -9.72
N GLY A 43 -17.36 -10.35 -10.11
CA GLY A 43 -17.29 -9.17 -10.97
C GLY A 43 -17.76 -7.87 -10.33
N ASN A 44 -17.63 -7.78 -8.98
CA ASN A 44 -18.04 -6.59 -8.17
C ASN A 44 -19.59 -6.42 -8.16
N GLN A 45 -20.31 -7.56 -8.31
CA GLN A 45 -21.78 -7.59 -8.20
C GLN A 45 -22.22 -7.14 -6.77
N PRO A 46 -21.65 -7.70 -5.63
CA PRO A 46 -21.87 -7.14 -4.28
C PRO A 46 -20.80 -6.07 -3.94
N SER A 47 -20.82 -4.97 -4.74
CA SER A 47 -19.82 -3.89 -4.63
C SER A 47 -19.90 -3.20 -3.26
N GLY A 48 -18.84 -3.37 -2.44
CA GLY A 48 -18.72 -2.69 -1.16
C GLY A 48 -18.48 -1.18 -1.31
N HIS A 49 -18.31 -0.48 -0.18
CA HIS A 49 -18.09 0.99 -0.15
C HIS A 49 -16.59 1.32 -0.34
N SER A 50 -15.90 0.54 -1.21
CA SER A 50 -14.48 0.73 -1.53
C SER A 50 -14.37 1.34 -2.95
N PRO A 51 -14.25 2.69 -3.09
CA PRO A 51 -14.09 3.35 -4.40
C PRO A 51 -12.61 3.44 -4.82
N SER A 52 -12.38 3.84 -6.06
CA SER A 52 -11.05 4.18 -6.61
C SER A 52 -10.99 5.70 -6.87
N LEU A 53 -11.65 6.46 -5.95
CA LEU A 53 -11.72 7.94 -6.02
C LEU A 53 -10.33 8.58 -5.85
N GLU A 54 -9.42 7.82 -5.21
CA GLU A 54 -8.00 8.19 -5.12
C GLU A 54 -7.28 7.73 -6.41
N HIS A 55 -6.26 8.51 -6.83
CA HIS A 55 -5.48 8.24 -8.06
C HIS A 55 -4.18 9.11 -8.05
N HIS A 56 -3.78 9.63 -6.85
CA HIS A 56 -2.66 10.59 -6.74
C HIS A 56 -1.36 9.98 -7.30
N HIS A 57 -0.95 10.48 -8.46
CA HIS A 57 0.19 9.93 -9.22
C HIS A 57 1.08 11.08 -9.72
N HIS A 58 2.03 11.46 -8.86
CA HIS A 58 3.11 12.38 -9.17
C HIS A 58 4.31 11.99 -8.28
N HIS A 59 5.52 12.06 -8.86
CA HIS A 59 6.74 11.65 -8.16
C HIS A 59 7.01 12.61 -6.99
N HIS A 60 6.70 12.17 -5.76
CA HIS A 60 6.97 12.92 -4.54
C HIS A 60 8.49 12.83 -4.23
N MET B 1 0.34 -19.00 -2.83
CA MET B 1 -1.06 -18.57 -3.05
C MET B 1 -1.19 -17.95 -4.43
N GLU B 2 -1.43 -18.82 -5.43
CA GLU B 2 -1.64 -18.41 -6.82
C GLU B 2 -2.52 -19.47 -7.51
N GLU B 3 -3.83 -19.38 -7.24
CA GLU B 3 -4.87 -20.23 -7.85
C GLU B 3 -4.99 -19.89 -9.34
N LEU B 4 -5.14 -20.93 -10.19
CA LEU B 4 -5.33 -20.74 -11.64
C LEU B 4 -6.78 -20.31 -11.92
N SER B 5 -7.05 -19.03 -11.65
CA SER B 5 -8.37 -18.42 -11.83
C SER B 5 -8.46 -17.83 -13.25
N GLY B 6 -8.37 -18.74 -14.25
CA GLY B 6 -8.43 -18.37 -15.66
C GLY B 6 -9.86 -18.30 -16.17
N LYS B 7 -10.66 -17.47 -15.48
CA LYS B 7 -12.11 -17.32 -15.76
C LYS B 7 -12.36 -15.97 -16.46
N PRO B 8 -13.12 -15.96 -17.61
CA PRO B 8 -13.43 -14.73 -18.34
C PRO B 8 -14.63 -13.96 -17.73
N LEU B 9 -14.34 -12.75 -17.24
CA LEU B 9 -15.34 -11.77 -16.75
C LEU B 9 -15.68 -10.79 -17.90
N SER B 10 -16.79 -10.05 -17.74
CA SER B 10 -17.16 -8.98 -18.67
C SER B 10 -16.03 -7.93 -18.74
N TYR B 11 -15.76 -7.44 -19.97
CA TYR B 11 -14.73 -6.42 -20.29
C TYR B 11 -14.60 -5.30 -19.24
N ALA B 12 -15.76 -4.81 -18.77
CA ALA B 12 -15.86 -3.70 -17.81
C ALA B 12 -15.41 -4.15 -16.41
N GLU B 13 -16.07 -5.23 -15.90
CA GLU B 13 -15.75 -5.87 -14.59
C GLU B 13 -14.25 -6.15 -14.44
N LYS B 14 -13.73 -6.88 -15.44
CA LYS B 14 -12.31 -7.28 -15.55
C LYS B 14 -11.39 -6.06 -15.50
N GLU B 15 -11.76 -4.99 -16.22
CA GLU B 15 -10.92 -3.79 -16.33
C GLU B 15 -10.91 -2.99 -15.01
N LYS B 16 -12.05 -3.01 -14.28
CA LYS B 16 -12.17 -2.46 -12.91
C LYS B 16 -11.34 -3.27 -11.89
N LEU B 17 -11.17 -4.58 -12.16
CA LEU B 17 -10.34 -5.47 -11.33
C LEU B 17 -8.87 -5.08 -11.44
N LYS B 18 -8.39 -5.05 -12.69
CA LYS B 18 -7.04 -4.55 -13.02
C LYS B 18 -6.81 -3.15 -12.45
N GLU B 19 -7.82 -2.27 -12.62
CA GLU B 19 -7.75 -0.86 -12.23
C GLU B 19 -7.56 -0.70 -10.71
N LYS B 20 -8.56 -1.15 -9.95
CA LYS B 20 -8.70 -0.81 -8.54
C LYS B 20 -7.65 -1.53 -7.69
N LEU B 21 -7.34 -2.79 -8.03
CA LEU B 21 -6.47 -3.63 -7.20
C LEU B 21 -4.98 -3.37 -7.49
N ALA B 22 -4.63 -3.13 -8.78
CA ALA B 22 -3.23 -2.82 -9.15
C ALA B 22 -2.84 -1.39 -8.74
N PHE B 23 -3.83 -0.46 -8.76
CA PHE B 23 -3.63 0.93 -8.26
C PHE B 23 -3.42 0.88 -6.73
N LEU B 24 -4.27 0.09 -6.03
CA LEU B 24 -4.29 0.01 -4.56
C LEU B 24 -3.00 -0.65 -4.06
N LYS B 25 -2.51 -1.65 -4.83
CA LYS B 25 -1.27 -2.36 -4.55
C LYS B 25 -0.06 -1.44 -4.70
N LYS B 26 -0.11 -0.58 -5.73
CA LYS B 26 0.92 0.44 -5.99
C LYS B 26 0.96 1.46 -4.83
N GLU B 27 -0.23 1.94 -4.39
CA GLU B 27 -0.39 2.79 -3.18
C GLU B 27 0.17 2.13 -1.92
N TYR B 28 -0.10 0.83 -1.77
CA TYR B 28 0.35 0.03 -0.61
C TYR B 28 1.88 0.02 -0.53
N SER B 29 2.52 -0.52 -1.59
CA SER B 29 3.98 -0.56 -1.74
C SER B 29 4.65 0.83 -1.66
N ARG B 30 3.93 1.88 -2.10
CA ARG B 30 4.42 3.27 -2.06
C ARG B 30 4.52 3.77 -0.61
N THR B 31 3.44 3.54 0.18
CA THR B 31 3.37 3.92 1.61
C THR B 31 4.34 3.06 2.46
N LEU B 32 4.51 1.80 2.01
CA LEU B 32 5.45 0.82 2.60
C LEU B 32 6.90 1.39 2.47
N ALA B 33 7.25 1.84 1.25
CA ALA B 33 8.58 2.38 0.91
C ALA B 33 8.82 3.76 1.55
N ARG B 34 7.73 4.56 1.61
CA ARG B 34 7.71 5.93 2.16
C ARG B 34 8.21 5.95 3.63
N LEU B 35 7.56 5.15 4.48
CA LEU B 35 7.87 5.08 5.91
C LEU B 35 9.16 4.27 6.16
N GLN B 36 9.43 3.28 5.27
CA GLN B 36 10.68 2.50 5.31
C GLN B 36 11.87 3.45 5.14
N ARG B 37 11.74 4.40 4.18
CA ARG B 37 12.76 5.43 3.92
C ARG B 37 12.99 6.29 5.16
N ALA B 38 11.89 6.88 5.69
CA ALA B 38 11.93 7.79 6.87
C ALA B 38 12.80 7.24 8.02
N LYS B 39 12.55 5.96 8.38
CA LYS B 39 13.29 5.25 9.45
C LYS B 39 14.76 5.05 9.04
N ARG B 40 14.96 4.36 7.90
CA ARG B 40 16.29 3.97 7.35
C ARG B 40 17.19 5.20 7.04
N ALA B 41 16.55 6.37 6.95
CA ALA B 41 17.22 7.65 6.63
C ALA B 41 17.76 8.29 7.91
N GLU B 42 16.91 8.36 8.96
CA GLU B 42 17.24 9.08 10.22
C GLU B 42 18.28 8.30 11.08
N LYS B 43 18.08 6.97 11.29
CA LYS B 43 18.98 6.16 12.16
C LYS B 43 20.33 5.86 11.50
N ALA B 44 20.38 5.93 10.18
CA ALA B 44 21.60 5.62 9.39
C ALA B 44 22.21 6.88 8.80
N LYS B 45 23.40 6.74 8.21
CA LYS B 45 24.10 7.82 7.52
C LYS B 45 23.40 8.12 6.18
N ASN B 46 22.33 8.91 6.25
CA ASN B 46 21.56 9.41 5.08
C ASN B 46 21.06 10.82 5.38
N SER B 47 20.27 10.93 6.48
CA SER B 47 19.56 12.16 6.89
C SER B 47 18.61 12.67 5.77
N LYS B 48 18.09 11.71 4.98
CA LYS B 48 17.15 11.98 3.88
C LYS B 48 15.71 11.71 4.35
N LYS B 49 15.42 12.05 5.62
CA LYS B 49 14.10 11.80 6.21
C LYS B 49 13.12 12.91 5.78
N ALA B 50 12.53 12.71 4.60
CA ALA B 50 11.35 13.45 4.17
C ALA B 50 10.17 12.98 5.04
N ILE B 51 9.41 13.92 5.60
CA ILE B 51 8.20 13.61 6.38
C ILE B 51 6.99 13.48 5.45
N GLU B 52 5.92 12.88 5.97
CA GLU B 52 4.66 12.71 5.21
C GLU B 52 3.75 13.92 5.51
N ASP B 53 3.95 15.03 4.76
CA ASP B 53 3.09 16.22 4.86
C ASP B 53 1.67 15.87 4.41
N GLY B 54 0.69 16.30 5.21
CA GLY B 54 -0.67 15.81 5.09
C GLY B 54 -0.88 14.65 6.04
N VAL B 55 -0.97 14.97 7.35
CA VAL B 55 -1.31 13.97 8.39
C VAL B 55 -2.78 13.52 8.18
N PRO B 56 -3.08 12.18 8.20
CA PRO B 56 -4.46 11.65 8.04
C PRO B 56 -5.47 12.33 9.01
N GLN B 57 -6.35 13.17 8.41
CA GLN B 57 -7.38 13.92 9.13
C GLN B 57 -8.34 12.97 9.88
N PRO B 58 -8.77 13.29 11.14
CA PRO B 58 -9.75 12.46 11.89
C PRO B 58 -11.19 12.70 11.41
N GLU B 59 -12.09 11.75 11.71
CA GLU B 59 -13.51 11.84 11.35
C GLU B 59 -14.38 11.06 12.35
N ALA B 60 -15.71 11.32 12.34
CA ALA B 60 -16.67 10.70 13.27
C ALA B 60 -17.84 10.05 12.50
N LEU B 61 -18.30 10.71 11.42
CA LEU B 61 -19.43 10.24 10.58
C LEU B 61 -18.97 9.22 9.51
N GLU B 62 -17.80 8.59 9.74
CA GLU B 62 -17.36 7.38 9.01
C GLU B 62 -18.36 6.22 9.25
N HIS B 63 -18.88 6.17 10.49
CA HIS B 63 -19.86 5.18 10.94
C HIS B 63 -21.19 5.87 11.27
N HIS B 64 -22.31 5.21 10.93
CA HIS B 64 -23.68 5.72 11.18
C HIS B 64 -24.57 4.59 11.74
N HIS B 65 -25.23 4.86 12.88
CA HIS B 65 -26.18 3.92 13.51
C HIS B 65 -27.42 4.70 13.95
N HIS B 66 -28.38 4.88 13.03
CA HIS B 66 -29.69 5.51 13.33
C HIS B 66 -30.58 4.47 14.05
N HIS B 67 -30.36 4.34 15.36
CA HIS B 67 -31.00 3.32 16.22
C HIS B 67 -32.33 3.85 16.82
N HIS B 68 -32.58 5.16 16.65
CA HIS B 68 -33.81 5.84 17.11
C HIS B 68 -34.35 6.75 15.98
N MET A 1 30.49 1.67 6.72
CA MET A 1 30.52 1.98 5.26
C MET A 1 29.99 0.77 4.47
N ASN A 2 30.72 -0.36 4.50
CA ASN A 2 30.24 -1.64 3.95
C ASN A 2 29.43 -2.39 5.03
N LEU A 3 29.82 -2.16 6.30
CA LEU A 3 29.08 -2.64 7.48
C LEU A 3 28.18 -1.50 7.97
N SER A 4 26.89 -1.62 7.68
CA SER A 4 25.86 -0.69 8.15
C SER A 4 25.25 -1.21 9.45
N GLU A 5 25.79 -0.75 10.59
CA GLU A 5 25.19 -0.97 11.90
C GLU A 5 24.07 0.06 12.10
N ASP A 6 22.88 -0.24 11.55
CA ASP A 6 21.70 0.61 11.67
C ASP A 6 20.48 -0.23 12.14
N CYS A 7 19.62 0.28 13.04
CA CYS A 7 19.75 1.57 13.76
C CYS A 7 18.89 1.55 15.03
N SER A 8 18.70 0.33 15.58
CA SER A 8 17.53 0.00 16.43
C SER A 8 16.26 0.16 15.56
N GLN A 9 16.42 -0.29 14.29
CA GLN A 9 15.42 -0.18 13.23
C GLN A 9 14.21 -1.08 13.54
N SER A 10 13.19 -0.43 14.13
CA SER A 10 11.92 -1.06 14.46
C SER A 10 10.93 0.07 14.78
N ASP A 11 11.06 0.66 15.96
CA ASP A 11 10.31 1.87 16.34
C ASP A 11 11.25 3.08 16.25
N ILE A 12 11.09 3.83 15.17
CA ILE A 12 11.85 5.08 14.87
C ILE A 12 10.87 6.27 14.90
N LEU A 13 9.60 5.93 14.74
CA LEU A 13 8.46 6.84 14.71
C LEU A 13 7.79 6.85 16.10
N THR A 14 6.87 7.79 16.32
CA THR A 14 6.06 7.85 17.56
C THR A 14 4.90 6.84 17.51
N THR A 15 4.17 6.70 18.65
CA THR A 15 3.05 5.75 18.77
C THR A 15 1.85 6.16 17.88
N GLN A 16 1.70 7.48 17.67
CA GLN A 16 0.67 8.07 16.80
C GLN A 16 1.01 7.77 15.33
N GLN A 17 2.30 7.96 14.97
CA GLN A 17 2.81 7.71 13.61
C GLN A 17 2.81 6.21 13.29
N ARG A 18 2.99 5.38 14.34
CA ARG A 18 2.92 3.92 14.22
C ARG A 18 1.50 3.47 13.87
N ALA A 19 0.51 4.09 14.54
CA ALA A 19 -0.91 3.78 14.35
C ALA A 19 -1.38 4.16 12.95
N THR A 20 -1.10 5.41 12.54
CA THR A 20 -1.57 5.94 11.24
C THR A 20 -0.92 5.21 10.05
N MET A 21 0.34 4.72 10.21
CA MET A 21 1.02 3.98 9.11
C MET A 21 0.49 2.55 9.02
N LYS A 22 0.06 1.98 10.18
CA LYS A 22 -0.55 0.66 10.22
C LYS A 22 -1.83 0.65 9.40
N TYR A 23 -2.82 1.46 9.82
CA TYR A 23 -4.18 1.45 9.23
C TYR A 23 -4.22 2.07 7.82
N ASN A 24 -3.22 2.89 7.46
CA ASN A 24 -3.10 3.41 6.07
C ASN A 24 -2.76 2.26 5.11
N LEU A 25 -1.66 1.55 5.42
CA LEU A 25 -1.18 0.41 4.61
C LEU A 25 -2.11 -0.82 4.76
N ILE A 26 -2.79 -0.93 5.92
CA ILE A 26 -3.72 -2.04 6.21
C ILE A 26 -5.00 -1.85 5.39
N LYS A 27 -5.46 -0.60 5.22
CA LYS A 27 -6.57 -0.25 4.33
C LYS A 27 -6.28 -0.77 2.90
N LEU A 28 -5.10 -0.38 2.39
CA LEU A 28 -4.58 -0.78 1.07
C LEU A 28 -4.54 -2.34 0.89
N GLN A 29 -3.87 -3.06 1.80
CA GLN A 29 -3.63 -4.51 1.67
C GLN A 29 -4.90 -5.36 1.95
N GLN A 30 -5.77 -4.86 2.87
CA GLN A 30 -7.01 -5.58 3.28
C GLN A 30 -7.99 -5.54 2.11
N GLU A 31 -8.22 -4.32 1.57
CA GLU A 31 -9.12 -4.10 0.42
C GLU A 31 -8.56 -4.73 -0.87
N MET A 32 -7.24 -4.96 -0.92
CA MET A 32 -6.59 -5.68 -2.04
C MET A 32 -7.10 -7.15 -2.08
N ALA A 33 -7.01 -7.82 -0.91
CA ALA A 33 -7.45 -9.23 -0.76
C ALA A 33 -8.98 -9.35 -0.75
N HIS A 34 -9.64 -8.30 -0.25
CA HIS A 34 -11.11 -8.23 -0.11
C HIS A 34 -11.75 -8.07 -1.49
N LEU A 35 -11.19 -7.16 -2.30
CA LEU A 35 -11.62 -6.95 -3.71
C LEU A 35 -11.50 -8.27 -4.48
N GLU A 36 -10.26 -8.82 -4.49
CA GLU A 36 -9.91 -10.05 -5.20
C GLU A 36 -10.90 -11.20 -4.91
N ALA A 37 -11.00 -11.59 -3.62
CA ALA A 37 -11.89 -12.66 -3.14
C ALA A 37 -13.34 -12.51 -3.66
N VAL A 38 -13.92 -11.32 -3.48
CA VAL A 38 -15.33 -11.04 -3.78
C VAL A 38 -15.57 -10.89 -5.31
N LEU A 39 -14.58 -10.37 -6.05
CA LEU A 39 -14.74 -10.10 -7.50
C LEU A 39 -14.61 -11.43 -8.30
N GLU A 40 -13.70 -12.32 -7.86
CA GLU A 40 -13.53 -13.65 -8.48
C GLU A 40 -14.77 -14.52 -8.22
N GLN A 41 -15.31 -14.37 -6.99
CA GLN A 41 -16.49 -15.11 -6.53
C GLN A 41 -17.77 -14.64 -7.25
N ARG A 42 -17.93 -13.31 -7.37
CA ARG A 42 -19.18 -12.68 -7.84
C ARG A 42 -18.98 -12.02 -9.21
N GLY A 43 -18.07 -11.02 -9.28
CA GLY A 43 -17.79 -10.29 -10.52
C GLY A 43 -18.61 -9.02 -10.65
N ASN A 44 -19.88 -9.11 -10.25
CA ASN A 44 -20.84 -7.98 -10.31
C ASN A 44 -20.72 -7.12 -9.05
N GLN A 45 -20.17 -7.73 -7.98
CA GLN A 45 -19.85 -7.03 -6.73
C GLN A 45 -18.33 -7.08 -6.50
N PRO A 46 -17.59 -5.99 -6.86
CA PRO A 46 -16.23 -5.72 -6.35
C PRO A 46 -16.29 -5.03 -4.97
N SER A 47 -15.15 -4.47 -4.51
CA SER A 47 -15.13 -3.59 -3.33
C SER A 47 -15.77 -2.24 -3.72
N GLY A 48 -16.79 -1.82 -2.94
CA GLY A 48 -17.67 -0.68 -3.29
C GLY A 48 -17.00 0.68 -3.22
N HIS A 49 -15.82 0.74 -2.58
CA HIS A 49 -15.02 1.97 -2.50
C HIS A 49 -14.27 2.25 -3.82
N SER A 50 -14.53 3.43 -4.40
CA SER A 50 -13.65 4.04 -5.40
C SER A 50 -12.50 4.74 -4.64
N PRO A 51 -11.22 4.27 -4.77
CA PRO A 51 -10.06 4.95 -4.10
C PRO A 51 -9.76 6.34 -4.73
N SER A 52 -8.49 6.79 -4.63
CA SER A 52 -8.08 8.08 -5.24
C SER A 52 -7.78 7.92 -6.77
N LEU A 53 -8.61 7.10 -7.46
CA LEU A 53 -8.64 6.99 -8.93
C LEU A 53 -9.10 8.30 -9.58
N GLU A 54 -9.81 9.12 -8.77
CA GLU A 54 -10.19 10.51 -9.08
C GLU A 54 -8.94 11.33 -9.48
N HIS A 55 -7.82 11.01 -8.81
CA HIS A 55 -6.51 11.60 -9.04
C HIS A 55 -5.72 10.60 -9.88
N HIS A 56 -6.13 10.46 -11.16
CA HIS A 56 -5.68 9.39 -12.08
C HIS A 56 -4.14 9.30 -12.18
N HIS A 57 -3.62 8.05 -12.24
CA HIS A 57 -2.18 7.77 -12.46
C HIS A 57 -1.81 8.07 -13.95
N HIS A 58 -1.83 9.36 -14.28
CA HIS A 58 -1.72 9.86 -15.67
C HIS A 58 -0.26 9.98 -16.11
N HIS A 59 -0.07 10.23 -17.41
CA HIS A 59 1.25 10.47 -18.00
C HIS A 59 1.74 11.88 -17.65
N HIS A 60 2.92 11.96 -17.02
CA HIS A 60 3.65 13.21 -16.81
C HIS A 60 4.62 13.41 -18.00
N MET B 1 0.10 -12.16 -11.32
CA MET B 1 0.02 -13.42 -10.54
C MET B 1 -1.19 -14.25 -11.01
N GLU B 2 -1.62 -15.24 -10.19
CA GLU B 2 -2.78 -16.11 -10.48
C GLU B 2 -4.08 -15.27 -10.65
N GLU B 3 -4.64 -15.32 -11.86
CA GLU B 3 -5.95 -14.74 -12.20
C GLU B 3 -6.76 -15.82 -12.95
N LEU B 4 -8.10 -15.66 -13.01
CA LEU B 4 -8.95 -16.55 -13.84
C LEU B 4 -8.59 -16.32 -15.33
N SER B 5 -7.73 -17.21 -15.85
CA SER B 5 -7.19 -17.12 -17.22
C SER B 5 -8.16 -17.74 -18.25
N GLY B 6 -8.04 -17.31 -19.52
CA GLY B 6 -8.93 -17.78 -20.61
C GLY B 6 -10.38 -17.40 -20.39
N LYS B 7 -10.61 -16.20 -19.83
CA LYS B 7 -11.94 -15.68 -19.51
C LYS B 7 -12.28 -14.49 -20.44
N PRO B 8 -13.36 -14.61 -21.27
CA PRO B 8 -13.86 -13.47 -22.07
C PRO B 8 -14.84 -12.60 -21.24
N LEU B 9 -14.47 -12.33 -19.97
CA LEU B 9 -15.30 -11.57 -19.02
C LEU B 9 -15.45 -10.11 -19.48
N SER B 10 -16.54 -9.46 -19.04
CA SER B 10 -16.84 -8.08 -19.42
C SER B 10 -15.82 -7.11 -18.82
N TYR B 11 -15.59 -5.99 -19.54
CA TYR B 11 -14.58 -4.99 -19.17
C TYR B 11 -14.86 -4.38 -17.79
N ALA B 12 -16.15 -4.22 -17.44
CA ALA B 12 -16.60 -3.80 -16.09
C ALA B 12 -15.87 -4.54 -14.93
N GLU B 13 -15.70 -5.87 -15.09
CA GLU B 13 -15.17 -6.75 -14.03
C GLU B 13 -13.63 -6.68 -14.05
N LYS B 14 -13.08 -6.86 -15.26
CA LYS B 14 -11.65 -6.75 -15.57
C LYS B 14 -11.08 -5.36 -15.15
N GLU B 15 -11.93 -4.31 -15.28
CA GLU B 15 -11.58 -2.91 -14.98
C GLU B 15 -11.51 -2.68 -13.48
N LYS B 16 -12.53 -3.16 -12.72
CA LYS B 16 -12.60 -2.94 -11.27
C LYS B 16 -11.45 -3.66 -10.57
N LEU B 17 -11.15 -4.86 -11.10
CA LEU B 17 -10.03 -5.70 -10.69
C LEU B 17 -8.70 -4.92 -10.90
N LYS B 18 -8.54 -4.30 -12.09
CA LYS B 18 -7.30 -3.62 -12.48
C LYS B 18 -7.13 -2.30 -11.69
N GLU B 19 -8.11 -1.37 -11.83
CA GLU B 19 -8.04 0.00 -11.26
C GLU B 19 -7.70 0.00 -9.75
N LYS B 20 -8.39 -0.87 -8.97
CA LYS B 20 -8.25 -0.88 -7.52
C LYS B 20 -6.99 -1.65 -7.11
N LEU B 21 -6.73 -2.85 -7.70
CA LEU B 21 -5.53 -3.65 -7.33
C LEU B 21 -4.25 -2.91 -7.72
N ALA B 22 -4.28 -2.19 -8.85
CA ALA B 22 -3.14 -1.38 -9.32
C ALA B 22 -2.86 -0.24 -8.34
N PHE B 23 -3.95 0.42 -7.88
CA PHE B 23 -3.86 1.50 -6.88
C PHE B 23 -3.30 0.98 -5.55
N LEU B 24 -3.87 -0.14 -5.07
CA LEU B 24 -3.66 -0.60 -3.68
C LEU B 24 -2.28 -1.24 -3.57
N LYS B 25 -1.91 -2.03 -4.60
CA LYS B 25 -0.58 -2.65 -4.74
C LYS B 25 0.53 -1.58 -4.86
N LYS B 26 0.23 -0.50 -5.61
CA LYS B 26 1.21 0.55 -5.88
C LYS B 26 1.47 1.36 -4.62
N GLU B 27 0.41 1.88 -4.00
CA GLU B 27 0.50 2.74 -2.82
C GLU B 27 0.91 1.96 -1.57
N TYR B 28 0.59 0.64 -1.51
CA TYR B 28 1.03 -0.22 -0.40
C TYR B 28 2.56 -0.40 -0.46
N SER B 29 3.06 -0.77 -1.65
CA SER B 29 4.49 -1.08 -1.87
C SER B 29 5.34 0.20 -1.84
N ARG B 30 4.77 1.30 -2.37
CA ARG B 30 5.48 2.57 -2.54
C ARG B 30 5.57 3.31 -1.21
N THR B 31 4.45 3.35 -0.43
CA THR B 31 4.43 4.03 0.89
C THR B 31 5.24 3.22 1.93
N LEU B 32 5.14 1.86 1.86
CA LEU B 32 6.05 0.95 2.57
C LEU B 32 7.52 1.38 2.40
N ALA B 33 7.99 1.45 1.13
CA ALA B 33 9.38 1.82 0.81
C ALA B 33 9.72 3.25 1.28
N ARG B 34 8.80 4.20 0.99
CA ARG B 34 8.89 5.61 1.42
C ARG B 34 9.26 5.73 2.92
N LEU B 35 8.44 5.12 3.80
CA LEU B 35 8.66 5.20 5.26
C LEU B 35 9.92 4.42 5.67
N GLN B 36 9.98 3.10 5.35
CA GLN B 36 11.12 2.20 5.71
C GLN B 36 12.51 2.82 5.41
N ARG B 37 12.71 3.28 4.15
CA ARG B 37 13.98 3.90 3.71
C ARG B 37 14.24 5.24 4.44
N ALA B 38 13.19 6.07 4.55
CA ALA B 38 13.28 7.40 5.16
C ALA B 38 13.54 7.30 6.67
N LYS B 39 13.13 6.17 7.27
CA LYS B 39 13.28 5.89 8.71
C LYS B 39 14.71 5.42 9.03
N ARG B 40 15.34 4.70 8.07
CA ARG B 40 16.78 4.34 8.17
C ARG B 40 17.64 5.62 8.10
N ALA B 41 17.29 6.50 7.15
CA ALA B 41 17.90 7.84 7.00
C ALA B 41 17.61 8.75 8.22
N GLU B 42 16.42 8.57 8.82
CA GLU B 42 15.94 9.37 9.96
C GLU B 42 16.65 8.97 11.28
N LYS B 43 16.91 7.67 11.42
CA LYS B 43 17.44 7.10 12.68
C LYS B 43 18.97 7.05 12.69
N ALA B 44 19.56 6.37 11.68
CA ALA B 44 21.03 6.20 11.58
C ALA B 44 21.71 7.56 11.35
N LYS B 45 22.49 8.01 12.36
CA LYS B 45 23.12 9.37 12.46
C LYS B 45 22.10 10.46 12.88
N ASN B 46 20.80 10.16 12.73
CA ASN B 46 19.66 11.00 13.15
C ASN B 46 19.50 12.28 12.31
N SER B 47 18.38 12.35 11.58
CA SER B 47 17.89 13.59 10.97
C SER B 47 17.13 14.38 12.06
N LYS B 48 17.78 15.44 12.58
CA LYS B 48 17.30 16.25 13.71
C LYS B 48 15.95 16.94 13.39
N LYS B 49 15.80 17.41 12.14
CA LYS B 49 14.52 17.89 11.60
C LYS B 49 14.00 16.88 10.57
N ALA B 50 13.18 15.93 11.05
CA ALA B 50 12.49 14.95 10.20
C ALA B 50 11.01 14.92 10.60
N ILE B 51 10.22 15.76 9.92
CA ILE B 51 8.78 15.92 10.22
C ILE B 51 8.01 14.63 9.84
N GLU B 52 7.25 14.12 10.82
CA GLU B 52 6.35 12.98 10.62
C GLU B 52 5.02 13.50 10.03
N ASP B 53 5.06 13.87 8.74
CA ASP B 53 3.88 14.30 8.01
C ASP B 53 2.92 13.10 7.82
N GLY B 54 1.75 13.18 8.47
CA GLY B 54 0.76 12.12 8.43
C GLY B 54 -0.04 12.17 7.14
N VAL B 55 -0.16 11.01 6.46
CA VAL B 55 -1.00 10.87 5.25
C VAL B 55 -2.46 11.28 5.59
N PRO B 56 -3.02 12.35 4.93
CA PRO B 56 -4.40 12.84 5.22
C PRO B 56 -5.45 11.72 5.08
N GLN B 57 -5.80 11.12 6.23
CA GLN B 57 -6.87 10.10 6.31
C GLN B 57 -8.12 10.77 6.91
N PRO B 58 -9.06 11.29 6.05
CA PRO B 58 -10.22 12.09 6.53
C PRO B 58 -11.38 11.22 7.05
N GLU B 59 -12.20 11.82 7.91
CA GLU B 59 -13.41 11.17 8.48
C GLU B 59 -14.62 11.34 7.55
N ALA B 60 -15.51 10.34 7.57
CA ALA B 60 -16.72 10.30 6.72
C ALA B 60 -17.94 9.95 7.56
N LEU B 61 -19.02 10.76 7.44
CA LEU B 61 -20.27 10.57 8.21
C LEU B 61 -21.50 10.56 7.28
N GLU B 62 -22.52 9.77 7.66
CA GLU B 62 -23.82 9.78 6.99
C GLU B 62 -24.69 10.86 7.67
N HIS B 63 -25.54 11.55 6.89
CA HIS B 63 -26.31 12.71 7.37
C HIS B 63 -27.57 12.27 8.12
N HIS B 64 -27.97 13.10 9.12
CA HIS B 64 -29.18 12.90 9.94
C HIS B 64 -30.45 12.91 9.07
N HIS B 65 -31.12 11.75 8.99
CA HIS B 65 -32.33 11.56 8.16
C HIS B 65 -33.60 11.86 8.98
N HIS B 66 -33.88 13.17 9.20
CA HIS B 66 -35.07 13.65 9.95
C HIS B 66 -35.56 14.97 9.33
N HIS B 67 -36.85 15.03 8.96
CA HIS B 67 -37.47 16.25 8.36
C HIS B 67 -37.94 17.21 9.47
N HIS B 68 -38.04 18.50 9.12
CA HIS B 68 -38.63 19.53 10.00
C HIS B 68 -40.18 19.50 9.85
N MET A 1 34.47 1.43 6.14
CA MET A 1 33.43 2.47 6.01
C MET A 1 32.37 2.27 7.09
N ASN A 2 31.99 3.36 7.79
CA ASN A 2 31.04 3.31 8.92
C ASN A 2 29.59 3.28 8.42
N LEU A 3 29.07 2.05 8.24
CA LEU A 3 27.64 1.82 7.97
C LEU A 3 26.84 1.85 9.29
N SER A 4 27.54 1.65 10.42
CA SER A 4 26.98 1.74 11.77
C SER A 4 27.75 2.79 12.59
N GLU A 5 27.43 4.07 12.33
CA GLU A 5 27.90 5.23 13.10
C GLU A 5 26.93 6.37 12.79
N ASP A 6 25.77 6.32 13.46
CA ASP A 6 24.56 7.07 13.06
C ASP A 6 23.42 6.89 14.08
N CYS A 7 22.50 7.86 14.31
CA CYS A 7 22.54 9.29 13.88
C CYS A 7 21.37 9.98 14.58
N SER A 8 20.18 9.40 14.33
CA SER A 8 18.90 9.82 14.87
C SER A 8 18.07 8.55 15.18
N GLN A 9 18.79 7.46 15.56
CA GLN A 9 18.25 6.08 15.65
C GLN A 9 17.02 5.96 16.58
N SER A 10 16.95 6.80 17.61
CA SER A 10 15.82 6.80 18.57
C SER A 10 14.59 7.50 17.96
N ASP A 11 14.77 8.76 17.54
CA ASP A 11 13.66 9.59 17.02
C ASP A 11 13.63 9.53 15.49
N ILE A 12 12.71 8.70 14.96
CA ILE A 12 12.52 8.47 13.51
C ILE A 12 11.01 8.31 13.24
N LEU A 13 10.41 7.38 14.02
CA LEU A 13 9.01 6.97 13.87
C LEU A 13 8.39 6.88 15.28
N THR A 14 7.28 7.61 15.51
CA THR A 14 6.62 7.71 16.83
C THR A 14 5.64 6.56 17.08
N THR A 15 5.27 6.34 18.36
CA THR A 15 4.36 5.26 18.80
C THR A 15 2.92 5.52 18.34
N GLN A 16 2.52 6.81 18.33
CA GLN A 16 1.22 7.24 17.79
C GLN A 16 1.16 7.00 16.27
N GLN A 17 2.31 7.21 15.57
CA GLN A 17 2.43 6.98 14.12
C GLN A 17 2.60 5.48 13.82
N ARG A 18 2.96 4.68 14.84
CA ARG A 18 2.92 3.21 14.73
C ARG A 18 1.49 2.72 14.64
N ALA A 19 0.65 3.21 15.56
CA ALA A 19 -0.80 2.90 15.59
C ALA A 19 -1.48 3.35 14.27
N THR A 20 -1.03 4.52 13.78
CA THR A 20 -1.40 5.07 12.47
C THR A 20 -1.05 4.08 11.33
N MET A 21 0.25 3.76 11.18
CA MET A 21 0.75 2.97 10.02
C MET A 21 0.19 1.53 10.04
N LYS A 22 -0.08 0.99 11.25
CA LYS A 22 -0.72 -0.32 11.41
C LYS A 22 -2.15 -0.29 10.86
N TYR A 23 -2.87 0.80 11.15
CA TYR A 23 -4.23 1.00 10.64
C TYR A 23 -4.21 1.12 9.11
N ASN A 24 -3.21 1.86 8.57
CA ASN A 24 -3.06 2.07 7.12
C ASN A 24 -2.86 0.74 6.39
N LEU A 25 -1.83 -0.01 6.81
CA LEU A 25 -1.35 -1.21 6.11
C LEU A 25 -2.39 -2.36 6.16
N ILE A 26 -2.99 -2.60 7.35
CA ILE A 26 -4.00 -3.67 7.55
C ILE A 26 -5.30 -3.33 6.79
N LYS A 27 -5.66 -2.03 6.76
CA LYS A 27 -6.82 -1.53 5.98
C LYS A 27 -6.61 -1.79 4.49
N LEU A 28 -5.44 -1.38 3.98
CA LEU A 28 -5.04 -1.59 2.58
C LEU A 28 -5.06 -3.08 2.19
N GLN A 29 -4.63 -3.95 3.12
CA GLN A 29 -4.63 -5.41 2.91
C GLN A 29 -6.06 -5.99 2.85
N GLN A 30 -6.93 -5.54 3.78
CA GLN A 30 -8.30 -6.09 3.93
C GLN A 30 -9.22 -5.61 2.79
N GLU A 31 -9.10 -4.32 2.42
CA GLU A 31 -9.93 -3.70 1.37
C GLU A 31 -9.52 -4.25 -0.01
N MET A 32 -8.20 -4.51 -0.18
CA MET A 32 -7.63 -5.10 -1.41
C MET A 32 -8.08 -6.56 -1.56
N ALA A 33 -7.99 -7.31 -0.45
CA ALA A 33 -8.33 -8.74 -0.40
C ALA A 33 -9.80 -8.99 -0.75
N HIS A 34 -10.68 -8.12 -0.21
CA HIS A 34 -12.13 -8.18 -0.45
C HIS A 34 -12.46 -7.68 -1.87
N LEU A 35 -11.83 -6.57 -2.28
CA LEU A 35 -12.06 -5.94 -3.60
C LEU A 35 -11.70 -6.92 -4.74
N GLU A 36 -10.61 -7.69 -4.54
CA GLU A 36 -10.08 -8.61 -5.55
C GLU A 36 -10.96 -9.86 -5.63
N ALA A 37 -11.04 -10.60 -4.48
CA ALA A 37 -11.88 -11.79 -4.34
C ALA A 37 -13.32 -11.60 -4.86
N VAL A 38 -13.99 -10.53 -4.40
CA VAL A 38 -15.42 -10.32 -4.70
C VAL A 38 -15.61 -9.84 -6.16
N LEU A 39 -14.58 -9.21 -6.75
CA LEU A 39 -14.60 -8.84 -8.19
C LEU A 39 -14.37 -10.11 -9.07
N GLU A 40 -13.50 -11.01 -8.63
CA GLU A 40 -13.19 -12.23 -9.39
C GLU A 40 -14.33 -13.26 -9.27
N GLN A 41 -15.02 -13.27 -8.12
CA GLN A 41 -16.12 -14.20 -7.84
C GLN A 41 -17.45 -13.68 -8.40
N ARG A 42 -17.72 -12.37 -8.22
CA ARG A 42 -18.96 -11.71 -8.69
C ARG A 42 -18.67 -10.79 -9.89
N GLY A 43 -17.82 -9.76 -9.68
CA GLY A 43 -17.45 -8.80 -10.74
C GLY A 43 -18.32 -7.56 -10.75
N ASN A 44 -19.63 -7.81 -10.75
CA ASN A 44 -20.67 -6.76 -10.80
C ASN A 44 -21.08 -6.31 -9.37
N GLN A 45 -20.34 -6.80 -8.35
CA GLN A 45 -20.54 -6.45 -6.93
C GLN A 45 -19.16 -6.22 -6.21
N PRO A 46 -18.19 -5.42 -6.78
CA PRO A 46 -16.82 -5.33 -6.19
C PRO A 46 -16.76 -4.37 -4.96
N SER A 47 -17.93 -3.78 -4.61
CA SER A 47 -18.07 -2.72 -3.59
C SER A 47 -17.28 -1.47 -4.01
N GLY A 48 -17.88 -0.71 -4.95
CA GLY A 48 -17.29 0.52 -5.47
C GLY A 48 -17.21 1.62 -4.43
N HIS A 49 -16.10 1.62 -3.68
CA HIS A 49 -15.81 2.59 -2.61
C HIS A 49 -14.51 3.31 -2.96
N SER A 50 -14.49 4.63 -2.75
CA SER A 50 -13.29 5.46 -2.88
C SER A 50 -12.24 4.98 -1.84
N PRO A 51 -11.09 4.36 -2.28
CA PRO A 51 -10.12 3.69 -1.37
C PRO A 51 -9.28 4.69 -0.54
N SER A 52 -8.07 4.30 -0.15
CA SER A 52 -7.12 5.21 0.47
C SER A 52 -6.51 6.13 -0.60
N LEU A 53 -6.92 7.41 -0.61
CA LEU A 53 -6.35 8.47 -1.48
C LEU A 53 -5.35 9.32 -0.69
N GLU A 54 -4.72 8.70 0.31
CA GLU A 54 -3.86 9.40 1.28
C GLU A 54 -2.62 9.98 0.57
N HIS A 55 -2.56 11.33 0.56
CA HIS A 55 -1.82 12.11 -0.45
C HIS A 55 -0.32 12.30 -0.11
N HIS A 56 0.34 13.05 -1.01
CA HIS A 56 1.77 13.42 -0.98
C HIS A 56 2.10 14.23 0.30
N HIS A 57 3.28 13.93 0.88
CA HIS A 57 3.81 14.62 2.08
C HIS A 57 4.79 15.74 1.63
N HIS A 58 5.12 16.68 2.55
CA HIS A 58 6.05 17.79 2.26
C HIS A 58 7.44 17.25 1.86
N HIS A 59 8.06 17.86 0.83
CA HIS A 59 9.35 17.40 0.25
C HIS A 59 10.52 17.55 1.24
N HIS A 60 10.32 18.39 2.27
CA HIS A 60 11.33 18.65 3.30
C HIS A 60 10.62 18.93 4.64
N MET B 1 9.60 -16.57 -14.92
CA MET B 1 8.52 -17.13 -15.76
C MET B 1 7.52 -16.04 -16.12
N GLU B 2 6.75 -16.29 -17.19
CA GLU B 2 5.60 -15.45 -17.57
C GLU B 2 4.34 -15.97 -16.86
N GLU B 3 3.99 -15.31 -15.76
CA GLU B 3 2.83 -15.66 -14.93
C GLU B 3 1.62 -14.84 -15.42
N LEU B 4 0.91 -15.40 -16.41
CA LEU B 4 -0.26 -14.74 -17.03
C LEU B 4 -1.48 -14.83 -16.09
N SER B 5 -1.80 -13.70 -15.45
CA SER B 5 -2.99 -13.56 -14.58
C SER B 5 -4.23 -13.15 -15.43
N GLY B 6 -4.23 -13.58 -16.71
CA GLY B 6 -5.25 -13.20 -17.70
C GLY B 6 -6.45 -14.10 -17.66
N LYS B 7 -7.26 -13.95 -16.60
CA LYS B 7 -8.53 -14.67 -16.43
C LYS B 7 -9.60 -13.96 -17.28
N PRO B 8 -10.30 -14.65 -18.24
CA PRO B 8 -11.27 -14.01 -19.16
C PRO B 8 -12.57 -13.54 -18.46
N LEU B 9 -12.47 -12.38 -17.79
CA LEU B 9 -13.62 -11.63 -17.25
C LEU B 9 -14.04 -10.58 -18.30
N SER B 10 -15.27 -10.05 -18.14
CA SER B 10 -15.79 -8.98 -19.02
C SER B 10 -14.88 -7.73 -18.93
N TYR B 11 -14.82 -6.94 -20.04
CA TYR B 11 -13.91 -5.77 -20.16
C TYR B 11 -14.03 -4.80 -18.95
N ALA B 12 -15.28 -4.56 -18.52
CA ALA B 12 -15.58 -3.66 -17.40
C ALA B 12 -14.95 -4.21 -16.10
N GLU B 13 -15.38 -5.42 -15.70
CA GLU B 13 -14.87 -6.16 -14.52
C GLU B 13 -13.32 -6.23 -14.48
N LYS B 14 -12.74 -6.66 -15.60
CA LYS B 14 -11.31 -7.03 -15.70
C LYS B 14 -10.40 -5.79 -15.70
N GLU B 15 -10.88 -4.68 -16.27
CA GLU B 15 -10.17 -3.38 -16.25
C GLU B 15 -10.39 -2.64 -14.92
N LYS B 16 -11.48 -2.98 -14.21
CA LYS B 16 -11.71 -2.52 -12.82
C LYS B 16 -10.80 -3.30 -11.86
N LEU B 17 -10.57 -4.59 -12.19
CA LEU B 17 -9.69 -5.49 -11.43
C LEU B 17 -8.25 -4.99 -11.54
N LYS B 18 -7.81 -4.75 -12.79
CA LYS B 18 -6.49 -4.20 -13.09
C LYS B 18 -6.30 -2.82 -12.42
N GLU B 19 -7.19 -1.86 -12.73
CA GLU B 19 -7.03 -0.46 -12.31
C GLU B 19 -7.02 -0.34 -10.77
N LYS B 20 -8.12 -0.78 -10.13
CA LYS B 20 -8.30 -0.68 -8.67
C LYS B 20 -7.23 -1.45 -7.89
N LEU B 21 -7.08 -2.76 -8.18
CA LEU B 21 -6.16 -3.63 -7.40
C LEU B 21 -4.68 -3.27 -7.66
N ALA B 22 -4.35 -2.65 -8.81
CA ALA B 22 -2.98 -2.11 -9.06
C ALA B 22 -2.78 -0.77 -8.34
N PHE B 23 -3.88 0.00 -8.19
CA PHE B 23 -3.85 1.25 -7.42
C PHE B 23 -3.65 0.95 -5.93
N LEU B 24 -4.36 -0.08 -5.43
CA LEU B 24 -4.31 -0.48 -4.00
C LEU B 24 -2.97 -1.16 -3.70
N LYS B 25 -2.45 -1.91 -4.69
CA LYS B 25 -1.13 -2.53 -4.64
C LYS B 25 -0.06 -1.44 -4.51
N LYS B 26 -0.16 -0.42 -5.40
CA LYS B 26 0.83 0.64 -5.52
C LYS B 26 0.67 1.69 -4.40
N GLU B 27 -0.51 1.71 -3.74
CA GLU B 27 -0.80 2.66 -2.65
C GLU B 27 -0.13 2.10 -1.38
N TYR B 28 -0.30 0.77 -1.22
CA TYR B 28 0.28 -0.01 -0.13
C TYR B 28 1.82 0.01 -0.21
N SER B 29 2.36 -0.42 -1.36
CA SER B 29 3.80 -0.50 -1.62
C SER B 29 4.48 0.87 -1.48
N ARG B 30 3.87 1.93 -2.06
CA ARG B 30 4.44 3.30 -2.00
C ARG B 30 4.58 3.75 -0.53
N THR B 31 3.47 3.72 0.21
CA THR B 31 3.42 4.18 1.61
C THR B 31 4.39 3.38 2.51
N LEU B 32 4.21 2.04 2.59
CA LEU B 32 5.09 1.12 3.35
C LEU B 32 6.57 1.30 2.98
N ALA B 33 6.90 1.15 1.68
CA ALA B 33 8.29 1.07 1.21
C ALA B 33 9.03 2.42 1.32
N ARG B 34 8.32 3.55 1.14
CA ARG B 34 8.95 4.89 1.28
C ARG B 34 9.16 5.22 2.76
N LEU B 35 8.26 4.71 3.64
CA LEU B 35 8.37 4.84 5.10
C LEU B 35 9.63 4.06 5.56
N GLN B 36 9.71 2.80 5.11
CA GLN B 36 10.90 1.93 5.24
C GLN B 36 12.20 2.67 4.81
N ARG B 37 12.19 3.25 3.59
CA ARG B 37 13.36 3.96 3.04
C ARG B 37 13.67 5.25 3.83
N ALA B 38 12.61 5.90 4.36
CA ALA B 38 12.74 7.17 5.10
C ALA B 38 13.23 6.89 6.53
N LYS B 39 12.95 5.68 7.01
CA LYS B 39 13.36 5.21 8.33
C LYS B 39 14.85 4.88 8.30
N ARG B 40 15.26 4.12 7.25
CA ARG B 40 16.66 3.74 7.03
C ARG B 40 17.52 4.95 6.61
N ALA B 41 16.82 6.00 6.10
CA ALA B 41 17.47 7.25 5.67
C ALA B 41 17.84 8.09 6.88
N GLU B 42 16.83 8.37 7.72
CA GLU B 42 16.97 9.21 8.92
C GLU B 42 17.88 8.52 9.97
N LYS B 43 17.83 7.18 9.99
CA LYS B 43 18.61 6.36 10.93
C LYS B 43 20.09 6.43 10.55
N ALA B 44 20.40 6.09 9.28
CA ALA B 44 21.80 5.96 8.79
C ALA B 44 22.32 7.25 8.10
N LYS B 45 21.62 8.39 8.33
CA LYS B 45 21.84 9.72 7.68
C LYS B 45 22.04 9.65 6.13
N ASN B 46 21.48 8.60 5.52
CA ASN B 46 21.47 8.41 4.05
C ASN B 46 20.11 8.90 3.52
N SER B 47 19.88 10.20 3.67
CA SER B 47 18.59 10.86 3.43
C SER B 47 18.07 10.61 2.00
N LYS B 48 16.96 9.87 1.91
CA LYS B 48 16.28 9.59 0.64
C LYS B 48 15.51 10.84 0.20
N LYS B 49 16.07 11.55 -0.79
CA LYS B 49 15.41 12.68 -1.43
C LYS B 49 14.38 12.14 -2.44
N ALA B 50 13.30 11.58 -1.89
CA ALA B 50 12.23 10.94 -2.66
C ALA B 50 11.32 12.03 -3.23
N ILE B 51 11.68 12.53 -4.41
CA ILE B 51 10.90 13.54 -5.15
C ILE B 51 9.69 12.84 -5.80
N GLU B 52 8.68 12.59 -4.96
CA GLU B 52 7.48 11.83 -5.35
C GLU B 52 6.50 12.78 -6.04
N ASP B 53 6.41 12.68 -7.38
CA ASP B 53 5.46 13.50 -8.18
C ASP B 53 4.01 13.22 -7.71
N GLY B 54 3.20 14.28 -7.63
CA GLY B 54 1.83 14.18 -7.12
C GLY B 54 1.08 15.49 -7.22
N VAL B 55 0.81 15.92 -8.47
CA VAL B 55 0.09 17.17 -8.75
C VAL B 55 -1.37 17.07 -8.23
N PRO B 56 -1.80 17.96 -7.27
CA PRO B 56 -3.14 17.90 -6.65
C PRO B 56 -4.27 18.18 -7.65
N GLN B 57 -4.78 17.09 -8.27
CA GLN B 57 -5.88 17.16 -9.26
C GLN B 57 -7.22 17.53 -8.55
N PRO B 58 -7.85 18.71 -8.89
CA PRO B 58 -9.09 19.15 -8.23
C PRO B 58 -10.32 18.35 -8.70
N GLU B 59 -11.32 18.21 -7.82
CA GLU B 59 -12.60 17.58 -8.14
C GLU B 59 -13.61 18.64 -8.60
N ALA B 60 -13.12 19.74 -9.18
CA ALA B 60 -13.93 20.86 -9.62
C ALA B 60 -14.44 20.64 -11.06
N LEU B 61 -15.53 19.87 -11.18
CA LEU B 61 -16.24 19.66 -12.46
C LEU B 61 -17.74 19.92 -12.22
N GLU B 62 -18.24 20.96 -12.89
CA GLU B 62 -19.64 21.37 -12.78
C GLU B 62 -20.55 20.32 -13.44
N HIS B 63 -21.21 19.52 -12.60
CA HIS B 63 -22.23 18.56 -13.04
C HIS B 63 -23.51 19.32 -13.44
N HIS B 64 -23.74 20.44 -12.72
CA HIS B 64 -24.81 21.40 -13.02
C HIS B 64 -24.39 22.35 -14.16
N HIS B 65 -25.38 23.03 -14.74
CA HIS B 65 -25.22 23.94 -15.89
C HIS B 65 -25.27 25.40 -15.42
N HIS B 66 -24.33 26.22 -15.95
CA HIS B 66 -24.12 27.62 -15.52
C HIS B 66 -25.29 28.53 -15.95
N HIS B 67 -25.69 28.44 -17.23
CA HIS B 67 -26.81 29.24 -17.78
C HIS B 67 -27.83 28.33 -18.48
N HIS B 68 -27.38 27.66 -19.55
CA HIS B 68 -28.23 26.75 -20.34
C HIS B 68 -27.36 25.54 -20.81
N MET A 1 32.22 -4.55 11.29
CA MET A 1 31.15 -4.00 10.44
C MET A 1 29.79 -4.22 11.11
N ASN A 2 29.01 -3.14 11.24
CA ASN A 2 27.64 -3.19 11.73
C ASN A 2 26.68 -3.52 10.58
N LEU A 3 26.26 -4.79 10.49
CA LEU A 3 25.22 -5.25 9.53
C LEU A 3 23.87 -4.68 10.00
N SER A 4 23.52 -5.00 11.25
CA SER A 4 22.38 -4.44 11.96
C SER A 4 22.93 -3.65 13.16
N GLU A 5 23.08 -2.33 12.99
CA GLU A 5 23.51 -1.43 14.10
C GLU A 5 22.30 -1.00 14.93
N ASP A 6 22.59 -0.39 16.09
CA ASP A 6 21.58 0.23 16.98
C ASP A 6 22.35 0.93 18.11
N CYS A 7 22.49 2.29 18.16
CA CYS A 7 22.23 3.31 17.10
C CYS A 7 20.74 3.73 17.10
N SER A 8 20.19 3.79 18.34
CA SER A 8 18.96 4.52 18.71
C SER A 8 17.70 4.07 17.97
N GLN A 9 17.24 2.86 18.28
CA GLN A 9 15.90 2.40 17.90
C GLN A 9 14.99 2.55 19.13
N SER A 10 14.53 3.79 19.34
CA SER A 10 13.62 4.15 20.45
C SER A 10 12.74 5.31 19.98
N ASP A 11 13.38 6.46 19.71
CA ASP A 11 12.73 7.62 19.09
C ASP A 11 13.19 7.68 17.63
N ILE A 12 12.30 7.31 16.70
CA ILE A 12 12.60 7.32 15.25
C ILE A 12 11.56 8.22 14.55
N LEU A 13 10.41 7.61 14.23
CA LEU A 13 9.33 8.20 13.45
C LEU A 13 8.21 8.59 14.42
N THR A 14 7.50 9.70 14.15
CA THR A 14 6.40 10.18 15.02
C THR A 14 5.32 9.10 15.17
N THR A 15 4.86 8.88 16.42
CA THR A 15 3.96 7.77 16.78
C THR A 15 2.62 7.80 16.01
N GLN A 16 2.17 9.00 15.60
CA GLN A 16 0.98 9.17 14.75
C GLN A 16 1.24 8.60 13.34
N GLN A 17 2.42 8.91 12.78
CA GLN A 17 2.81 8.48 11.41
C GLN A 17 3.09 6.96 11.38
N ARG A 18 3.77 6.48 12.44
CA ARG A 18 4.10 5.05 12.61
C ARG A 18 2.81 4.23 12.71
N ALA A 19 1.88 4.70 13.56
CA ALA A 19 0.61 4.00 13.80
C ALA A 19 -0.22 3.90 12.53
N THR A 20 -0.46 5.07 11.88
CA THR A 20 -1.34 5.15 10.69
C THR A 20 -0.77 4.30 9.52
N MET A 21 0.54 4.44 9.21
CA MET A 21 1.18 3.69 8.10
C MET A 21 1.04 2.18 8.28
N LYS A 22 1.15 1.71 9.55
CA LYS A 22 0.95 0.29 9.90
C LYS A 22 -0.49 -0.16 9.63
N TYR A 23 -1.45 0.56 10.25
CA TYR A 23 -2.89 0.23 10.17
C TYR A 23 -3.40 0.34 8.73
N ASN A 24 -2.73 1.20 7.92
CA ASN A 24 -3.00 1.34 6.48
C ASN A 24 -2.71 0.01 5.80
N LEU A 25 -1.44 -0.45 5.91
CA LEU A 25 -0.94 -1.68 5.25
C LEU A 25 -1.91 -2.86 5.44
N ILE A 26 -2.34 -3.05 6.71
CA ILE A 26 -3.30 -4.10 7.10
C ILE A 26 -4.62 -3.98 6.28
N LYS A 27 -5.34 -2.84 6.43
CA LYS A 27 -6.69 -2.69 5.81
C LYS A 27 -6.65 -2.44 4.27
N LEU A 28 -5.47 -2.06 3.74
CA LEU A 28 -5.31 -1.74 2.30
C LEU A 28 -5.29 -3.06 1.52
N GLN A 29 -4.42 -3.99 1.97
CA GLN A 29 -4.28 -5.32 1.33
C GLN A 29 -5.51 -6.21 1.61
N GLN A 30 -6.15 -6.03 2.78
CA GLN A 30 -7.34 -6.81 3.17
C GLN A 30 -8.54 -6.54 2.24
N GLU A 31 -8.84 -5.25 2.00
CA GLU A 31 -9.97 -4.85 1.12
C GLU A 31 -9.65 -5.18 -0.34
N MET A 32 -8.36 -5.09 -0.73
CA MET A 32 -7.89 -5.43 -2.09
C MET A 32 -8.05 -6.92 -2.39
N ALA A 33 -7.64 -7.75 -1.43
CA ALA A 33 -7.69 -9.23 -1.54
C ALA A 33 -9.14 -9.73 -1.49
N HIS A 34 -9.97 -9.07 -0.65
CA HIS A 34 -11.42 -9.38 -0.55
C HIS A 34 -12.09 -9.12 -1.88
N LEU A 35 -11.89 -7.90 -2.39
CA LEU A 35 -12.53 -7.41 -3.62
C LEU A 35 -12.12 -8.31 -4.80
N GLU A 36 -10.80 -8.56 -4.95
CA GLU A 36 -10.23 -9.40 -6.03
C GLU A 36 -10.94 -10.76 -6.12
N ALA A 37 -10.87 -11.51 -5.02
CA ALA A 37 -11.34 -12.90 -4.96
C ALA A 37 -12.85 -13.01 -5.26
N VAL A 38 -13.65 -12.19 -4.56
CA VAL A 38 -15.11 -12.30 -4.61
C VAL A 38 -15.70 -11.69 -5.91
N LEU A 39 -14.97 -10.70 -6.50
CA LEU A 39 -15.42 -10.03 -7.74
C LEU A 39 -15.18 -10.92 -8.97
N GLU A 40 -14.00 -11.58 -9.02
CA GLU A 40 -13.66 -12.45 -10.16
C GLU A 40 -14.50 -13.74 -10.11
N GLN A 41 -14.80 -14.21 -8.89
CA GLN A 41 -15.63 -15.41 -8.69
C GLN A 41 -17.09 -15.13 -9.02
N ARG A 42 -17.59 -13.97 -8.60
CA ARG A 42 -18.99 -13.59 -8.82
C ARG A 42 -19.08 -12.10 -9.24
N GLY A 43 -19.70 -11.88 -10.42
CA GLY A 43 -19.78 -10.57 -11.07
C GLY A 43 -20.56 -9.52 -10.29
N ASN A 44 -19.81 -8.67 -9.57
CA ASN A 44 -20.34 -7.61 -8.69
C ASN A 44 -21.16 -8.23 -7.54
N GLN A 45 -20.48 -9.07 -6.74
CA GLN A 45 -21.04 -9.61 -5.49
C GLN A 45 -20.74 -8.64 -4.32
N PRO A 46 -19.42 -8.33 -3.98
CA PRO A 46 -19.10 -7.64 -2.71
C PRO A 46 -19.63 -6.19 -2.72
N SER A 47 -19.26 -5.42 -3.76
CA SER A 47 -19.73 -4.06 -3.99
C SER A 47 -19.10 -3.49 -5.27
N GLY A 48 -19.74 -2.44 -5.82
CA GLY A 48 -19.19 -1.71 -6.96
C GLY A 48 -18.18 -0.68 -6.52
N HIS A 49 -18.54 0.07 -5.45
CA HIS A 49 -17.78 1.22 -4.90
C HIS A 49 -17.75 2.41 -5.90
N SER A 50 -18.01 3.63 -5.39
CA SER A 50 -18.01 4.84 -6.23
C SER A 50 -16.58 5.12 -6.79
N PRO A 51 -16.39 5.16 -8.17
CA PRO A 51 -15.07 5.40 -8.82
C PRO A 51 -14.48 6.83 -8.65
N SER A 52 -14.86 7.53 -7.57
CA SER A 52 -14.34 8.85 -7.21
C SER A 52 -12.84 8.76 -6.83
N LEU A 53 -12.56 7.93 -5.82
CA LEU A 53 -11.19 7.66 -5.34
C LEU A 53 -10.62 6.41 -6.05
N GLU A 54 -11.54 5.51 -6.47
CA GLU A 54 -11.18 4.30 -7.22
C GLU A 54 -10.71 4.71 -8.63
N HIS A 55 -9.44 4.36 -8.96
CA HIS A 55 -8.80 4.63 -10.27
C HIS A 55 -8.90 6.12 -10.70
N HIS A 56 -8.75 7.03 -9.70
CA HIS A 56 -8.74 8.49 -9.97
C HIS A 56 -7.66 8.85 -11.00
N HIS A 57 -7.98 9.79 -11.89
CA HIS A 57 -7.13 10.14 -13.06
C HIS A 57 -5.76 10.66 -12.63
N HIS A 58 -4.74 9.81 -12.84
CA HIS A 58 -3.32 10.12 -12.58
C HIS A 58 -2.84 11.29 -13.46
N HIS A 59 -3.48 11.43 -14.63
CA HIS A 59 -3.29 12.57 -15.55
C HIS A 59 -4.29 13.67 -15.15
N HIS A 60 -3.76 14.87 -14.82
CA HIS A 60 -4.57 16.04 -14.41
C HIS A 60 -3.78 17.36 -14.65
N MET B 1 6.43 -19.04 -10.24
CA MET B 1 5.56 -17.85 -10.32
C MET B 1 4.53 -18.06 -11.45
N GLU B 2 3.24 -17.88 -11.13
CA GLU B 2 2.11 -18.19 -12.03
C GLU B 2 0.87 -17.34 -11.65
N GLU B 3 0.46 -16.46 -12.58
CA GLU B 3 -0.62 -15.48 -12.38
C GLU B 3 -1.71 -15.64 -13.45
N LEU B 4 -1.75 -16.82 -14.10
CA LEU B 4 -2.66 -17.09 -15.24
C LEU B 4 -4.12 -17.11 -14.76
N SER B 5 -4.79 -15.96 -14.89
CA SER B 5 -6.20 -15.79 -14.51
C SER B 5 -7.06 -15.98 -15.76
N GLY B 6 -6.86 -15.11 -16.76
CA GLY B 6 -7.69 -15.09 -17.95
C GLY B 6 -9.15 -14.76 -17.63
N LYS B 7 -10.06 -15.68 -18.04
CA LYS B 7 -11.53 -15.61 -17.77
C LYS B 7 -12.19 -14.49 -18.62
N PRO B 8 -13.34 -14.76 -19.33
CA PRO B 8 -14.05 -13.74 -20.13
C PRO B 8 -14.80 -12.72 -19.23
N LEU B 9 -14.03 -11.83 -18.60
CA LEU B 9 -14.54 -10.79 -17.69
C LEU B 9 -15.05 -9.60 -18.52
N SER B 10 -16.07 -8.90 -17.99
CA SER B 10 -16.68 -7.74 -18.66
C SER B 10 -15.72 -6.53 -18.62
N TYR B 11 -15.97 -5.53 -19.49
CA TYR B 11 -15.06 -4.36 -19.67
C TYR B 11 -14.87 -3.57 -18.35
N ALA B 12 -15.97 -3.00 -17.80
CA ALA B 12 -15.96 -2.27 -16.53
C ALA B 12 -15.68 -3.17 -15.31
N GLU B 13 -16.06 -4.46 -15.41
CA GLU B 13 -15.84 -5.42 -14.31
C GLU B 13 -14.34 -5.66 -14.09
N LYS B 14 -13.64 -5.97 -15.19
CA LYS B 14 -12.17 -6.17 -15.21
C LYS B 14 -11.45 -4.84 -14.96
N GLU B 15 -12.11 -3.70 -15.32
CA GLU B 15 -11.55 -2.36 -15.06
C GLU B 15 -11.42 -2.15 -13.56
N LYS B 16 -12.56 -2.11 -12.85
CA LYS B 16 -12.57 -1.91 -11.37
C LYS B 16 -11.81 -3.02 -10.62
N LEU B 17 -11.66 -4.21 -11.23
CA LEU B 17 -10.88 -5.32 -10.66
C LEU B 17 -9.36 -4.99 -10.70
N LYS B 18 -8.84 -4.78 -11.93
CA LYS B 18 -7.40 -4.53 -12.19
C LYS B 18 -6.96 -3.22 -11.52
N GLU B 19 -7.82 -2.20 -11.63
CA GLU B 19 -7.58 -0.85 -11.08
C GLU B 19 -7.63 -0.84 -9.56
N LYS B 20 -8.46 -1.73 -8.97
CA LYS B 20 -8.48 -1.94 -7.50
C LYS B 20 -7.08 -2.36 -7.03
N LEU B 21 -6.60 -3.45 -7.64
CA LEU B 21 -5.31 -4.06 -7.31
C LEU B 21 -4.18 -3.05 -7.52
N ALA B 22 -4.22 -2.36 -8.68
CA ALA B 22 -3.19 -1.39 -9.08
C ALA B 22 -3.08 -0.23 -8.10
N PHE B 23 -4.25 0.29 -7.66
CA PHE B 23 -4.34 1.46 -6.77
C PHE B 23 -3.86 1.13 -5.34
N LEU B 24 -4.14 -0.10 -4.88
CA LEU B 24 -3.86 -0.51 -3.48
C LEU B 24 -2.42 -0.97 -3.37
N LYS B 25 -1.95 -1.74 -4.36
CA LYS B 25 -0.54 -2.16 -4.49
C LYS B 25 0.37 -0.94 -4.69
N LYS B 26 -0.19 0.11 -5.30
CA LYS B 26 0.51 1.38 -5.50
C LYS B 26 0.75 2.03 -4.13
N GLU B 27 -0.33 2.15 -3.35
CA GLU B 27 -0.35 2.88 -2.08
C GLU B 27 0.43 2.11 -1.00
N TYR B 28 0.04 0.84 -0.85
CA TYR B 28 0.64 -0.15 0.08
C TYR B 28 2.17 -0.24 -0.04
N SER B 29 2.66 -0.47 -1.27
CA SER B 29 4.09 -0.74 -1.51
C SER B 29 4.92 0.55 -1.43
N ARG B 30 4.29 1.69 -1.78
CA ARG B 30 4.95 3.01 -1.72
C ARG B 30 5.09 3.47 -0.25
N THR B 31 4.03 3.21 0.56
CA THR B 31 4.01 3.54 1.99
C THR B 31 5.06 2.69 2.73
N LEU B 32 4.98 1.36 2.55
CA LEU B 32 5.93 0.40 3.12
C LEU B 32 7.40 0.78 2.80
N ALA B 33 7.71 1.04 1.53
CA ALA B 33 9.09 1.35 1.06
C ALA B 33 9.60 2.70 1.59
N ARG B 34 8.82 3.77 1.35
CA ARG B 34 9.16 5.16 1.77
C ARG B 34 9.37 5.26 3.28
N LEU B 35 8.41 4.74 4.06
CA LEU B 35 8.43 4.79 5.54
C LEU B 35 9.48 3.85 6.12
N GLN B 36 9.88 2.81 5.36
CA GLN B 36 10.96 1.90 5.78
C GLN B 36 12.29 2.66 5.72
N ARG B 37 12.50 3.35 4.59
CA ARG B 37 13.70 4.17 4.34
C ARG B 37 13.70 5.45 5.18
N ALA B 38 12.50 5.87 5.65
CA ALA B 38 12.36 6.99 6.58
C ALA B 38 13.04 6.61 7.88
N LYS B 39 12.55 5.49 8.47
CA LYS B 39 13.06 4.93 9.72
C LYS B 39 14.56 4.60 9.62
N ARG B 40 14.92 3.87 8.56
CA ARG B 40 16.29 3.37 8.32
C ARG B 40 17.33 4.52 8.35
N ALA B 41 16.93 5.70 7.82
CA ALA B 41 17.79 6.88 7.80
C ALA B 41 17.81 7.65 9.15
N GLU B 42 16.61 8.03 9.68
CA GLU B 42 16.50 8.97 10.83
C GLU B 42 16.78 8.29 12.19
N LYS B 43 16.68 6.95 12.21
CA LYS B 43 17.06 6.11 13.39
C LYS B 43 18.58 6.07 13.50
N ALA B 44 19.24 5.81 12.38
CA ALA B 44 20.69 5.65 12.34
C ALA B 44 21.37 7.01 12.59
N LYS B 45 22.15 7.07 13.69
CA LYS B 45 22.97 8.23 14.12
C LYS B 45 22.11 9.31 14.80
N ASN B 46 20.88 8.94 15.24
CA ASN B 46 19.97 9.84 15.99
C ASN B 46 20.53 10.11 17.40
N SER B 47 20.86 9.02 18.10
CA SER B 47 21.38 9.05 19.47
C SER B 47 22.32 7.84 19.65
N LYS B 48 23.59 8.04 19.29
CA LYS B 48 24.59 6.96 19.22
C LYS B 48 24.87 6.38 20.63
N LYS B 49 24.20 5.26 20.91
CA LYS B 49 24.39 4.46 22.14
C LYS B 49 24.47 2.99 21.73
N ALA B 50 25.27 2.19 22.43
CA ALA B 50 25.52 0.78 22.05
C ALA B 50 24.42 -0.16 22.57
N ILE B 51 23.39 -0.37 21.75
CA ILE B 51 22.43 -1.47 21.91
C ILE B 51 22.94 -2.64 21.05
N GLU B 52 22.77 -3.89 21.50
CA GLU B 52 23.21 -5.09 20.75
C GLU B 52 22.41 -5.23 19.44
N ASP B 53 22.99 -5.94 18.47
CA ASP B 53 22.43 -6.07 17.12
C ASP B 53 21.15 -6.93 17.13
N GLY B 54 20.23 -6.58 16.22
CA GLY B 54 18.94 -7.25 16.09
C GLY B 54 18.88 -8.11 14.85
N VAL B 55 18.76 -9.43 15.02
CA VAL B 55 18.72 -10.37 13.89
C VAL B 55 17.47 -10.16 13.01
N PRO B 56 17.64 -9.93 11.66
CA PRO B 56 16.51 -9.95 10.72
C PRO B 56 15.83 -11.34 10.72
N GLN B 57 14.49 -11.35 10.65
CA GLN B 57 13.72 -12.60 10.57
C GLN B 57 14.04 -13.34 9.26
N PRO B 58 14.17 -14.70 9.27
CA PRO B 58 14.28 -15.49 8.03
C PRO B 58 12.94 -15.48 7.24
N GLU B 59 12.99 -15.86 5.96
CA GLU B 59 11.80 -15.82 5.07
C GLU B 59 11.57 -17.20 4.45
N ALA B 60 10.29 -17.60 4.43
CA ALA B 60 9.82 -18.88 3.88
C ALA B 60 8.42 -18.64 3.30
N LEU B 61 8.29 -18.75 1.98
CA LEU B 61 7.04 -18.47 1.25
C LEU B 61 6.19 -19.75 1.13
N GLU B 62 5.06 -19.63 0.43
CA GLU B 62 4.20 -20.77 0.07
C GLU B 62 3.70 -20.58 -1.36
N HIS B 63 4.34 -21.29 -2.31
CA HIS B 63 3.87 -21.40 -3.70
C HIS B 63 3.40 -22.84 -3.95
N HIS B 64 2.11 -23.01 -4.22
CA HIS B 64 1.48 -24.31 -4.50
C HIS B 64 0.48 -24.11 -5.65
N HIS B 65 0.93 -24.34 -6.88
CA HIS B 65 0.09 -24.25 -8.08
C HIS B 65 -0.45 -25.63 -8.47
N HIS B 66 -1.59 -25.65 -9.17
CA HIS B 66 -2.15 -26.86 -9.79
C HIS B 66 -2.97 -26.45 -11.02
N HIS B 67 -3.30 -27.43 -11.85
CA HIS B 67 -4.25 -27.27 -12.96
C HIS B 67 -5.48 -28.14 -12.67
N HIS B 68 -6.60 -27.90 -13.37
CA HIS B 68 -7.86 -28.62 -13.12
C HIS B 68 -7.79 -30.07 -13.69
N MET A 1 33.35 0.49 14.10
CA MET A 1 32.70 -0.64 13.42
C MET A 1 31.91 -0.16 12.20
N ASN A 2 32.22 -0.75 11.05
CA ASN A 2 31.59 -0.46 9.77
C ASN A 2 30.52 -1.53 9.46
N LEU A 3 29.82 -2.00 10.52
CA LEU A 3 28.78 -3.05 10.41
C LEU A 3 27.64 -2.60 9.46
N SER A 4 27.14 -1.34 9.66
CA SER A 4 26.27 -0.60 8.72
C SER A 4 24.83 -1.15 8.56
N GLU A 5 24.60 -2.43 8.92
CA GLU A 5 23.36 -3.15 8.61
C GLU A 5 22.22 -2.84 9.60
N ASP A 6 22.50 -1.93 10.57
CA ASP A 6 21.60 -1.53 11.71
C ASP A 6 21.07 -2.73 12.57
N CYS A 7 21.17 -2.76 13.95
CA CYS A 7 21.85 -1.84 14.89
C CYS A 7 21.06 -0.52 15.15
N SER A 8 20.59 -0.37 16.42
CA SER A 8 19.89 0.82 16.94
C SER A 8 18.49 0.99 16.32
N GLN A 9 17.52 0.17 16.77
CA GLN A 9 16.10 0.29 16.35
C GLN A 9 15.16 0.06 17.55
N SER A 10 14.83 1.13 18.26
CA SER A 10 13.83 1.12 19.33
C SER A 10 13.10 2.48 19.34
N ASP A 11 13.78 3.53 19.80
CA ASP A 11 13.25 4.89 19.76
C ASP A 11 13.82 5.62 18.53
N ILE A 12 13.01 5.69 17.46
CA ILE A 12 13.43 6.18 16.13
C ILE A 12 12.39 7.17 15.60
N LEU A 13 11.11 6.79 15.72
CA LEU A 13 9.98 7.52 15.15
C LEU A 13 8.87 7.67 16.22
N THR A 14 8.06 8.74 16.08
CA THR A 14 6.95 9.05 17.00
C THR A 14 5.80 8.02 16.89
N THR A 15 5.02 7.89 17.99
CA THR A 15 3.92 6.91 18.11
C THR A 15 2.82 7.14 17.04
N GLN A 16 2.63 8.43 16.66
CA GLN A 16 1.55 8.82 15.72
C GLN A 16 1.84 8.31 14.29
N GLN A 17 3.11 8.42 13.84
CA GLN A 17 3.51 8.11 12.46
C GLN A 17 3.62 6.59 12.22
N ARG A 18 4.13 5.86 13.22
CA ARG A 18 4.26 4.39 13.13
C ARG A 18 2.88 3.69 13.31
N ALA A 19 1.95 4.36 14.01
CA ALA A 19 0.57 3.87 14.15
C ALA A 19 -0.24 4.08 12.87
N THR A 20 -0.14 5.31 12.27
CA THR A 20 -0.88 5.66 11.04
C THR A 20 -0.40 4.80 9.85
N MET A 21 0.90 4.44 9.84
CA MET A 21 1.44 3.57 8.78
C MET A 21 0.89 2.15 8.93
N LYS A 22 0.81 1.65 10.19
CA LYS A 22 0.19 0.33 10.47
C LYS A 22 -1.27 0.26 10.01
N TYR A 23 -2.05 1.32 10.29
CA TYR A 23 -3.48 1.37 9.94
C TYR A 23 -3.64 1.36 8.41
N ASN A 24 -2.97 2.31 7.73
CA ASN A 24 -3.11 2.52 6.26
C ASN A 24 -2.67 1.27 5.47
N LEU A 25 -1.52 0.69 5.85
CA LEU A 25 -0.93 -0.45 5.13
C LEU A 25 -1.80 -1.71 5.26
N ILE A 26 -2.11 -2.12 6.51
CA ILE A 26 -2.95 -3.32 6.79
C ILE A 26 -4.35 -3.15 6.14
N LYS A 27 -4.90 -1.92 6.21
CA LYS A 27 -6.21 -1.58 5.61
C LYS A 27 -6.21 -1.83 4.10
N LEU A 28 -5.33 -1.10 3.39
CA LEU A 28 -5.19 -1.15 1.92
C LEU A 28 -4.95 -2.58 1.38
N GLN A 29 -4.08 -3.35 2.05
CA GLN A 29 -3.71 -4.72 1.58
C GLN A 29 -4.85 -5.71 1.83
N GLN A 30 -5.55 -5.56 2.97
CA GLN A 30 -6.68 -6.43 3.33
C GLN A 30 -7.85 -6.21 2.36
N GLU A 31 -8.27 -4.95 2.17
CA GLU A 31 -9.42 -4.61 1.28
C GLU A 31 -9.09 -4.89 -0.19
N MET A 32 -7.80 -4.84 -0.55
CA MET A 32 -7.29 -5.18 -1.91
C MET A 32 -7.53 -6.67 -2.21
N ALA A 33 -7.07 -7.52 -1.26
CA ALA A 33 -7.17 -8.99 -1.35
C ALA A 33 -8.62 -9.46 -1.16
N HIS A 34 -9.41 -8.72 -0.35
CA HIS A 34 -10.84 -8.98 -0.15
C HIS A 34 -11.59 -8.71 -1.44
N LEU A 35 -11.35 -7.52 -2.02
CA LEU A 35 -12.03 -7.04 -3.25
C LEU A 35 -11.81 -8.04 -4.40
N GLU A 36 -10.55 -8.49 -4.52
CA GLU A 36 -10.15 -9.53 -5.49
C GLU A 36 -10.99 -10.81 -5.34
N ALA A 37 -10.97 -11.41 -4.13
CA ALA A 37 -11.73 -12.63 -3.81
C ALA A 37 -13.26 -12.47 -4.00
N VAL A 38 -13.79 -11.29 -3.64
CA VAL A 38 -15.24 -10.97 -3.76
C VAL A 38 -15.62 -10.80 -5.26
N LEU A 39 -14.65 -10.36 -6.08
CA LEU A 39 -14.82 -10.24 -7.53
C LEU A 39 -14.64 -11.62 -8.19
N GLU A 40 -13.79 -12.44 -7.61
CA GLU A 40 -13.46 -13.76 -8.16
C GLU A 40 -14.64 -14.72 -7.98
N GLN A 41 -15.23 -14.70 -6.77
CA GLN A 41 -16.34 -15.60 -6.38
C GLN A 41 -17.64 -15.27 -7.16
N ARG A 42 -17.76 -14.00 -7.59
CA ARG A 42 -18.98 -13.50 -8.22
C ARG A 42 -18.66 -12.36 -9.21
N GLY A 43 -18.13 -11.23 -8.70
CA GLY A 43 -17.82 -10.06 -9.55
C GLY A 43 -18.87 -8.98 -9.47
N ASN A 44 -20.13 -9.40 -9.29
CA ASN A 44 -21.31 -8.53 -9.27
C ASN A 44 -21.35 -7.60 -8.02
N GLN A 45 -20.55 -7.94 -7.00
CA GLN A 45 -20.55 -7.22 -5.70
C GLN A 45 -19.60 -5.97 -5.72
N PRO A 46 -18.25 -6.11 -5.99
CA PRO A 46 -17.32 -4.97 -5.90
C PRO A 46 -17.30 -4.12 -7.21
N SER A 47 -18.22 -3.14 -7.27
CA SER A 47 -18.35 -2.23 -8.42
C SER A 47 -18.76 -0.83 -7.93
N GLY A 48 -18.38 -0.51 -6.66
CA GLY A 48 -18.73 0.76 -6.01
C GLY A 48 -18.18 1.98 -6.76
N HIS A 49 -19.09 2.71 -7.44
CA HIS A 49 -18.81 3.87 -8.33
C HIS A 49 -17.61 3.61 -9.29
N SER A 50 -17.55 2.37 -9.82
CA SER A 50 -16.45 1.92 -10.69
C SER A 50 -16.92 1.94 -12.17
N PRO A 51 -16.57 2.99 -12.97
CA PRO A 51 -16.89 3.04 -14.41
C PRO A 51 -15.90 2.21 -15.25
N SER A 52 -16.42 1.56 -16.29
CA SER A 52 -15.63 0.90 -17.33
C SER A 52 -16.21 1.30 -18.69
N LEU A 53 -15.97 2.56 -19.04
CA LEU A 53 -16.58 3.22 -20.21
C LEU A 53 -16.03 2.66 -21.53
N GLU A 54 -14.84 2.03 -21.45
CA GLU A 54 -14.13 1.39 -22.57
C GLU A 54 -13.77 2.41 -23.68
N HIS A 55 -14.78 2.72 -24.55
CA HIS A 55 -14.66 3.55 -25.77
C HIS A 55 -13.33 3.35 -26.51
N HIS A 56 -13.07 2.07 -26.85
CA HIS A 56 -11.89 1.64 -27.61
C HIS A 56 -12.27 0.43 -28.49
N HIS A 57 -11.78 0.43 -29.74
CA HIS A 57 -11.86 -0.73 -30.64
C HIS A 57 -10.70 -1.69 -30.30
N HIS A 58 -10.80 -2.32 -29.12
CA HIS A 58 -9.74 -3.15 -28.53
C HIS A 58 -9.78 -4.60 -29.07
N HIS A 59 -9.76 -4.72 -30.41
CA HIS A 59 -9.76 -6.00 -31.11
C HIS A 59 -8.33 -6.57 -31.15
N HIS A 60 -8.11 -7.66 -30.39
CA HIS A 60 -6.79 -8.30 -30.26
C HIS A 60 -6.49 -9.15 -31.54
N MET B 1 -6.15 -27.87 -27.33
CA MET B 1 -5.72 -27.25 -26.04
C MET B 1 -6.91 -27.22 -25.09
N GLU B 2 -6.83 -28.01 -23.99
CA GLU B 2 -7.90 -28.03 -22.96
C GLU B 2 -7.88 -26.71 -22.16
N GLU B 3 -9.08 -26.17 -21.88
CA GLU B 3 -9.22 -24.99 -21.01
C GLU B 3 -8.95 -25.40 -19.56
N LEU B 4 -7.87 -24.84 -19.00
CA LEU B 4 -7.47 -25.10 -17.61
C LEU B 4 -8.49 -24.40 -16.69
N SER B 5 -8.70 -23.10 -16.97
CA SER B 5 -9.76 -22.28 -16.40
C SER B 5 -10.11 -21.19 -17.44
N GLY B 6 -10.81 -21.62 -18.50
CA GLY B 6 -11.15 -20.75 -19.62
C GLY B 6 -12.31 -19.82 -19.30
N LYS B 7 -12.01 -18.51 -19.18
CA LYS B 7 -13.02 -17.45 -19.02
C LYS B 7 -12.50 -16.12 -19.60
N PRO B 8 -13.06 -15.62 -20.74
CA PRO B 8 -12.74 -14.26 -21.24
C PRO B 8 -13.31 -13.18 -20.30
N LEU B 9 -12.42 -12.46 -19.59
CA LEU B 9 -12.80 -11.36 -18.67
C LEU B 9 -13.45 -10.23 -19.47
N SER B 10 -14.75 -9.99 -19.20
CA SER B 10 -15.55 -8.92 -19.83
C SER B 10 -14.90 -7.54 -19.53
N TYR B 11 -15.05 -6.55 -20.46
CA TYR B 11 -14.37 -5.23 -20.34
C TYR B 11 -14.68 -4.55 -18.99
N ALA B 12 -15.88 -4.82 -18.47
CA ALA B 12 -16.32 -4.25 -17.19
C ALA B 12 -15.53 -4.86 -16.03
N GLU B 13 -15.69 -6.19 -15.87
CA GLU B 13 -14.98 -7.04 -14.87
C GLU B 13 -13.44 -6.81 -14.88
N LYS B 14 -12.89 -6.83 -16.09
CA LYS B 14 -11.44 -6.75 -16.36
C LYS B 14 -10.87 -5.42 -15.85
N GLU B 15 -11.46 -4.30 -16.31
CA GLU B 15 -10.95 -2.96 -16.00
C GLU B 15 -11.11 -2.62 -14.51
N LYS B 16 -12.28 -2.97 -13.91
CA LYS B 16 -12.57 -2.61 -12.50
C LYS B 16 -11.67 -3.42 -11.53
N LEU B 17 -11.41 -4.69 -11.87
CA LEU B 17 -10.53 -5.57 -11.06
C LEU B 17 -9.09 -5.03 -11.07
N LYS B 18 -8.59 -4.82 -12.30
CA LYS B 18 -7.20 -4.39 -12.55
C LYS B 18 -6.92 -3.02 -11.92
N GLU B 19 -7.80 -2.03 -12.17
CA GLU B 19 -7.60 -0.63 -11.73
C GLU B 19 -7.72 -0.49 -10.20
N LYS B 20 -8.66 -1.22 -9.57
CA LYS B 20 -8.84 -1.20 -8.09
C LYS B 20 -7.57 -1.73 -7.41
N LEU B 21 -7.19 -2.97 -7.78
CA LEU B 21 -6.03 -3.67 -7.20
C LEU B 21 -4.71 -2.91 -7.48
N ALA B 22 -4.62 -2.29 -8.66
CA ALA B 22 -3.43 -1.50 -9.07
C ALA B 22 -3.32 -0.20 -8.27
N PHE B 23 -4.46 0.46 -8.01
CA PHE B 23 -4.49 1.75 -7.27
C PHE B 23 -4.26 1.54 -5.76
N LEU B 24 -4.84 0.47 -5.21
CA LEU B 24 -4.73 0.12 -3.79
C LEU B 24 -3.30 -0.33 -3.47
N LYS B 25 -2.70 -1.06 -4.42
CA LYS B 25 -1.29 -1.53 -4.34
C LYS B 25 -0.31 -0.40 -4.60
N LYS B 26 -0.71 0.55 -5.47
CA LYS B 26 0.09 1.75 -5.76
C LYS B 26 0.19 2.62 -4.52
N GLU B 27 -0.97 2.83 -3.85
CA GLU B 27 -1.08 3.65 -2.65
C GLU B 27 -0.43 2.95 -1.44
N TYR B 28 -0.60 1.62 -1.39
CA TYR B 28 0.01 0.75 -0.37
C TYR B 28 1.53 0.87 -0.43
N SER B 29 2.11 0.48 -1.58
CA SER B 29 3.55 0.49 -1.81
C SER B 29 4.14 1.91 -1.82
N ARG B 30 3.27 2.93 -2.02
CA ARG B 30 3.68 4.35 -1.92
C ARG B 30 4.06 4.68 -0.47
N THR B 31 3.07 4.54 0.43
CA THR B 31 3.21 4.84 1.87
C THR B 31 4.22 3.88 2.53
N LEU B 32 4.23 2.62 2.08
CA LEU B 32 5.22 1.61 2.46
C LEU B 32 6.63 2.16 2.20
N ALA B 33 6.95 2.44 0.92
CA ALA B 33 8.30 2.88 0.52
C ALA B 33 8.72 4.16 1.25
N ARG B 34 7.96 5.24 1.05
CA ARG B 34 8.20 6.56 1.68
C ARG B 34 8.49 6.48 3.20
N LEU B 35 7.53 5.96 3.99
CA LEU B 35 7.61 5.98 5.47
C LEU B 35 8.63 4.95 6.00
N GLN B 36 8.47 3.68 5.59
CA GLN B 36 9.34 2.57 6.04
C GLN B 36 10.82 2.88 5.74
N ARG B 37 11.14 3.17 4.46
CA ARG B 37 12.54 3.46 4.01
C ARG B 37 13.13 4.68 4.72
N ALA B 38 12.29 5.73 4.90
CA ALA B 38 12.67 6.93 5.68
C ALA B 38 13.15 6.53 7.09
N LYS B 39 12.35 5.70 7.77
CA LYS B 39 12.63 5.21 9.14
C LYS B 39 13.80 4.21 9.17
N ARG B 40 13.98 3.48 8.06
CA ARG B 40 15.06 2.48 7.91
C ARG B 40 16.42 3.18 7.82
N ALA B 41 16.50 4.24 7.00
CA ALA B 41 17.70 5.08 6.89
C ALA B 41 17.87 5.96 8.15
N GLU B 42 16.74 6.30 8.78
CA GLU B 42 16.70 7.14 10.02
C GLU B 42 17.51 6.50 11.16
N LYS B 43 17.42 5.16 11.28
CA LYS B 43 18.19 4.37 12.26
C LYS B 43 19.55 3.88 11.72
N ALA B 44 19.67 3.79 10.39
CA ALA B 44 20.77 3.05 9.73
C ALA B 44 22.14 3.76 9.84
N LYS B 45 23.12 3.24 9.07
CA LYS B 45 24.52 3.72 9.03
C LYS B 45 24.61 5.25 8.91
N ASN B 46 24.99 5.86 10.05
CA ASN B 46 25.28 7.31 10.19
C ASN B 46 23.98 8.09 10.44
N SER B 47 23.55 8.03 11.70
CA SER B 47 22.30 8.63 12.20
C SER B 47 22.39 8.85 13.72
N LYS B 48 21.26 9.20 14.38
CA LYS B 48 21.14 9.17 15.86
C LYS B 48 21.04 7.71 16.30
N LYS B 49 22.21 7.06 16.40
CA LYS B 49 22.31 5.63 16.67
C LYS B 49 23.39 5.37 17.73
N ALA B 50 23.33 4.20 18.35
CA ALA B 50 24.33 3.70 19.30
C ALA B 50 25.27 2.69 18.63
N ILE B 51 26.23 2.17 19.40
CA ILE B 51 27.13 1.08 18.97
C ILE B 51 26.97 -0.09 19.96
N GLU B 52 26.33 -1.17 19.48
CA GLU B 52 25.99 -2.36 20.27
C GLU B 52 26.56 -3.61 19.56
N ASP B 53 27.70 -3.41 18.88
CA ASP B 53 28.38 -4.47 18.13
C ASP B 53 29.05 -5.47 19.09
N GLY B 54 28.91 -6.77 18.76
CA GLY B 54 29.49 -7.84 19.57
C GLY B 54 29.48 -9.15 18.82
N VAL B 55 30.57 -9.94 18.95
CA VAL B 55 30.69 -11.25 18.28
C VAL B 55 30.00 -12.34 19.15
N PRO B 56 29.06 -13.16 18.57
CA PRO B 56 28.55 -14.39 19.23
C PRO B 56 29.66 -15.45 19.33
N GLN B 57 29.66 -16.22 20.44
CA GLN B 57 30.64 -17.32 20.65
C GLN B 57 30.37 -18.49 19.65
N PRO B 58 31.30 -18.76 18.66
CA PRO B 58 31.14 -19.88 17.70
C PRO B 58 31.19 -21.24 18.41
N GLU B 59 30.11 -22.03 18.30
CA GLU B 59 30.03 -23.36 18.94
C GLU B 59 30.80 -24.41 18.10
N ALA B 60 31.69 -25.15 18.77
CA ALA B 60 32.40 -26.28 18.17
C ALA B 60 31.78 -27.57 18.74
N LEU B 61 30.98 -28.26 17.91
CA LEU B 61 30.31 -29.51 18.29
C LEU B 61 30.92 -30.68 17.50
N GLU B 62 31.66 -31.55 18.21
CA GLU B 62 32.22 -32.78 17.65
C GLU B 62 31.49 -33.99 18.26
N HIS B 63 31.28 -35.03 17.46
CA HIS B 63 30.57 -36.25 17.88
C HIS B 63 31.48 -37.49 17.75
N HIS B 64 31.46 -38.38 18.77
CA HIS B 64 32.22 -39.66 18.77
C HIS B 64 31.24 -40.84 18.78
N HIS B 65 31.66 -42.00 18.25
CA HIS B 65 30.79 -43.20 18.17
C HIS B 65 31.62 -44.48 18.45
N HIS B 66 31.47 -45.02 19.67
CA HIS B 66 32.12 -46.28 20.08
C HIS B 66 31.27 -47.48 19.64
N HIS B 67 31.95 -48.59 19.29
CA HIS B 67 31.31 -49.89 18.99
C HIS B 67 32.19 -51.02 19.55
N HIS B 68 31.70 -52.27 19.48
CA HIS B 68 32.49 -53.47 19.83
C HIS B 68 32.38 -54.48 18.66
N MET A 1 12.08 12.27 23.91
CA MET A 1 12.24 13.60 23.30
C MET A 1 13.55 14.22 23.83
N ASN A 2 14.67 13.82 23.22
CA ASN A 2 16.02 14.26 23.63
C ASN A 2 16.59 15.19 22.53
N LEU A 3 16.97 14.57 21.40
CA LEU A 3 17.57 15.25 20.23
C LEU A 3 17.84 14.17 19.18
N SER A 4 18.73 13.22 19.54
CA SER A 4 19.08 12.07 18.70
C SER A 4 19.27 10.82 19.60
N GLU A 5 18.15 10.34 20.15
CA GLU A 5 18.10 9.11 20.98
C GLU A 5 18.22 7.85 20.09
N ASP A 6 18.21 8.06 18.76
CA ASP A 6 18.59 7.04 17.77
C ASP A 6 20.16 6.89 17.80
N CYS A 7 20.75 5.76 17.33
CA CYS A 7 20.08 4.66 16.60
C CYS A 7 19.68 3.49 17.51
N SER A 8 19.26 3.81 18.75
CA SER A 8 18.81 2.82 19.74
C SER A 8 17.41 2.21 19.40
N GLN A 9 16.82 2.62 18.22
CA GLN A 9 15.48 2.18 17.68
C GLN A 9 14.36 2.18 18.74
N SER A 10 14.53 3.02 19.77
CA SER A 10 13.55 3.22 20.83
C SER A 10 12.52 4.24 20.31
N ASP A 11 13.04 5.41 19.94
CA ASP A 11 12.36 6.40 19.12
C ASP A 11 12.97 6.38 17.72
N ILE A 12 12.12 6.47 16.69
CA ILE A 12 12.57 6.65 15.31
C ILE A 12 11.38 6.91 14.35
N LEU A 13 10.24 6.26 14.62
CA LEU A 13 8.99 6.46 13.89
C LEU A 13 7.90 6.71 14.94
N THR A 14 7.35 7.94 14.97
CA THR A 14 6.40 8.39 16.00
C THR A 14 5.11 7.55 15.97
N THR A 15 4.47 7.36 17.14
CA THR A 15 3.26 6.52 17.31
C THR A 15 2.13 6.93 16.32
N GLN A 16 1.91 8.26 16.15
CA GLN A 16 1.01 8.81 15.11
C GLN A 16 1.34 8.25 13.72
N GLN A 17 2.58 8.50 13.23
CA GLN A 17 3.01 8.09 11.88
C GLN A 17 2.95 6.56 11.70
N ARG A 18 3.29 5.83 12.78
CA ARG A 18 3.34 4.37 12.78
C ARG A 18 1.92 3.79 12.73
N ALA A 19 0.99 4.43 13.47
CA ALA A 19 -0.42 4.03 13.54
C ALA A 19 -1.06 4.20 12.16
N THR A 20 -1.10 5.46 11.68
CA THR A 20 -1.76 5.83 10.41
C THR A 20 -1.23 5.01 9.21
N MET A 21 0.10 4.80 9.13
CA MET A 21 0.71 4.06 8.00
C MET A 21 0.30 2.58 8.02
N LYS A 22 0.17 2.00 9.24
CA LYS A 22 -0.29 0.61 9.41
C LYS A 22 -1.78 0.49 9.07
N TYR A 23 -2.59 1.51 9.41
CA TYR A 23 -4.03 1.55 9.06
C TYR A 23 -4.20 1.64 7.54
N ASN A 24 -3.25 2.33 6.87
CA ASN A 24 -3.20 2.43 5.40
C ASN A 24 -2.85 1.07 4.79
N LEU A 25 -1.80 0.40 5.33
CA LEU A 25 -1.35 -0.91 4.85
C LEU A 25 -2.46 -1.98 4.97
N ILE A 26 -3.06 -2.06 6.16
CA ILE A 26 -4.16 -2.99 6.49
C ILE A 26 -5.35 -2.74 5.55
N LYS A 27 -5.69 -1.45 5.35
CA LYS A 27 -6.79 -1.00 4.49
C LYS A 27 -6.61 -1.47 3.03
N LEU A 28 -5.42 -1.19 2.46
CA LEU A 28 -5.08 -1.50 1.07
C LEU A 28 -5.07 -3.03 0.81
N GLN A 29 -4.56 -3.81 1.78
CA GLN A 29 -4.43 -5.27 1.64
C GLN A 29 -5.77 -5.98 1.96
N GLN A 30 -6.65 -5.31 2.76
CA GLN A 30 -7.97 -5.85 3.13
C GLN A 30 -8.93 -5.67 1.96
N GLU A 31 -8.85 -4.49 1.32
CA GLU A 31 -9.53 -4.16 0.07
C GLU A 31 -9.10 -5.13 -1.03
N MET A 32 -7.79 -5.44 -1.08
CA MET A 32 -7.18 -6.32 -2.10
C MET A 32 -7.65 -7.78 -1.94
N ALA A 33 -7.54 -8.30 -0.70
CA ALA A 33 -7.86 -9.69 -0.37
C ALA A 33 -9.35 -9.99 -0.64
N HIS A 34 -10.23 -9.07 -0.21
CA HIS A 34 -11.67 -9.15 -0.46
C HIS A 34 -11.96 -9.04 -1.96
N LEU A 35 -11.33 -8.03 -2.64
CA LEU A 35 -11.50 -7.75 -4.10
C LEU A 35 -11.28 -9.02 -4.93
N GLU A 36 -10.19 -9.74 -4.61
CA GLU A 36 -9.71 -10.87 -5.41
C GLU A 36 -10.60 -12.09 -5.18
N ALA A 37 -11.02 -12.30 -3.91
CA ALA A 37 -11.90 -13.41 -3.52
C ALA A 37 -13.28 -13.26 -4.20
N VAL A 38 -13.95 -12.14 -3.89
CA VAL A 38 -15.32 -11.85 -4.36
C VAL A 38 -15.40 -11.70 -5.89
N LEU A 39 -14.28 -11.31 -6.53
CA LEU A 39 -14.22 -11.19 -7.99
C LEU A 39 -14.24 -12.57 -8.65
N GLU A 40 -13.30 -13.43 -8.24
CA GLU A 40 -13.08 -14.73 -8.87
C GLU A 40 -14.17 -15.76 -8.50
N GLN A 41 -14.99 -15.46 -7.47
CA GLN A 41 -16.21 -16.26 -7.18
C GLN A 41 -17.48 -15.63 -7.82
N ARG A 42 -17.42 -14.32 -8.16
CA ARG A 42 -18.62 -13.56 -8.61
C ARG A 42 -18.23 -12.49 -9.66
N GLY A 43 -17.56 -11.41 -9.20
CA GLY A 43 -17.15 -10.30 -10.07
C GLY A 43 -18.05 -9.08 -9.95
N ASN A 44 -19.37 -9.33 -9.85
CA ASN A 44 -20.43 -8.30 -9.94
C ASN A 44 -20.45 -7.37 -8.69
N GLN A 45 -20.11 -7.93 -7.52
CA GLN A 45 -20.19 -7.21 -6.23
C GLN A 45 -19.17 -6.03 -6.14
N PRO A 46 -17.80 -6.25 -6.31
CA PRO A 46 -16.79 -5.17 -6.09
C PRO A 46 -16.95 -3.99 -7.07
N SER A 47 -17.67 -2.95 -6.62
CA SER A 47 -17.90 -1.73 -7.39
C SER A 47 -17.31 -0.53 -6.66
N GLY A 48 -16.31 0.10 -7.28
CA GLY A 48 -15.55 1.18 -6.69
C GLY A 48 -14.09 1.09 -7.12
N HIS A 49 -13.51 2.22 -7.54
CA HIS A 49 -12.09 2.32 -7.90
C HIS A 49 -11.33 2.99 -6.74
N SER A 50 -11.92 4.08 -6.23
CA SER A 50 -11.31 4.99 -5.25
C SER A 50 -9.97 5.55 -5.82
N PRO A 51 -10.03 6.54 -6.76
CA PRO A 51 -8.82 7.12 -7.38
C PRO A 51 -8.08 8.08 -6.42
N SER A 52 -6.93 8.60 -6.87
CA SER A 52 -6.16 9.59 -6.11
C SER A 52 -6.93 10.93 -6.03
N LEU A 53 -7.58 11.18 -4.86
CA LEU A 53 -8.24 12.47 -4.55
C LEU A 53 -7.21 13.59 -4.25
N GLU A 54 -5.93 13.19 -4.22
CA GLU A 54 -4.77 14.09 -4.06
C GLU A 54 -4.66 15.11 -5.21
N HIS A 55 -4.07 16.26 -4.91
CA HIS A 55 -3.75 17.31 -5.89
C HIS A 55 -2.23 17.54 -5.89
N HIS A 56 -1.46 16.42 -5.93
CA HIS A 56 -0.01 16.47 -6.16
C HIS A 56 0.24 16.99 -7.58
N HIS A 57 0.56 18.29 -7.66
CA HIS A 57 0.66 19.03 -8.92
C HIS A 57 1.61 20.21 -8.68
N HIS A 58 2.90 19.87 -8.46
CA HIS A 58 4.00 20.82 -8.09
C HIS A 58 4.06 22.00 -9.05
N HIS A 59 4.02 21.67 -10.35
CA HIS A 59 3.84 22.66 -11.42
C HIS A 59 2.35 23.07 -11.45
N HIS A 60 2.10 24.37 -11.31
CA HIS A 60 0.74 24.94 -11.35
C HIS A 60 0.29 25.08 -12.83
N MET B 1 7.79 -6.40 -24.56
CA MET B 1 7.22 -7.73 -24.87
C MET B 1 5.84 -7.60 -25.52
N GLU B 2 4.84 -7.14 -24.74
CA GLU B 2 3.44 -7.12 -25.16
C GLU B 2 2.61 -6.13 -24.30
N GLU B 3 1.59 -5.52 -24.93
CA GLU B 3 0.44 -4.92 -24.22
C GLU B 3 -0.80 -5.70 -24.70
N LEU B 4 -0.79 -7.00 -24.31
CA LEU B 4 -1.64 -8.08 -24.87
C LEU B 4 -3.13 -7.67 -24.98
N SER B 5 -3.68 -7.84 -26.19
CA SER B 5 -5.03 -7.39 -26.56
C SER B 5 -6.11 -8.37 -26.08
N GLY B 6 -7.33 -7.85 -25.92
CA GLY B 6 -8.45 -8.64 -25.47
C GLY B 6 -8.63 -8.56 -23.97
N LYS B 7 -8.27 -9.65 -23.27
CA LYS B 7 -8.64 -9.89 -21.86
C LYS B 7 -10.19 -10.01 -21.79
N PRO B 8 -10.76 -11.25 -22.03
CA PRO B 8 -12.22 -11.48 -22.25
C PRO B 8 -13.11 -11.40 -20.99
N LEU B 9 -12.68 -10.61 -19.98
CA LEU B 9 -13.46 -10.34 -18.77
C LEU B 9 -14.32 -9.07 -19.01
N SER B 10 -15.57 -9.08 -18.52
CA SER B 10 -16.53 -7.96 -18.70
C SER B 10 -15.92 -6.62 -18.28
N TYR B 11 -16.15 -5.56 -19.10
CA TYR B 11 -15.40 -4.30 -19.01
C TYR B 11 -15.60 -3.60 -17.67
N ALA B 12 -16.83 -3.64 -17.14
CA ALA B 12 -17.18 -3.01 -15.87
C ALA B 12 -16.32 -3.58 -14.72
N GLU B 13 -16.18 -4.92 -14.71
CA GLU B 13 -15.50 -5.64 -13.62
C GLU B 13 -13.97 -5.58 -13.85
N LYS B 14 -13.59 -5.64 -15.12
CA LYS B 14 -12.20 -5.50 -15.61
C LYS B 14 -11.54 -4.19 -15.15
N GLU B 15 -12.27 -3.05 -15.30
CA GLU B 15 -11.74 -1.72 -14.93
C GLU B 15 -11.72 -1.55 -13.38
N LYS B 16 -12.82 -1.95 -12.70
CA LYS B 16 -12.93 -1.85 -11.23
C LYS B 16 -11.85 -2.69 -10.53
N LEU B 17 -11.59 -3.89 -11.07
CA LEU B 17 -10.52 -4.78 -10.58
C LEU B 17 -9.14 -4.12 -10.75
N LYS B 18 -8.77 -3.89 -12.02
CA LYS B 18 -7.39 -3.56 -12.39
C LYS B 18 -6.94 -2.21 -11.80
N GLU B 19 -7.88 -1.25 -11.70
CA GLU B 19 -7.60 0.10 -11.16
C GLU B 19 -7.62 0.12 -9.62
N LYS B 20 -8.51 -0.70 -9.00
CA LYS B 20 -8.53 -0.85 -7.52
C LYS B 20 -7.25 -1.55 -7.05
N LEU B 21 -7.04 -2.80 -7.53
CA LEU B 21 -5.89 -3.67 -7.15
C LEU B 21 -4.55 -2.93 -7.36
N ALA B 22 -4.39 -2.27 -8.53
CA ALA B 22 -3.16 -1.51 -8.83
C ALA B 22 -2.97 -0.35 -7.86
N PHE B 23 -4.05 0.42 -7.59
CA PHE B 23 -4.04 1.58 -6.66
C PHE B 23 -3.57 1.16 -5.25
N LEU B 24 -4.13 0.02 -4.78
CA LEU B 24 -3.85 -0.53 -3.45
C LEU B 24 -2.39 -0.97 -3.36
N LYS B 25 -1.95 -1.77 -4.35
CA LYS B 25 -0.63 -2.42 -4.38
C LYS B 25 0.48 -1.39 -4.66
N LYS B 26 0.10 -0.30 -5.35
CA LYS B 26 1.05 0.73 -5.77
C LYS B 26 1.44 1.54 -4.54
N GLU B 27 0.43 1.95 -3.74
CA GLU B 27 0.64 2.79 -2.56
C GLU B 27 1.00 1.91 -1.34
N TYR B 28 0.68 0.59 -1.39
CA TYR B 28 1.06 -0.37 -0.34
C TYR B 28 2.59 -0.50 -0.31
N SER B 29 3.15 -0.85 -1.49
CA SER B 29 4.58 -1.03 -1.70
C SER B 29 5.32 0.30 -1.48
N ARG B 30 4.68 1.42 -1.90
CA ARG B 30 5.24 2.77 -1.77
C ARG B 30 5.31 3.25 -0.30
N THR B 31 4.17 3.17 0.42
CA THR B 31 4.04 3.67 1.82
C THR B 31 4.98 2.92 2.77
N LEU B 32 5.15 1.61 2.55
CA LEU B 32 5.97 0.78 3.44
C LEU B 32 7.46 1.06 3.13
N ALA B 33 7.80 1.13 1.82
CA ALA B 33 9.19 1.37 1.38
C ALA B 33 9.71 2.73 1.85
N ARG B 34 8.91 3.79 1.62
CA ARG B 34 9.31 5.17 1.94
C ARG B 34 9.51 5.37 3.45
N LEU B 35 8.49 5.00 4.25
CA LEU B 35 8.48 5.28 5.71
C LEU B 35 9.44 4.36 6.50
N GLN B 36 9.78 3.17 5.93
CA GLN B 36 10.78 2.28 6.52
C GLN B 36 12.18 2.83 6.22
N ARG B 37 12.44 3.10 4.92
CA ARG B 37 13.72 3.66 4.45
C ARG B 37 13.93 5.10 4.99
N ALA B 38 12.85 5.75 5.48
CA ALA B 38 12.93 7.10 6.07
C ALA B 38 13.49 6.99 7.49
N LYS B 39 12.80 6.19 8.35
CA LYS B 39 13.24 5.99 9.75
C LYS B 39 14.67 5.39 9.81
N ARG B 40 15.02 4.57 8.80
CA ARG B 40 16.37 3.99 8.66
C ARG B 40 17.39 5.08 8.26
N ALA B 41 16.97 6.01 7.37
CA ALA B 41 17.79 7.17 6.94
C ALA B 41 18.06 8.14 8.11
N GLU B 42 17.15 8.17 9.10
CA GLU B 42 17.30 9.05 10.28
C GLU B 42 18.25 8.42 11.33
N LYS B 43 18.07 7.12 11.61
CA LYS B 43 18.87 6.44 12.66
C LYS B 43 20.33 6.20 12.20
N ALA B 44 20.53 6.00 10.88
CA ALA B 44 21.88 5.80 10.29
C ALA B 44 21.87 6.10 8.78
N LYS B 45 23.06 5.99 8.17
CA LYS B 45 23.24 6.16 6.72
C LYS B 45 22.90 4.83 5.98
N ASN B 46 22.85 3.72 6.74
CA ASN B 46 22.54 2.38 6.20
C ASN B 46 21.03 2.21 5.92
N SER B 47 20.55 2.92 4.89
CA SER B 47 19.15 2.92 4.46
C SER B 47 19.05 2.14 3.13
N LYS B 48 18.80 0.82 3.24
CA LYS B 48 18.77 -0.09 2.08
C LYS B 48 17.58 0.25 1.16
N LYS B 49 17.87 0.74 -0.05
CA LYS B 49 16.85 1.19 -1.01
C LYS B 49 16.25 0.00 -1.77
N ALA B 50 14.90 -0.03 -1.83
CA ALA B 50 14.14 -0.99 -2.64
C ALA B 50 13.70 -0.28 -3.94
N ILE B 51 14.50 -0.44 -5.00
CA ILE B 51 14.24 0.13 -6.34
C ILE B 51 13.30 -0.81 -7.10
N GLU B 52 12.08 -0.96 -6.56
CA GLU B 52 11.08 -1.91 -7.04
C GLU B 52 9.98 -1.15 -7.79
N ASP B 53 10.20 -0.93 -9.09
CA ASP B 53 9.24 -0.26 -9.96
C ASP B 53 8.09 -1.21 -10.32
N GLY B 54 6.86 -0.81 -9.98
CA GLY B 54 5.65 -1.52 -10.39
C GLY B 54 5.26 -1.10 -11.80
N VAL B 55 4.64 -2.02 -12.54
CA VAL B 55 4.13 -1.73 -13.90
C VAL B 55 2.98 -0.70 -13.81
N PRO B 56 3.10 0.49 -14.47
CA PRO B 56 2.09 1.58 -14.34
C PRO B 56 0.86 1.38 -15.26
N GLN B 57 0.39 0.13 -15.34
CA GLN B 57 -0.76 -0.25 -16.17
C GLN B 57 -1.93 -0.71 -15.25
N PRO B 58 -2.93 0.19 -14.99
CA PRO B 58 -4.28 -0.21 -14.53
C PRO B 58 -5.30 -0.24 -15.71
N GLU B 59 -4.76 -0.13 -16.95
CA GLU B 59 -5.54 0.05 -18.18
C GLU B 59 -4.67 -0.32 -19.39
N ALA B 60 -5.19 -1.18 -20.29
CA ALA B 60 -4.47 -1.61 -21.50
C ALA B 60 -5.48 -1.88 -22.62
N LEU B 61 -6.42 -0.95 -22.81
CA LEU B 61 -7.43 -1.01 -23.87
C LEU B 61 -6.77 -0.63 -25.20
N GLU B 62 -6.33 -1.66 -25.92
CA GLU B 62 -5.59 -1.56 -27.19
C GLU B 62 -6.38 -0.82 -28.28
N HIS B 63 -5.69 -0.38 -29.32
CA HIS B 63 -6.31 0.10 -30.54
C HIS B 63 -6.12 -0.98 -31.61
N HIS B 64 -7.09 -1.91 -31.68
CA HIS B 64 -7.10 -3.04 -32.61
C HIS B 64 -7.14 -2.53 -34.06
N HIS B 65 -5.95 -2.50 -34.73
CA HIS B 65 -5.86 -2.07 -36.14
C HIS B 65 -6.67 -3.01 -37.04
N HIS B 66 -7.45 -2.41 -37.94
CA HIS B 66 -8.45 -3.10 -38.75
C HIS B 66 -8.48 -2.48 -40.15
N HIS B 67 -8.94 -3.25 -41.14
CA HIS B 67 -9.03 -2.78 -42.54
C HIS B 67 -10.36 -3.21 -43.15
N HIS B 68 -10.71 -2.55 -44.27
CA HIS B 68 -11.91 -2.85 -45.06
C HIS B 68 -11.78 -4.28 -45.65
N MET A 1 31.70 12.92 7.73
CA MET A 1 32.00 12.63 9.15
C MET A 1 30.90 11.70 9.70
N ASN A 2 31.23 10.42 9.95
CA ASN A 2 30.34 9.47 10.65
C ASN A 2 30.45 9.74 12.15
N LEU A 3 29.43 10.41 12.70
CA LEU A 3 29.39 10.79 14.13
C LEU A 3 29.09 9.53 14.97
N SER A 4 28.16 8.72 14.46
CA SER A 4 27.80 7.41 15.06
C SER A 4 27.39 6.43 13.95
N GLU A 5 27.60 5.11 14.21
CA GLU A 5 27.07 4.06 13.31
C GLU A 5 25.56 3.98 13.50
N ASP A 6 25.15 3.91 14.77
CA ASP A 6 23.77 4.15 15.20
C ASP A 6 23.80 5.13 16.39
N CYS A 7 22.96 6.20 16.53
CA CYS A 7 21.77 6.62 15.74
C CYS A 7 20.56 5.78 16.18
N SER A 8 19.74 6.34 17.12
CA SER A 8 18.66 5.63 17.82
C SER A 8 17.73 4.87 16.87
N GLN A 9 18.03 3.57 16.72
CA GLN A 9 17.23 2.65 15.90
C GLN A 9 15.85 2.42 16.56
N SER A 10 15.82 2.56 17.90
CA SER A 10 14.62 2.33 18.71
C SER A 10 13.59 3.44 18.49
N ASP A 11 13.97 4.67 18.84
CA ASP A 11 13.13 5.86 18.65
C ASP A 11 13.49 6.55 17.32
N ILE A 12 12.61 6.36 16.32
CA ILE A 12 12.61 7.14 15.07
C ILE A 12 11.14 7.38 14.71
N LEU A 13 10.40 6.25 14.73
CA LEU A 13 9.01 6.18 14.32
C LEU A 13 8.11 6.41 15.55
N THR A 14 7.38 7.55 15.56
CA THR A 14 6.43 7.89 16.65
C THR A 14 5.19 6.99 16.59
N THR A 15 4.55 6.77 17.74
CA THR A 15 3.41 5.85 17.89
C THR A 15 2.18 6.30 17.07
N GLN A 16 2.10 7.62 16.79
CA GLN A 16 1.02 8.20 15.99
C GLN A 16 1.14 7.73 14.53
N GLN A 17 2.39 7.71 14.02
CA GLN A 17 2.68 7.35 12.64
C GLN A 17 2.72 5.82 12.49
N ARG A 18 3.14 5.12 13.57
CA ARG A 18 3.27 3.66 13.56
C ARG A 18 1.88 3.03 13.51
N ALA A 19 0.98 3.57 14.34
CA ALA A 19 -0.41 3.13 14.40
C ALA A 19 -1.08 3.33 13.04
N THR A 20 -1.03 4.58 12.52
CA THR A 20 -1.72 4.94 11.29
C THR A 20 -1.15 4.18 10.05
N MET A 21 0.18 3.88 10.04
CA MET A 21 0.81 3.19 8.87
C MET A 21 0.49 1.68 8.88
N LYS A 22 0.35 1.09 10.08
CA LYS A 22 -0.06 -0.32 10.24
C LYS A 22 -1.53 -0.48 9.81
N TYR A 23 -2.39 0.42 10.32
CA TYR A 23 -3.83 0.46 9.97
C TYR A 23 -4.03 0.86 8.49
N ASN A 24 -3.05 1.59 7.92
CA ASN A 24 -3.05 1.98 6.50
C ASN A 24 -2.93 0.71 5.63
N LEU A 25 -1.82 -0.04 5.83
CA LEU A 25 -1.49 -1.24 5.04
C LEU A 25 -2.52 -2.38 5.27
N ILE A 26 -3.06 -2.47 6.50
CA ILE A 26 -4.11 -3.45 6.86
C ILE A 26 -5.43 -3.12 6.11
N LYS A 27 -5.82 -1.83 6.07
CA LYS A 27 -7.02 -1.37 5.33
C LYS A 27 -6.87 -1.68 3.83
N LEU A 28 -5.72 -1.24 3.27
CA LEU A 28 -5.34 -1.47 1.86
C LEU A 28 -5.49 -2.96 1.47
N GLN A 29 -4.92 -3.88 2.29
CA GLN A 29 -4.86 -5.33 1.97
C GLN A 29 -6.21 -6.04 2.22
N GLN A 30 -7.03 -5.49 3.14
CA GLN A 30 -8.40 -6.00 3.40
C GLN A 30 -9.27 -5.78 2.16
N GLU A 31 -9.43 -4.51 1.78
CA GLU A 31 -10.29 -4.09 0.65
C GLU A 31 -9.75 -4.63 -0.69
N MET A 32 -8.42 -4.80 -0.77
CA MET A 32 -7.72 -5.42 -1.92
C MET A 32 -8.23 -6.84 -2.15
N ALA A 33 -8.08 -7.67 -1.11
CA ALA A 33 -8.44 -9.10 -1.14
C ALA A 33 -9.95 -9.30 -1.32
N HIS A 34 -10.76 -8.36 -0.78
CA HIS A 34 -12.24 -8.43 -0.85
C HIS A 34 -12.75 -7.97 -2.22
N LEU A 35 -12.05 -7.01 -2.84
CA LEU A 35 -12.45 -6.44 -4.15
C LEU A 35 -12.35 -7.57 -5.19
N GLU A 36 -11.12 -8.13 -5.32
CA GLU A 36 -10.82 -9.20 -6.29
C GLU A 36 -11.66 -10.48 -6.02
N ALA A 37 -11.76 -10.93 -4.75
CA ALA A 37 -12.59 -12.09 -4.35
C ALA A 37 -14.05 -11.98 -4.84
N VAL A 38 -14.75 -10.91 -4.43
CA VAL A 38 -16.18 -10.71 -4.76
C VAL A 38 -16.38 -10.44 -6.28
N LEU A 39 -15.33 -9.91 -6.93
CA LEU A 39 -15.31 -9.62 -8.39
C LEU A 39 -15.25 -10.92 -9.23
N GLU A 40 -14.28 -11.79 -8.92
CA GLU A 40 -14.02 -13.03 -9.69
C GLU A 40 -15.17 -14.05 -9.52
N GLN A 41 -15.75 -14.11 -8.31
CA GLN A 41 -16.78 -15.12 -7.99
C GLN A 41 -18.17 -14.68 -8.52
N ARG A 42 -18.45 -13.37 -8.52
CA ARG A 42 -19.77 -12.82 -8.95
C ARG A 42 -19.57 -11.64 -9.91
N GLY A 43 -18.96 -10.54 -9.41
CA GLY A 43 -18.60 -9.39 -10.27
C GLY A 43 -19.63 -8.28 -10.27
N ASN A 44 -20.90 -8.67 -10.34
CA ASN A 44 -22.04 -7.74 -10.37
C ASN A 44 -22.25 -7.03 -9.02
N GLN A 45 -21.66 -7.60 -7.95
CA GLN A 45 -21.81 -7.09 -6.58
C GLN A 45 -20.99 -5.79 -6.36
N PRO A 46 -19.66 -5.69 -6.80
CA PRO A 46 -19.01 -4.37 -6.98
C PRO A 46 -19.71 -3.55 -8.09
N SER A 47 -20.87 -2.96 -7.73
CA SER A 47 -21.74 -2.27 -8.68
C SER A 47 -21.19 -0.87 -9.01
N GLY A 48 -20.34 -0.82 -10.04
CA GLY A 48 -19.73 0.41 -10.51
C GLY A 48 -19.10 0.19 -11.87
N HIS A 49 -19.63 0.84 -12.91
CA HIS A 49 -19.13 0.67 -14.29
C HIS A 49 -17.96 1.64 -14.51
N SER A 50 -18.18 2.93 -14.16
CA SER A 50 -17.19 4.02 -14.34
C SER A 50 -16.91 4.25 -15.84
N PRO A 51 -17.36 5.42 -16.44
CA PRO A 51 -17.31 5.66 -17.92
C PRO A 51 -15.97 5.33 -18.56
N SER A 52 -15.94 4.23 -19.35
CA SER A 52 -14.76 3.74 -20.06
C SER A 52 -14.15 4.86 -20.94
N LEU A 53 -12.86 5.14 -20.73
CA LEU A 53 -12.17 6.32 -21.29
C LEU A 53 -10.79 5.97 -21.86
N GLU A 54 -10.40 4.69 -21.72
CA GLU A 54 -9.10 4.14 -22.17
C GLU A 54 -8.79 4.47 -23.65
N HIS A 55 -7.68 5.17 -23.88
CA HIS A 55 -7.14 5.42 -25.24
C HIS A 55 -6.23 4.23 -25.62
N HIS A 56 -6.39 3.70 -26.83
CA HIS A 56 -5.69 2.46 -27.27
C HIS A 56 -5.64 2.36 -28.81
N HIS A 57 -4.48 1.93 -29.32
CA HIS A 57 -4.29 1.64 -30.76
C HIS A 57 -4.64 0.17 -31.06
N HIS A 58 -4.29 -0.71 -30.12
CA HIS A 58 -4.56 -2.16 -30.18
C HIS A 58 -4.35 -2.75 -28.77
N HIS A 59 -5.45 -3.15 -28.10
CA HIS A 59 -5.40 -3.69 -26.72
C HIS A 59 -6.56 -4.67 -26.45
N HIS A 60 -7.72 -4.41 -27.11
CA HIS A 60 -8.99 -5.19 -27.00
C HIS A 60 -9.42 -5.42 -25.52
N MET B 1 -20.01 -26.31 -18.51
CA MET B 1 -20.53 -24.99 -18.98
C MET B 1 -19.35 -24.05 -19.19
N GLU B 2 -19.09 -23.69 -20.46
CA GLU B 2 -17.83 -23.03 -20.88
C GLU B 2 -18.09 -21.57 -21.33
N GLU B 3 -17.37 -20.61 -20.73
CA GLU B 3 -17.35 -19.20 -21.17
C GLU B 3 -16.08 -18.98 -22.02
N LEU B 4 -16.25 -18.94 -23.35
CA LEU B 4 -15.12 -18.78 -24.31
C LEU B 4 -15.34 -17.57 -25.25
N SER B 5 -16.48 -16.86 -25.10
CA SER B 5 -16.83 -15.72 -25.96
C SER B 5 -15.86 -14.53 -25.73
N GLY B 6 -15.20 -14.55 -24.57
CA GLY B 6 -14.13 -13.62 -24.25
C GLY B 6 -13.50 -13.99 -22.91
N LYS B 7 -13.48 -13.03 -21.98
CA LYS B 7 -12.98 -13.26 -20.61
C LYS B 7 -14.19 -13.55 -19.67
N PRO B 8 -14.06 -14.54 -18.72
CA PRO B 8 -15.09 -14.80 -17.65
C PRO B 8 -15.38 -13.54 -16.81
N LEU B 9 -14.34 -12.73 -16.61
CA LEU B 9 -14.44 -11.40 -15.99
C LEU B 9 -14.94 -10.41 -17.07
N SER B 10 -16.10 -9.78 -16.82
CA SER B 10 -16.74 -8.83 -17.77
C SER B 10 -15.87 -7.58 -17.97
N TYR B 11 -16.19 -6.77 -18.99
CA TYR B 11 -15.37 -5.61 -19.42
C TYR B 11 -15.19 -4.57 -18.28
N ALA B 12 -16.19 -4.52 -17.39
CA ALA B 12 -16.22 -3.57 -16.28
C ALA B 12 -15.37 -4.12 -15.12
N GLU B 13 -15.58 -5.41 -14.83
CA GLU B 13 -14.81 -6.19 -13.85
C GLU B 13 -13.31 -6.22 -14.17
N LYS B 14 -13.00 -6.28 -15.46
CA LYS B 14 -11.63 -6.36 -15.99
C LYS B 14 -10.90 -5.05 -15.67
N GLU B 15 -11.47 -3.92 -16.13
CA GLU B 15 -10.81 -2.61 -16.03
C GLU B 15 -10.73 -2.12 -14.58
N LYS B 16 -11.76 -2.45 -13.76
CA LYS B 16 -11.77 -2.04 -12.34
C LYS B 16 -10.79 -2.92 -11.54
N LEU B 17 -10.62 -4.19 -11.96
CA LEU B 17 -9.68 -5.12 -11.32
C LEU B 17 -8.25 -4.59 -11.48
N LYS B 18 -7.89 -4.28 -12.74
CA LYS B 18 -6.54 -3.81 -13.08
C LYS B 18 -6.17 -2.53 -12.32
N GLU B 19 -7.03 -1.50 -12.39
CA GLU B 19 -6.71 -0.17 -11.86
C GLU B 19 -6.84 -0.08 -10.32
N LYS B 20 -7.89 -0.71 -9.74
CA LYS B 20 -8.13 -0.67 -8.26
C LYS B 20 -7.04 -1.48 -7.56
N LEU B 21 -6.92 -2.77 -7.92
CA LEU B 21 -5.97 -3.70 -7.27
C LEU B 21 -4.52 -3.21 -7.41
N ALA B 22 -4.16 -2.69 -8.61
CA ALA B 22 -2.82 -2.13 -8.86
C ALA B 22 -2.55 -0.91 -7.96
N PHE B 23 -3.58 -0.07 -7.74
CA PHE B 23 -3.46 1.11 -6.86
C PHE B 23 -3.16 0.71 -5.41
N LEU B 24 -3.83 -0.36 -4.93
CA LEU B 24 -3.77 -0.77 -3.51
C LEU B 24 -2.43 -1.48 -3.21
N LYS B 25 -2.06 -2.42 -4.10
CA LYS B 25 -0.78 -3.18 -4.01
C LYS B 25 0.45 -2.26 -4.19
N LYS B 26 0.34 -1.28 -5.11
CA LYS B 26 1.37 -0.24 -5.33
C LYS B 26 1.48 0.64 -4.09
N GLU B 27 0.33 1.07 -3.54
CA GLU B 27 0.29 2.00 -2.40
C GLU B 27 0.81 1.33 -1.11
N TYR B 28 0.60 -0.01 -1.03
CA TYR B 28 1.14 -0.84 0.06
C TYR B 28 2.67 -0.76 0.02
N SER B 29 3.23 -0.96 -1.19
CA SER B 29 4.68 -0.94 -1.45
C SER B 29 5.26 0.50 -1.32
N ARG B 30 4.42 1.53 -1.63
CA ARG B 30 4.83 2.95 -1.54
C ARG B 30 5.09 3.32 -0.07
N THR B 31 4.05 3.16 0.76
CA THR B 31 4.09 3.54 2.18
C THR B 31 5.19 2.78 2.93
N LEU B 32 5.28 1.46 2.65
CA LEU B 32 6.38 0.60 3.11
C LEU B 32 7.78 1.21 2.77
N ALA B 33 8.00 1.58 1.49
CA ALA B 33 9.30 2.04 1.00
C ALA B 33 9.64 3.46 1.52
N ARG B 34 8.78 4.44 1.19
CA ARG B 34 8.90 5.86 1.62
C ARG B 34 9.25 5.99 3.11
N LEU B 35 8.44 5.35 3.98
CA LEU B 35 8.62 5.39 5.44
C LEU B 35 10.01 4.81 5.79
N GLN B 36 10.18 3.51 5.48
CA GLN B 36 11.40 2.74 5.81
C GLN B 36 12.71 3.51 5.48
N ARG B 37 12.87 3.89 4.21
CA ARG B 37 14.12 4.49 3.71
C ARG B 37 14.39 5.89 4.31
N ALA B 38 13.31 6.67 4.54
CA ALA B 38 13.42 8.03 5.10
C ALA B 38 13.83 8.00 6.57
N LYS B 39 13.25 7.06 7.34
CA LYS B 39 13.45 6.97 8.82
C LYS B 39 14.84 6.39 9.15
N ARG B 40 15.32 5.44 8.31
CA ARG B 40 16.67 4.85 8.46
C ARG B 40 17.77 5.89 8.18
N ALA B 41 17.59 6.66 7.08
CA ALA B 41 18.44 7.81 6.75
C ALA B 41 18.32 8.95 7.78
N GLU B 42 17.13 9.07 8.41
CA GLU B 42 16.83 10.15 9.39
C GLU B 42 17.70 10.01 10.65
N LYS B 43 17.67 8.81 11.27
CA LYS B 43 18.47 8.54 12.48
C LYS B 43 19.97 8.68 12.18
N ALA B 44 20.38 8.26 10.96
CA ALA B 44 21.79 8.24 10.51
C ALA B 44 22.45 9.64 10.49
N LYS B 45 21.61 10.70 10.56
CA LYS B 45 22.04 12.10 10.66
C LYS B 45 22.77 12.40 11.98
N ASN B 46 22.56 11.47 12.95
CA ASN B 46 23.03 11.59 14.34
C ASN B 46 22.28 12.73 15.07
N SER B 47 21.19 12.36 15.74
CA SER B 47 20.52 13.21 16.74
C SER B 47 21.10 12.87 18.12
N LYS B 48 20.38 13.21 19.21
CA LYS B 48 20.79 12.78 20.57
C LYS B 48 20.51 11.28 20.70
N LYS B 49 21.46 10.47 20.19
CA LYS B 49 21.31 9.01 20.07
C LYS B 49 21.46 8.32 21.42
N ALA B 50 20.76 7.19 21.56
CA ALA B 50 20.68 6.42 22.78
C ALA B 50 20.14 5.03 22.47
N ILE B 51 21.05 4.11 22.12
CA ILE B 51 20.74 2.69 21.94
C ILE B 51 21.06 2.03 23.31
N GLU B 52 20.17 2.32 24.26
CA GLU B 52 20.31 1.91 25.67
C GLU B 52 19.76 0.49 25.90
N ASP B 53 19.51 -0.24 24.81
CA ASP B 53 19.08 -1.64 24.87
C ASP B 53 20.26 -2.54 25.29
N GLY B 54 20.16 -3.14 26.48
CA GLY B 54 21.09 -4.18 26.92
C GLY B 54 20.66 -5.56 26.45
N VAL B 55 19.47 -5.64 25.81
CA VAL B 55 18.94 -6.90 25.26
C VAL B 55 19.80 -7.37 24.05
N PRO B 56 20.29 -8.65 24.05
CA PRO B 56 21.08 -9.20 22.92
C PRO B 56 20.18 -9.57 21.73
N GLN B 57 20.81 -9.69 20.54
CA GLN B 57 20.12 -10.16 19.32
C GLN B 57 19.75 -11.66 19.47
N PRO B 58 18.55 -12.10 18.98
CA PRO B 58 18.23 -13.54 18.87
C PRO B 58 19.23 -14.27 17.93
N GLU B 59 20.26 -14.90 18.55
CA GLU B 59 21.32 -15.62 17.83
C GLU B 59 20.82 -17.04 17.45
N ALA B 60 20.11 -17.69 18.39
CA ALA B 60 19.60 -19.06 18.21
C ALA B 60 18.65 -19.14 17.02
N LEU B 61 19.13 -19.75 15.93
CA LEU B 61 18.40 -19.86 14.65
C LEU B 61 17.23 -20.86 14.83
N GLU B 62 16.05 -20.33 15.19
CA GLU B 62 14.82 -21.13 15.29
C GLU B 62 14.29 -21.46 13.87
N HIS B 63 13.32 -22.41 13.77
CA HIS B 63 12.84 -22.98 12.50
C HIS B 63 13.89 -23.92 11.86
N HIS B 64 14.99 -24.19 12.61
CA HIS B 64 16.04 -25.14 12.17
C HIS B 64 15.44 -26.56 11.98
N HIS B 65 14.34 -26.85 12.71
CA HIS B 65 13.52 -28.04 12.50
C HIS B 65 12.71 -27.87 11.19
N HIS B 66 13.36 -28.26 10.08
CA HIS B 66 12.75 -28.21 8.73
C HIS B 66 11.67 -29.30 8.61
N HIS B 67 12.02 -30.54 9.00
CA HIS B 67 11.15 -31.73 8.93
C HIS B 67 11.94 -32.94 9.48
N HIS B 68 11.44 -33.55 10.55
CA HIS B 68 12.04 -34.73 11.18
C HIS B 68 10.97 -35.44 12.03
#